data_3LM4
#
_entry.id   3LM4
#
_cell.length_a   74.923
_cell.length_b   76.189
_cell.length_c   251.373
_cell.angle_alpha   90.00
_cell.angle_beta   90.00
_cell.angle_gamma   90.00
#
_symmetry.space_group_name_H-M   'P 21 21 21'
#
loop_
_entity.id
_entity.type
_entity.pdbx_description
1 polymer 'Catechol 2,3-dioxygenase'
2 non-polymer 'FE (III) ION'
3 non-polymer 'HYDROGEN PEROXIDE'
4 non-polymer '(2Z,4E)-2-HYDROXY-6-OXO-6-PHENYLHEXA-2,4-DIENOIC ACID'
5 water water
#
_entity_poly.entity_id   1
_entity_poly.type   'polypeptide(L)'
_entity_poly.pdbx_seq_one_letter_code
;(MSE)SLDARFDIAHLARAELFSPKPQETLDFFTKFLG(MSE)YVTHREGQSVYLRGYEDPYPWSLKITEAPEAG(MSE)
GHAA(MSE)RTSSPEALERRAKSLTDGNVDGTWSEDQFGYGKTFEYQSPDGHNLQLLWEAEKYVAPPELRSKILTRPSKK
PLQGIPVKRIDHLNL(MSE)SSDVTAVKDSFERHLGFRTTERVVDGNVEIGAW(MSE)SSNLLGHEVAC(MSE)RD
(MSE)TGGHGKLHHLAFFYGTGQHNIDAVE(MSE)FRDYDIQIEAGPDKHGITQSQFLYVFEPGGNRIELFGEAGYLHLD
PDAETKTWQ(MSE)SDIDTGLAVGGAKLPWESYFTYGTPSPLSLDQHIEKYAHFGEGHHHHHH
;
_entity_poly.pdbx_strand_id   A,B,C,D
#
loop_
_chem_comp.id
_chem_comp.type
_chem_comp.name
_chem_comp.formula
FE non-polymer 'FE (III) ION' 'Fe 3'
HPX non-polymer '(2Z,4E)-2-HYDROXY-6-OXO-6-PHENYLHEXA-2,4-DIENOIC ACID' 'C12 H10 O4'
PEO non-polymer 'HYDROGEN PEROXIDE' 'H2 O2'
#
# COMPACT_ATOMS: atom_id res chain seq x y z
N ASP A 4 31.25 4.67 25.15
CA ASP A 4 32.28 3.60 25.14
C ASP A 4 31.83 2.40 24.31
N ALA A 5 31.10 1.49 24.93
CA ALA A 5 30.63 0.28 24.27
C ALA A 5 29.42 0.53 23.37
N ARG A 6 28.98 1.79 23.35
CA ARG A 6 27.82 2.19 22.57
C ARG A 6 27.71 1.64 21.14
N PHE A 7 28.83 1.52 20.43
CA PHE A 7 28.80 1.03 19.05
C PHE A 7 29.42 -0.35 18.83
N ASP A 8 29.65 -1.09 19.90
CA ASP A 8 30.27 -2.41 19.78
C ASP A 8 29.45 -3.50 19.12
N ILE A 9 28.12 -3.42 19.22
CA ILE A 9 27.28 -4.43 18.59
C ILE A 9 26.67 -3.86 17.32
N ALA A 10 26.82 -4.59 16.21
CA ALA A 10 26.30 -4.14 14.92
C ALA A 10 24.82 -4.46 14.67
N HIS A 11 24.46 -5.74 14.80
CA HIS A 11 23.08 -6.15 14.57
C HIS A 11 22.83 -7.60 14.96
N LEU A 12 21.56 -8.00 14.86
CA LEU A 12 21.16 -9.37 15.19
C LEU A 12 21.43 -10.22 13.95
N ALA A 13 22.40 -11.13 14.04
CA ALA A 13 22.75 -11.94 12.89
C ALA A 13 21.87 -13.16 12.63
N ARG A 14 21.52 -13.88 13.68
CA ARG A 14 20.73 -15.09 13.49
C ARG A 14 20.04 -15.57 14.75
N ALA A 15 19.25 -16.62 14.60
CA ALA A 15 18.53 -17.23 15.71
C ALA A 15 18.24 -18.69 15.37
N GLU A 16 18.18 -19.54 16.38
CA GLU A 16 17.87 -20.95 16.19
C GLU A 16 16.56 -21.24 16.91
N LEU A 17 15.63 -21.88 16.21
CA LEU A 17 14.34 -22.24 16.78
C LEU A 17 14.25 -23.75 16.92
N PHE A 18 13.75 -24.21 18.07
CA PHE A 18 13.55 -25.64 18.31
C PHE A 18 12.12 -25.94 17.91
N SER A 19 11.88 -27.13 17.37
CA SER A 19 10.53 -27.50 16.97
C SER A 19 10.31 -29.00 17.00
N PRO A 20 9.18 -29.44 17.57
CA PRO A 20 8.74 -30.83 17.71
C PRO A 20 8.21 -31.35 16.36
N LYS A 21 7.94 -30.41 15.46
CA LYS A 21 7.44 -30.73 14.12
C LYS A 21 8.37 -30.00 13.16
N PRO A 22 9.62 -30.44 13.08
CA PRO A 22 10.64 -29.84 12.22
C PRO A 22 10.31 -29.67 10.74
N GLN A 23 9.64 -30.65 10.15
CA GLN A 23 9.29 -30.55 8.73
C GLN A 23 8.19 -29.52 8.50
N GLU A 24 7.20 -29.48 9.39
CA GLU A 24 6.11 -28.52 9.24
C GLU A 24 6.63 -27.11 9.47
N THR A 25 7.57 -26.97 10.40
CA THR A 25 8.16 -25.67 10.67
C THR A 25 8.98 -25.25 9.44
N LEU A 26 9.72 -26.19 8.88
CA LEU A 26 10.53 -25.90 7.70
C LEU A 26 9.63 -25.47 6.55
N ASP A 27 8.50 -26.16 6.37
CA ASP A 27 7.58 -25.81 5.28
C ASP A 27 7.00 -24.42 5.48
N PHE A 28 6.76 -24.07 6.74
CA PHE A 28 6.22 -22.74 7.09
C PHE A 28 7.16 -21.66 6.58
N PHE A 29 8.44 -21.77 6.93
CA PHE A 29 9.43 -20.79 6.53
C PHE A 29 9.80 -20.79 5.05
N THR A 30 9.58 -21.90 4.37
CA THR A 30 9.91 -21.98 2.95
C THR A 30 8.70 -21.76 2.05
N LYS A 31 7.63 -22.51 2.29
CA LYS A 31 6.42 -22.40 1.47
C LYS A 31 5.64 -21.12 1.70
N PHE A 32 5.61 -20.61 2.93
CA PHE A 32 4.86 -19.38 3.18
C PHE A 32 5.73 -18.13 3.28
N LEU A 33 6.88 -18.24 3.95
CA LEU A 33 7.74 -17.06 4.09
C LEU A 33 8.89 -16.97 3.10
N GLY A 34 8.89 -17.89 2.14
CA GLY A 34 9.88 -17.89 1.06
C GLY A 34 11.35 -17.75 1.39
N MSE A 35 11.81 -18.40 2.44
CA MSE A 35 13.23 -18.32 2.78
C MSE A 35 14.01 -19.38 2.00
O MSE A 35 13.46 -20.44 1.63
CB MSE A 35 13.45 -18.51 4.29
CG MSE A 35 12.89 -17.38 5.16
SE MSE A 35 13.10 -17.64 7.01
CE MSE A 35 14.80 -16.85 7.25
N TYR A 36 15.28 -19.09 1.74
CA TYR A 36 16.18 -19.99 1.04
C TYR A 36 16.84 -20.97 2.00
N VAL A 37 16.90 -22.24 1.62
CA VAL A 37 17.57 -23.24 2.45
C VAL A 37 19.01 -23.28 1.95
N THR A 38 19.97 -23.06 2.84
CA THR A 38 21.37 -23.04 2.44
C THR A 38 22.23 -24.17 2.99
N HIS A 39 21.69 -24.96 3.92
CA HIS A 39 22.46 -26.05 4.51
C HIS A 39 21.60 -26.99 5.33
N ARG A 40 22.03 -28.24 5.40
CA ARG A 40 21.34 -29.27 6.16
C ARG A 40 22.41 -30.09 6.83
N GLU A 41 22.24 -30.32 8.13
CA GLU A 41 23.20 -31.08 8.91
C GLU A 41 22.51 -31.68 10.14
N GLY A 42 22.74 -32.97 10.38
CA GLY A 42 22.12 -33.62 11.52
C GLY A 42 20.63 -33.42 11.58
N GLN A 43 20.13 -32.91 12.70
CA GLN A 43 18.70 -32.66 12.86
C GLN A 43 18.36 -31.19 12.66
N SER A 44 19.19 -30.49 11.90
CA SER A 44 18.98 -29.07 11.67
C SER A 44 18.97 -28.65 10.20
N VAL A 45 18.28 -27.55 9.91
CA VAL A 45 18.20 -26.99 8.57
C VAL A 45 18.51 -25.50 8.73
N TYR A 46 19.25 -24.94 7.78
CA TYR A 46 19.66 -23.54 7.84
C TYR A 46 19.04 -22.74 6.72
N LEU A 47 18.47 -21.58 7.06
CA LEU A 47 17.81 -20.74 6.06
C LEU A 47 18.18 -19.26 6.15
N ARG A 48 17.91 -18.52 5.07
CA ARG A 48 18.16 -17.08 5.05
C ARG A 48 17.13 -16.36 4.18
N GLY A 49 16.81 -15.12 4.54
CA GLY A 49 15.88 -14.33 3.74
C GLY A 49 16.73 -13.87 2.58
N TYR A 50 16.11 -13.42 1.48
CA TYR A 50 16.92 -13.03 0.34
C TYR A 50 17.84 -11.84 0.54
N GLU A 51 17.67 -11.10 1.64
CA GLU A 51 18.55 -9.98 1.89
C GLU A 51 19.36 -10.14 3.17
N ASP A 52 19.37 -11.36 3.72
CA ASP A 52 20.19 -11.64 4.90
C ASP A 52 21.60 -11.68 4.32
N PRO A 53 22.57 -11.03 5.00
CA PRO A 53 23.95 -10.98 4.53
C PRO A 53 24.84 -12.22 4.65
N TYR A 54 24.52 -13.11 5.58
CA TYR A 54 25.32 -14.30 5.80
C TYR A 54 24.60 -15.57 5.32
N PRO A 55 25.30 -16.72 5.30
CA PRO A 55 24.71 -17.98 4.85
C PRO A 55 23.36 -18.31 5.48
N TRP A 56 23.13 -17.88 6.70
CA TRP A 56 21.85 -18.13 7.34
C TRP A 56 21.53 -17.16 8.45
N SER A 57 20.24 -16.96 8.70
CA SER A 57 19.77 -16.08 9.74
C SER A 57 18.83 -16.89 10.64
N LEU A 58 18.42 -18.07 10.14
CA LEU A 58 17.53 -18.94 10.89
C LEU A 58 17.96 -20.40 10.83
N LYS A 59 18.00 -21.05 11.99
CA LYS A 59 18.36 -22.46 12.08
C LYS A 59 17.19 -23.17 12.74
N ILE A 60 16.66 -24.18 12.06
CA ILE A 60 15.53 -24.95 12.60
C ILE A 60 16.08 -26.29 13.09
N THR A 61 15.89 -26.57 14.38
CA THR A 61 16.40 -27.80 14.95
C THR A 61 15.33 -28.64 15.62
N GLU A 62 15.28 -29.92 15.25
CA GLU A 62 14.31 -30.84 15.82
C GLU A 62 14.55 -30.96 17.32
N ALA A 63 13.48 -30.94 18.10
CA ALA A 63 13.59 -31.05 19.55
C ALA A 63 12.25 -31.42 20.17
N PRO A 64 12.27 -31.97 21.40
CA PRO A 64 11.06 -32.38 22.12
C PRO A 64 10.11 -31.22 22.41
N GLU A 65 10.66 -30.01 22.47
CA GLU A 65 9.84 -28.83 22.74
C GLU A 65 10.26 -27.66 21.87
N ALA A 66 9.42 -26.63 21.83
CA ALA A 66 9.71 -25.45 21.04
C ALA A 66 10.63 -24.53 21.83
N GLY A 67 10.87 -23.33 21.32
CA GLY A 67 11.74 -22.41 22.02
C GLY A 67 12.90 -21.91 21.16
N MSE A 68 13.80 -21.16 21.78
CA MSE A 68 14.97 -20.60 21.10
C MSE A 68 16.26 -21.33 21.46
O MSE A 68 16.61 -21.42 22.64
CB MSE A 68 15.09 -19.11 21.44
CG MSE A 68 16.33 -18.41 20.86
SE MSE A 68 16.42 -16.53 21.24
CE MSE A 68 17.32 -16.66 22.95
N GLY A 69 16.95 -21.88 20.47
CA GLY A 69 18.20 -22.55 20.73
C GLY A 69 19.24 -21.51 21.13
N HIS A 70 19.22 -20.39 20.43
CA HIS A 70 20.11 -19.27 20.70
C HIS A 70 19.83 -18.14 19.73
N ALA A 71 20.47 -17.01 20.01
CA ALA A 71 20.39 -15.81 19.18
C ALA A 71 21.83 -15.30 19.13
N ALA A 72 22.31 -14.92 17.95
CA ALA A 72 23.67 -14.42 17.84
C ALA A 72 23.69 -13.00 17.28
N MSE A 73 24.52 -12.15 17.89
CA MSE A 73 24.66 -10.78 17.44
C MSE A 73 26.04 -10.60 16.88
O MSE A 73 27.01 -11.17 17.38
CB MSE A 73 24.43 -9.83 18.62
CG MSE A 73 22.99 -9.83 19.12
SE MSE A 73 22.92 -9.10 20.90
CE MSE A 73 23.20 -10.75 21.88
N ARG A 74 26.16 -9.82 15.81
CA ARG A 74 27.45 -9.59 15.22
C ARG A 74 27.97 -8.25 15.70
N THR A 75 29.23 -8.23 16.10
CA THR A 75 29.87 -7.02 16.59
C THR A 75 30.28 -6.13 15.42
N SER A 76 30.71 -4.91 15.72
CA SER A 76 31.13 -3.97 14.69
C SER A 76 32.60 -4.12 14.29
N SER A 77 33.30 -5.02 14.96
CA SER A 77 34.72 -5.28 14.67
C SER A 77 35.23 -6.39 15.58
N PRO A 78 36.39 -6.97 15.24
CA PRO A 78 36.92 -8.04 16.09
C PRO A 78 37.32 -7.51 17.47
N GLU A 79 37.80 -6.26 17.51
CA GLU A 79 38.18 -5.65 18.78
C GLU A 79 36.94 -5.54 19.66
N ALA A 80 35.83 -5.15 19.04
CA ALA A 80 34.58 -5.01 19.76
C ALA A 80 34.14 -6.33 20.37
N LEU A 81 34.36 -7.44 19.65
CA LEU A 81 33.99 -8.75 20.17
C LEU A 81 34.80 -9.06 21.42
N GLU A 82 36.10 -8.81 21.37
CA GLU A 82 36.97 -9.05 22.50
C GLU A 82 36.52 -8.22 23.69
N ARG A 83 36.22 -6.95 23.45
CA ARG A 83 35.78 -6.06 24.52
C ARG A 83 34.50 -6.54 25.19
N ARG A 84 33.49 -6.87 24.39
CA ARG A 84 32.22 -7.31 24.95
C ARG A 84 32.37 -8.61 25.72
N ALA A 85 33.10 -9.57 25.17
CA ALA A 85 33.31 -10.85 25.83
C ALA A 85 34.08 -10.61 27.13
N LYS A 86 35.03 -9.69 27.05
CA LYS A 86 35.86 -9.34 28.19
C LYS A 86 34.96 -8.80 29.31
N SER A 87 34.03 -7.94 28.93
CA SER A 87 33.10 -7.34 29.89
C SER A 87 32.28 -8.42 30.60
N LEU A 88 31.71 -9.33 29.81
CA LEU A 88 30.90 -10.41 30.35
C LEU A 88 31.71 -11.28 31.30
N THR A 89 32.89 -11.69 30.87
CA THR A 89 33.76 -12.53 31.70
C THR A 89 34.16 -11.82 33.00
N ASP A 90 34.52 -10.55 32.90
CA ASP A 90 34.90 -9.77 34.08
C ASP A 90 33.70 -9.60 35.01
N GLY A 91 32.50 -9.69 34.45
CA GLY A 91 31.30 -9.54 35.23
C GLY A 91 30.86 -10.89 35.81
N ASN A 92 31.74 -11.87 35.64
CA ASN A 92 31.49 -13.23 36.13
C ASN A 92 30.41 -13.99 35.37
N VAL A 93 30.12 -13.55 34.15
CA VAL A 93 29.12 -14.24 33.36
C VAL A 93 29.82 -15.40 32.68
N ASP A 94 29.31 -16.60 32.91
CA ASP A 94 29.90 -17.80 32.34
C ASP A 94 29.80 -17.74 30.82
N GLY A 95 30.93 -17.96 30.15
CA GLY A 95 30.95 -17.93 28.70
C GLY A 95 31.77 -19.06 28.11
N THR A 96 31.46 -19.40 26.86
CA THR A 96 32.14 -20.48 26.14
C THR A 96 32.47 -20.06 24.72
N TRP A 97 33.70 -20.30 24.29
CA TRP A 97 34.11 -19.97 22.93
C TRP A 97 33.94 -21.21 22.07
N SER A 98 33.41 -21.03 20.87
CA SER A 98 33.20 -22.14 19.96
C SER A 98 33.32 -21.69 18.51
N GLU A 99 33.32 -22.66 17.61
CA GLU A 99 33.39 -22.42 16.18
C GLU A 99 32.96 -23.71 15.50
N ASP A 100 31.66 -23.98 15.56
CA ASP A 100 31.11 -25.19 14.97
C ASP A 100 29.85 -24.92 14.16
N GLN A 101 29.69 -23.69 13.68
CA GLN A 101 28.52 -23.36 12.89
C GLN A 101 28.84 -23.02 11.45
N PHE A 102 28.12 -23.65 10.54
CA PHE A 102 28.26 -23.44 9.12
C PHE A 102 28.12 -21.94 8.80
N GLY A 103 28.97 -21.44 7.91
CA GLY A 103 28.91 -20.04 7.53
C GLY A 103 29.42 -18.99 8.49
N TYR A 104 29.84 -19.40 9.69
CA TYR A 104 30.35 -18.46 10.69
C TYR A 104 31.65 -18.93 11.32
N GLY A 105 32.32 -18.02 12.03
CA GLY A 105 33.58 -18.35 12.68
C GLY A 105 33.50 -18.45 14.19
N LYS A 106 34.53 -17.94 14.86
CA LYS A 106 34.62 -17.97 16.32
C LYS A 106 33.51 -17.16 16.98
N THR A 107 32.83 -17.77 17.96
CA THR A 107 31.76 -17.06 18.65
C THR A 107 31.76 -17.35 20.15
N PHE A 108 31.30 -16.35 20.91
CA PHE A 108 31.24 -16.42 22.36
C PHE A 108 29.81 -16.73 22.78
N GLU A 109 29.63 -17.84 23.51
CA GLU A 109 28.32 -18.27 23.97
C GLU A 109 28.11 -18.01 25.46
N TYR A 110 26.97 -17.44 25.81
CA TYR A 110 26.66 -17.16 27.21
C TYR A 110 25.16 -17.12 27.43
N GLN A 111 24.74 -16.89 28.66
CA GLN A 111 23.30 -16.82 28.98
C GLN A 111 22.91 -15.50 29.63
N SER A 112 21.69 -15.07 29.35
CA SER A 112 21.18 -13.85 29.95
C SER A 112 20.90 -14.17 31.42
N PRO A 113 20.62 -13.15 32.23
CA PRO A 113 20.34 -13.39 33.65
C PRO A 113 19.14 -14.31 33.87
N ASP A 114 18.30 -14.48 32.85
CA ASP A 114 17.12 -15.31 32.96
C ASP A 114 17.26 -16.65 32.26
N GLY A 115 18.45 -16.90 31.71
CA GLY A 115 18.70 -18.18 31.05
C GLY A 115 18.59 -18.25 29.53
N HIS A 116 18.40 -17.12 28.86
CA HIS A 116 18.29 -17.14 27.40
C HIS A 116 19.68 -17.38 26.82
N ASN A 117 19.76 -18.22 25.79
CA ASN A 117 21.06 -18.50 25.18
C ASN A 117 21.44 -17.43 24.17
N LEU A 118 22.46 -16.65 24.48
CA LEU A 118 22.92 -15.57 23.61
C LEU A 118 24.34 -15.81 23.11
N GLN A 119 24.69 -15.19 21.99
CA GLN A 119 26.02 -15.36 21.42
C GLN A 119 26.54 -14.09 20.76
N LEU A 120 27.85 -13.92 20.76
CA LEU A 120 28.49 -12.78 20.13
C LEU A 120 29.50 -13.32 19.13
N LEU A 121 29.63 -12.68 17.97
CA LEU A 121 30.59 -13.13 16.98
C LEU A 121 30.93 -12.01 16.02
N TRP A 122 32.04 -12.17 15.31
CA TRP A 122 32.48 -11.17 14.32
C TRP A 122 32.67 -11.84 12.97
N GLU A 123 33.25 -13.03 12.99
CA GLU A 123 33.52 -13.76 11.76
C GLU A 123 32.24 -14.34 11.16
N ALA A 124 31.83 -13.75 10.04
CA ALA A 124 30.62 -14.16 9.36
C ALA A 124 30.89 -14.15 7.86
N GLU A 125 30.64 -15.27 7.20
CA GLU A 125 30.85 -15.35 5.76
C GLU A 125 29.81 -14.49 5.07
N LYS A 126 30.17 -13.91 3.93
CA LYS A 126 29.22 -13.10 3.19
C LYS A 126 28.62 -14.01 2.13
N TYR A 127 27.32 -14.27 2.24
CA TYR A 127 26.67 -15.15 1.30
C TYR A 127 26.66 -14.60 -0.13
N VAL A 128 27.01 -15.46 -1.06
CA VAL A 128 27.02 -15.14 -2.48
C VAL A 128 26.16 -16.22 -3.11
N ALA A 129 25.13 -15.81 -3.83
CA ALA A 129 24.23 -16.77 -4.44
C ALA A 129 24.78 -17.32 -5.74
N PRO A 130 24.25 -18.46 -6.18
CA PRO A 130 24.71 -19.06 -7.44
C PRO A 130 24.42 -18.04 -8.55
N PRO A 131 25.21 -18.05 -9.62
CA PRO A 131 25.04 -17.12 -10.75
C PRO A 131 23.60 -16.79 -11.13
N GLU A 132 22.79 -17.83 -11.35
CA GLU A 132 21.41 -17.66 -11.76
C GLU A 132 20.48 -17.03 -10.72
N LEU A 133 20.89 -17.02 -9.45
CA LEU A 133 20.07 -16.48 -8.38
C LEU A 133 20.51 -15.09 -7.88
N ARG A 134 21.53 -14.51 -8.50
CA ARG A 134 21.98 -13.20 -8.08
C ARG A 134 21.01 -12.15 -8.60
N SER A 135 20.75 -11.14 -7.79
CA SER A 135 19.82 -10.07 -8.14
C SER A 135 20.50 -8.96 -8.94
N LYS A 136 19.73 -8.28 -9.79
CA LYS A 136 20.24 -7.19 -10.59
C LYS A 136 20.44 -5.98 -9.68
N ILE A 137 19.82 -6.05 -8.50
CA ILE A 137 19.97 -5.00 -7.50
C ILE A 137 21.21 -5.44 -6.72
N LEU A 138 22.30 -4.68 -6.88
CA LEU A 138 23.57 -5.03 -6.26
C LEU A 138 23.66 -5.18 -4.75
N THR A 139 22.82 -4.48 -4.00
CA THR A 139 22.84 -4.62 -2.54
C THR A 139 22.01 -5.81 -2.07
N ARG A 140 21.38 -6.51 -3.03
CA ARG A 140 20.55 -7.68 -2.77
C ARG A 140 21.30 -8.94 -3.23
N PRO A 141 21.78 -9.77 -2.28
CA PRO A 141 22.52 -11.00 -2.63
C PRO A 141 21.78 -11.98 -3.53
N SER A 142 20.50 -12.20 -3.25
CA SER A 142 19.73 -13.14 -4.05
C SER A 142 18.38 -12.57 -4.46
N LYS A 143 17.86 -13.07 -5.57
CA LYS A 143 16.58 -12.63 -6.09
C LYS A 143 15.45 -12.97 -5.12
N LYS A 144 14.44 -12.12 -5.06
CA LYS A 144 13.29 -12.38 -4.20
C LYS A 144 12.63 -13.64 -4.77
N PRO A 145 12.39 -14.66 -3.92
CA PRO A 145 11.77 -15.92 -4.34
C PRO A 145 10.37 -15.71 -4.91
N LEU A 146 9.91 -16.69 -5.69
CA LEU A 146 8.57 -16.64 -6.30
C LEU A 146 7.63 -17.55 -5.50
N GLN A 147 7.97 -17.77 -4.24
CA GLN A 147 7.18 -18.64 -3.37
C GLN A 147 6.63 -17.90 -2.14
N GLY A 148 5.34 -18.07 -1.89
CA GLY A 148 4.69 -17.44 -0.74
C GLY A 148 4.86 -15.93 -0.75
N ILE A 149 4.97 -15.34 0.44
CA ILE A 149 5.19 -13.90 0.59
C ILE A 149 6.56 -13.86 1.29
N PRO A 150 7.64 -13.82 0.51
CA PRO A 150 9.04 -13.81 0.98
C PRO A 150 9.48 -12.72 1.93
N VAL A 151 10.05 -13.11 3.07
CA VAL A 151 10.57 -12.12 4.01
C VAL A 151 11.97 -11.75 3.53
N LYS A 152 12.39 -10.52 3.79
CA LYS A 152 13.71 -10.06 3.36
C LYS A 152 14.86 -10.53 4.25
N ARG A 153 14.63 -10.51 5.56
CA ARG A 153 15.65 -10.91 6.51
C ARG A 153 15.07 -10.96 7.92
N ILE A 154 15.90 -11.40 8.87
CA ILE A 154 15.49 -11.45 10.27
C ILE A 154 15.40 -9.98 10.70
N ASP A 155 14.57 -9.67 11.70
CA ASP A 155 14.44 -8.28 12.14
C ASP A 155 14.79 -8.13 13.61
N HIS A 156 14.09 -8.83 14.49
CA HIS A 156 14.37 -8.72 15.91
C HIS A 156 13.87 -9.89 16.74
N LEU A 157 14.18 -9.85 18.03
CA LEU A 157 13.78 -10.88 18.99
C LEU A 157 13.13 -10.26 20.21
N ASN A 158 12.18 -10.98 20.79
CA ASN A 158 11.50 -10.53 21.99
C ASN A 158 11.59 -11.69 22.98
N LEU A 159 12.26 -11.45 24.10
CA LEU A 159 12.46 -12.48 25.13
C LEU A 159 11.55 -12.31 26.33
N MSE A 160 10.95 -13.41 26.80
CA MSE A 160 10.10 -13.36 27.98
C MSE A 160 11.02 -13.56 29.17
O MSE A 160 11.90 -14.41 29.12
CB MSE A 160 9.04 -14.45 28.00
CG MSE A 160 7.71 -14.09 27.38
SE MSE A 160 6.42 -15.43 27.90
CE MSE A 160 5.05 -14.25 28.70
N SER A 161 10.83 -12.80 30.22
CA SER A 161 11.71 -12.93 31.38
C SER A 161 11.02 -12.77 32.71
N SER A 162 11.52 -13.48 33.72
CA SER A 162 10.96 -13.38 35.05
C SER A 162 11.47 -12.09 35.69
N ASP A 163 12.45 -11.47 35.04
CA ASP A 163 13.05 -10.22 35.53
C ASP A 163 13.52 -9.38 34.35
N VAL A 164 12.64 -8.51 33.85
CA VAL A 164 12.99 -7.68 32.71
C VAL A 164 14.19 -6.77 32.96
N THR A 165 14.22 -6.13 34.12
CA THR A 165 15.30 -5.21 34.46
C THR A 165 16.66 -5.89 34.44
N ALA A 166 16.74 -7.11 34.95
CA ALA A 166 17.99 -7.84 34.97
C ALA A 166 18.52 -8.03 33.55
N VAL A 167 17.64 -8.46 32.66
CA VAL A 167 18.03 -8.67 31.26
C VAL A 167 18.44 -7.34 30.64
N LYS A 168 17.65 -6.30 30.91
CA LYS A 168 17.93 -4.98 30.40
C LYS A 168 19.31 -4.49 30.85
N ASP A 169 19.62 -4.64 32.14
CA ASP A 169 20.91 -4.22 32.66
C ASP A 169 22.05 -4.92 31.94
N SER A 170 21.87 -6.21 31.68
CA SER A 170 22.89 -6.99 31.00
C SER A 170 23.20 -6.40 29.63
N PHE A 171 22.17 -6.20 28.81
CA PHE A 171 22.39 -5.64 27.48
C PHE A 171 23.00 -4.24 27.49
N GLU A 172 22.56 -3.40 28.42
CA GLU A 172 23.08 -2.05 28.51
C GLU A 172 24.51 -2.04 29.03
N ARG A 173 24.73 -2.66 30.19
CA ARG A 173 26.06 -2.70 30.80
C ARG A 173 27.10 -3.46 29.98
N HIS A 174 26.79 -4.69 29.61
CA HIS A 174 27.75 -5.53 28.89
C HIS A 174 27.81 -5.41 27.37
N LEU A 175 26.70 -5.06 26.75
CA LEU A 175 26.70 -4.94 25.29
C LEU A 175 26.64 -3.52 24.76
N GLY A 176 26.38 -2.55 25.62
CA GLY A 176 26.31 -1.16 25.19
C GLY A 176 24.99 -0.74 24.57
N PHE A 177 23.99 -1.61 24.63
CA PHE A 177 22.68 -1.28 24.09
C PHE A 177 22.07 -0.13 24.87
N ARG A 178 21.16 0.59 24.23
CA ARG A 178 20.45 1.68 24.87
C ARG A 178 19.00 1.20 24.86
N THR A 179 18.21 1.66 25.81
CA THR A 179 16.79 1.28 25.86
C THR A 179 16.01 2.45 25.28
N THR A 180 15.41 2.25 24.11
CA THR A 180 14.67 3.33 23.47
C THR A 180 13.31 3.57 24.08
N GLU A 181 12.64 2.50 24.46
CA GLU A 181 11.32 2.59 25.06
C GLU A 181 11.16 1.50 26.11
N ARG A 182 10.27 1.73 27.07
CA ARG A 182 10.00 0.76 28.11
C ARG A 182 8.60 1.00 28.64
N VAL A 183 8.05 -0.01 29.28
CA VAL A 183 6.72 0.09 29.88
C VAL A 183 6.91 -0.23 31.36
N VAL A 184 6.34 0.60 32.23
CA VAL A 184 6.47 0.38 33.66
C VAL A 184 5.13 0.41 34.37
N ASP A 185 5.11 -0.15 35.57
CA ASP A 185 3.94 -0.16 36.42
C ASP A 185 4.55 0.14 37.77
N GLY A 186 4.49 1.40 38.17
CA GLY A 186 5.08 1.81 39.42
C GLY A 186 6.58 1.89 39.18
N ASN A 187 7.35 1.11 39.93
CA ASN A 187 8.79 1.09 39.78
C ASN A 187 9.23 -0.24 39.18
N VAL A 188 8.29 -0.95 38.58
CA VAL A 188 8.58 -2.25 37.95
C VAL A 188 8.52 -2.14 36.43
N GLU A 189 9.58 -2.59 35.77
CA GLU A 189 9.64 -2.58 34.32
C GLU A 189 9.05 -3.88 33.81
N ILE A 190 8.03 -3.79 32.97
CA ILE A 190 7.40 -4.99 32.44
C ILE A 190 7.76 -5.17 30.98
N GLY A 191 8.45 -4.20 30.41
CA GLY A 191 8.84 -4.31 29.03
C GLY A 191 9.94 -3.31 28.70
N ALA A 192 10.89 -3.73 27.88
CA ALA A 192 11.99 -2.88 27.47
C ALA A 192 12.40 -3.23 26.04
N TRP A 193 12.61 -2.20 25.23
CA TRP A 193 13.00 -2.38 23.84
C TRP A 193 14.37 -1.76 23.69
N MSE A 194 15.33 -2.56 23.25
CA MSE A 194 16.71 -2.11 23.15
C MSE A 194 17.39 -2.20 21.81
O MSE A 194 17.14 -3.12 21.02
CB MSE A 194 17.52 -2.88 24.19
CG MSE A 194 16.83 -2.96 25.55
SE MSE A 194 17.47 -4.37 26.65
CE MSE A 194 16.37 -5.77 25.89
N SER A 195 18.28 -1.25 21.55
CA SER A 195 18.99 -1.20 20.28
C SER A 195 20.43 -0.70 20.43
N SER A 196 21.24 -0.97 19.41
CA SER A 196 22.62 -0.52 19.38
C SER A 196 22.84 0.27 18.09
N ASN A 197 21.74 0.56 17.38
CA ASN A 197 21.81 1.30 16.12
C ASN A 197 20.55 2.14 15.86
N LEU A 198 20.35 2.58 14.61
CA LEU A 198 19.17 3.40 14.28
C LEU A 198 17.83 2.72 14.52
N LEU A 199 17.81 1.40 14.53
CA LEU A 199 16.55 0.70 14.76
C LEU A 199 16.05 0.99 16.16
N GLY A 200 14.74 0.99 16.35
CA GLY A 200 14.20 1.23 17.67
C GLY A 200 14.61 0.10 18.58
N HIS A 201 14.74 -1.08 18.01
CA HIS A 201 15.14 -2.23 18.78
C HIS A 201 15.43 -3.44 17.91
N GLU A 202 16.31 -4.30 18.41
CA GLU A 202 16.62 -5.55 17.73
C GLU A 202 16.40 -6.63 18.79
N VAL A 203 16.36 -6.21 20.05
CA VAL A 203 16.13 -7.12 21.15
C VAL A 203 15.21 -6.49 22.17
N ALA A 204 14.14 -7.20 22.52
CA ALA A 204 13.19 -6.71 23.49
C ALA A 204 13.01 -7.75 24.58
N CYS A 205 12.55 -7.30 25.75
CA CYS A 205 12.31 -8.20 26.86
C CYS A 205 11.02 -7.82 27.58
N MSE A 206 10.13 -8.80 27.75
CA MSE A 206 8.86 -8.54 28.42
C MSE A 206 8.62 -9.54 29.54
O MSE A 206 9.09 -10.68 29.49
CB MSE A 206 7.71 -8.60 27.42
CG MSE A 206 7.92 -7.71 26.20
SE MSE A 206 6.39 -7.60 25.07
CE MSE A 206 6.05 -9.47 24.87
N ARG A 207 7.87 -9.08 30.55
CA ARG A 207 7.59 -9.89 31.73
C ARG A 207 6.81 -11.18 31.48
N ASP A 208 7.30 -12.28 32.06
CA ASP A 208 6.65 -13.57 31.94
C ASP A 208 5.57 -13.59 33.02
N MSE A 209 4.31 -13.57 32.60
CA MSE A 209 3.20 -13.55 33.55
C MSE A 209 2.83 -14.91 34.12
O MSE A 209 1.92 -15.02 34.95
CB MSE A 209 1.97 -12.92 32.88
CG MSE A 209 2.17 -11.52 32.32
SE MSE A 209 2.77 -10.21 33.62
CE MSE A 209 1.06 -9.75 34.42
N THR A 210 3.51 -15.96 33.68
CA THR A 210 3.20 -17.31 34.17
C THR A 210 4.15 -17.76 35.27
N GLY A 211 5.24 -17.02 35.45
CA GLY A 211 6.20 -17.37 36.48
C GLY A 211 7.34 -18.21 35.93
N GLY A 212 7.42 -18.31 34.61
CA GLY A 212 8.48 -19.08 33.99
C GLY A 212 9.68 -18.18 33.75
N HIS A 213 10.71 -18.70 33.09
CA HIS A 213 11.90 -17.89 32.82
C HIS A 213 12.69 -18.40 31.62
N GLY A 214 13.46 -17.49 31.04
CA GLY A 214 14.29 -17.83 29.90
C GLY A 214 13.56 -18.26 28.64
N LYS A 215 12.30 -17.84 28.50
CA LYS A 215 11.52 -18.22 27.33
C LYS A 215 11.56 -17.20 26.20
N LEU A 216 11.11 -17.64 25.02
CA LEU A 216 11.06 -16.82 23.82
C LEU A 216 9.65 -16.33 23.61
N HIS A 217 9.45 -15.03 23.41
CA HIS A 217 8.10 -14.57 23.16
C HIS A 217 7.89 -14.69 21.66
N HIS A 218 8.81 -14.11 20.87
CA HIS A 218 8.75 -14.21 19.43
C HIS A 218 10.02 -13.80 18.69
N LEU A 219 10.14 -14.30 17.47
CA LEU A 219 11.23 -13.99 16.57
C LEU A 219 10.50 -13.30 15.42
N ALA A 220 11.04 -12.16 14.96
CA ALA A 220 10.39 -11.41 13.89
C ALA A 220 11.21 -11.30 12.62
N PHE A 221 10.51 -11.35 11.49
CA PHE A 221 11.13 -11.23 10.18
C PHE A 221 10.57 -9.98 9.47
N PHE A 222 11.45 -9.35 8.71
CA PHE A 222 11.19 -8.09 8.01
C PHE A 222 10.62 -8.11 6.60
N TYR A 223 9.53 -7.36 6.39
CA TYR A 223 8.93 -7.21 5.06
C TYR A 223 9.23 -5.79 4.57
N GLY A 224 9.07 -4.81 5.45
CA GLY A 224 9.32 -3.43 5.11
C GLY A 224 8.16 -2.75 4.40
N THR A 225 7.13 -3.54 4.13
CA THR A 225 5.94 -3.09 3.41
C THR A 225 4.68 -3.52 4.18
N GLY A 226 3.84 -2.56 4.55
CA GLY A 226 2.64 -2.87 5.30
C GLY A 226 1.70 -3.85 4.58
N GLN A 227 1.59 -3.70 3.27
CA GLN A 227 0.72 -4.55 2.47
C GLN A 227 1.10 -6.02 2.59
N HIS A 228 2.40 -6.29 2.74
CA HIS A 228 2.82 -7.68 2.84
C HIS A 228 2.34 -8.39 4.09
N ASN A 229 2.04 -7.65 5.15
CA ASN A 229 1.50 -8.25 6.36
C ASN A 229 0.04 -8.60 6.05
N ILE A 230 -0.60 -7.73 5.28
CA ILE A 230 -2.00 -7.95 4.90
C ILE A 230 -2.03 -9.20 4.02
N ASP A 231 -1.10 -9.26 3.06
CA ASP A 231 -1.02 -10.41 2.16
C ASP A 231 -0.71 -11.68 2.96
N ALA A 232 0.25 -11.58 3.88
CA ALA A 232 0.63 -12.74 4.67
C ALA A 232 -0.53 -13.26 5.53
N VAL A 233 -1.26 -12.37 6.17
CA VAL A 233 -2.34 -12.86 7.04
C VAL A 233 -3.45 -13.55 6.25
N GLU A 234 -3.71 -13.11 5.03
CA GLU A 234 -4.74 -13.74 4.21
C GLU A 234 -4.28 -15.15 3.84
N MSE A 235 -2.98 -15.28 3.59
CA MSE A 235 -2.38 -16.56 3.24
C MSE A 235 -2.51 -17.51 4.45
O MSE A 235 -2.99 -18.64 4.31
CB MSE A 235 -0.89 -16.36 2.91
CG MSE A 235 -0.04 -17.65 2.80
SE MSE A 235 1.73 -17.31 2.19
CE MSE A 235 2.46 -16.31 3.59
N PHE A 236 -2.10 -17.03 5.61
CA PHE A 236 -2.17 -17.85 6.82
C PHE A 236 -3.60 -18.26 7.13
N ARG A 237 -4.54 -17.34 6.95
CA ARG A 237 -5.94 -17.65 7.22
C ARG A 237 -6.45 -18.78 6.33
N ASP A 238 -6.21 -18.68 5.02
CA ASP A 238 -6.70 -19.69 4.09
C ASP A 238 -5.89 -20.99 4.09
N TYR A 239 -4.66 -20.93 4.61
CA TYR A 239 -3.83 -22.13 4.66
C TYR A 239 -3.67 -22.70 6.06
N ASP A 240 -4.65 -22.38 6.91
CA ASP A 240 -4.75 -22.88 8.28
C ASP A 240 -3.61 -22.66 9.26
N ILE A 241 -3.06 -21.45 9.30
CA ILE A 241 -2.02 -21.12 10.25
C ILE A 241 -2.72 -20.28 11.31
N GLN A 242 -2.49 -20.60 12.57
CA GLN A 242 -3.14 -19.88 13.65
C GLN A 242 -2.66 -18.43 13.72
N ILE A 243 -3.61 -17.50 13.67
CA ILE A 243 -3.32 -16.07 13.73
C ILE A 243 -3.64 -15.55 15.13
N GLU A 244 -2.70 -14.83 15.74
CA GLU A 244 -2.91 -14.30 17.08
C GLU A 244 -3.44 -12.87 17.11
N ALA A 245 -2.80 -11.97 16.38
CA ALA A 245 -3.22 -10.57 16.35
C ALA A 245 -2.56 -9.83 15.20
N GLY A 246 -3.18 -8.71 14.79
CA GLY A 246 -2.65 -7.94 13.68
C GLY A 246 -3.29 -8.43 12.38
N PRO A 247 -3.00 -7.80 11.23
CA PRO A 247 -2.09 -6.66 11.06
C PRO A 247 -2.58 -5.35 11.66
N ASP A 248 -1.66 -4.65 12.34
CA ASP A 248 -1.95 -3.35 12.94
C ASP A 248 -0.60 -2.75 13.29
N LYS A 249 -0.59 -1.72 14.11
CA LYS A 249 0.66 -1.05 14.48
C LYS A 249 0.76 -0.75 15.97
N HIS A 250 1.88 -1.15 16.59
CA HIS A 250 2.12 -0.88 18.00
C HIS A 250 2.59 0.56 18.13
N GLY A 251 1.99 1.31 19.06
CA GLY A 251 2.44 2.68 19.26
C GLY A 251 3.85 2.58 19.82
N ILE A 252 4.07 1.56 20.63
CA ILE A 252 5.37 1.31 21.23
C ILE A 252 6.23 0.71 20.12
N THR A 253 7.33 1.39 19.80
CA THR A 253 8.28 1.00 18.75
C THR A 253 7.74 1.29 17.35
N GLN A 254 6.52 1.82 17.28
CA GLN A 254 5.89 2.15 15.98
C GLN A 254 6.11 1.03 14.96
N SER A 255 5.75 -0.19 15.32
CA SER A 255 5.94 -1.29 14.40
C SER A 255 4.65 -1.92 13.88
N GLN A 256 4.60 -2.15 12.57
CA GLN A 256 3.47 -2.79 11.92
C GLN A 256 3.66 -4.28 12.17
N PHE A 257 2.78 -4.86 12.99
CA PHE A 257 2.90 -6.25 13.38
C PHE A 257 1.83 -7.21 12.90
N LEU A 258 2.20 -8.48 12.88
CA LEU A 258 1.32 -9.59 12.54
C LEU A 258 1.94 -10.76 13.30
N TYR A 259 1.21 -11.32 14.25
CA TYR A 259 1.71 -12.43 15.05
C TYR A 259 0.96 -13.70 14.70
N VAL A 260 1.70 -14.77 14.40
CA VAL A 260 1.10 -16.06 14.08
C VAL A 260 1.90 -17.15 14.80
N PHE A 261 1.36 -18.36 14.82
CA PHE A 261 2.06 -19.47 15.45
C PHE A 261 2.47 -20.48 14.40
N GLU A 262 3.78 -20.71 14.25
CA GLU A 262 4.24 -21.68 13.27
C GLU A 262 3.87 -23.07 13.84
N PRO A 263 3.81 -24.11 12.98
CA PRO A 263 3.46 -25.48 13.37
C PRO A 263 4.08 -26.04 14.66
N GLY A 264 5.34 -25.68 14.91
CA GLY A 264 6.01 -26.16 16.10
C GLY A 264 5.56 -25.52 17.41
N GLY A 265 4.88 -24.38 17.31
CA GLY A 265 4.42 -23.72 18.53
C GLY A 265 5.06 -22.38 18.81
N ASN A 266 6.10 -22.01 18.06
CA ASN A 266 6.77 -20.74 18.30
C ASN A 266 5.98 -19.58 17.67
N ARG A 267 5.95 -18.45 18.36
CA ARG A 267 5.27 -17.27 17.86
C ARG A 267 6.22 -16.57 16.91
N ILE A 268 5.72 -16.22 15.73
CA ILE A 268 6.54 -15.54 14.72
C ILE A 268 5.86 -14.22 14.36
N GLU A 269 6.64 -13.16 14.25
CA GLU A 269 6.06 -11.89 13.88
C GLU A 269 6.51 -11.49 12.49
N LEU A 270 5.57 -10.99 11.69
CA LEU A 270 5.87 -10.49 10.36
C LEU A 270 5.84 -8.98 10.57
N PHE A 271 6.94 -8.34 10.19
CA PHE A 271 7.15 -6.92 10.40
C PHE A 271 7.02 -6.12 9.12
N GLY A 272 6.20 -5.07 9.15
CA GLY A 272 6.00 -4.23 7.98
C GLY A 272 7.04 -3.15 7.84
N GLU A 273 6.57 -1.91 7.69
CA GLU A 273 7.44 -0.75 7.53
C GLU A 273 8.43 -0.58 8.68
N ALA A 274 9.67 -0.26 8.35
CA ALA A 274 10.71 -0.05 9.36
C ALA A 274 10.20 0.89 10.45
N GLY A 275 9.36 1.84 10.05
CA GLY A 275 8.79 2.77 11.00
C GLY A 275 9.60 4.00 11.36
N TYR A 276 9.79 4.21 12.67
CA TYR A 276 10.53 5.34 13.19
C TYR A 276 11.97 4.95 13.48
N LEU A 277 12.90 5.61 12.79
CA LEU A 277 14.32 5.35 12.99
C LEU A 277 14.83 6.36 14.00
N HIS A 278 15.66 5.90 14.94
CA HIS A 278 16.19 6.78 15.96
C HIS A 278 17.43 7.51 15.52
N LEU A 279 17.25 8.57 14.72
CA LEU A 279 18.38 9.35 14.23
C LEU A 279 19.02 10.21 15.33
N ASP A 280 18.19 10.76 16.21
CA ASP A 280 18.69 11.57 17.32
C ASP A 280 19.60 10.69 18.16
N PRO A 281 20.91 11.04 18.27
CA PRO A 281 21.88 10.26 19.04
C PRO A 281 21.70 10.22 20.56
N ASP A 282 21.07 11.23 21.15
CA ASP A 282 20.89 11.19 22.59
C ASP A 282 19.48 11.44 23.06
N ALA A 283 18.54 10.73 22.45
CA ALA A 283 17.14 10.83 22.79
C ALA A 283 16.92 10.11 24.11
N GLU A 284 16.12 10.71 24.98
CA GLU A 284 15.83 10.12 26.29
C GLU A 284 14.91 8.92 26.09
N THR A 285 15.04 7.92 26.97
CA THR A 285 14.18 6.73 26.89
C THR A 285 12.73 7.19 27.03
N LYS A 286 11.85 6.63 26.21
CA LYS A 286 10.45 6.99 26.29
C LYS A 286 9.79 5.93 27.19
N THR A 287 9.25 6.38 28.32
CA THR A 287 8.62 5.47 29.26
C THR A 287 7.09 5.51 29.21
N TRP A 288 6.50 4.36 28.92
CA TRP A 288 5.05 4.25 28.84
C TRP A 288 4.53 3.70 30.16
N GLN A 289 3.31 4.12 30.52
CA GLN A 289 2.67 3.66 31.75
C GLN A 289 1.64 2.58 31.43
N MSE A 290 1.67 1.51 32.22
CA MSE A 290 0.77 0.39 32.05
C MSE A 290 -0.68 0.83 32.14
O MSE A 290 -1.57 0.20 31.54
CB MSE A 290 1.04 -0.67 33.12
CG MSE A 290 0.34 -2.01 32.92
SE MSE A 290 0.80 -2.83 31.22
CE MSE A 290 -0.96 -3.01 30.41
N SER A 291 -0.94 1.90 32.87
CA SER A 291 -2.28 2.43 33.05
C SER A 291 -2.78 3.26 31.86
N ASP A 292 -1.85 3.70 31.02
CA ASP A 292 -2.20 4.51 29.85
C ASP A 292 -1.44 3.97 28.65
N ILE A 293 -1.78 2.74 28.26
CA ILE A 293 -1.08 2.09 27.17
C ILE A 293 -1.94 1.70 25.96
N ASP A 294 -3.14 2.27 25.86
CA ASP A 294 -4.03 1.97 24.73
C ASP A 294 -3.32 2.11 23.38
N THR A 295 -2.78 3.30 23.13
CA THR A 295 -2.08 3.58 21.88
C THR A 295 -0.80 2.76 21.78
N GLY A 296 -0.16 2.53 22.92
CA GLY A 296 1.07 1.74 22.92
C GLY A 296 0.86 0.34 22.38
N LEU A 297 -0.24 -0.29 22.78
CA LEU A 297 -0.56 -1.65 22.33
C LEU A 297 -0.94 -1.69 20.85
N ALA A 298 -1.81 -0.77 20.44
CA ALA A 298 -2.24 -0.73 19.05
C ALA A 298 -2.83 0.62 18.70
N VAL A 299 -2.37 1.18 17.58
CA VAL A 299 -2.88 2.45 17.10
C VAL A 299 -4.28 2.20 16.55
N GLY A 300 -4.44 1.07 15.89
CA GLY A 300 -5.72 0.70 15.33
C GLY A 300 -6.63 0.07 16.37
N GLY A 301 -7.62 -0.68 15.92
CA GLY A 301 -8.54 -1.32 16.85
C GLY A 301 -8.11 -2.71 17.29
N ALA A 302 -6.92 -3.14 16.89
CA ALA A 302 -6.44 -4.48 17.24
C ALA A 302 -6.48 -4.71 18.76
N LYS A 303 -6.80 -5.93 19.15
CA LYS A 303 -6.86 -6.29 20.56
C LYS A 303 -5.93 -7.47 20.81
N LEU A 304 -4.94 -7.26 21.69
CA LEU A 304 -3.98 -8.31 22.01
C LEU A 304 -4.60 -9.22 23.08
N PRO A 305 -4.80 -10.50 22.75
CA PRO A 305 -5.38 -11.48 23.67
C PRO A 305 -4.52 -11.81 24.88
N TRP A 306 -5.10 -11.66 26.07
CA TRP A 306 -4.39 -11.95 27.31
C TRP A 306 -4.10 -13.44 27.43
N GLU A 307 -5.01 -14.26 26.93
CA GLU A 307 -4.86 -15.71 27.00
C GLU A 307 -3.69 -16.25 26.20
N SER A 308 -3.01 -15.41 25.44
CA SER A 308 -1.87 -15.87 24.67
C SER A 308 -0.74 -14.86 24.53
N TYR A 309 -1.06 -13.68 24.00
CA TYR A 309 -0.03 -12.67 23.80
C TYR A 309 0.79 -12.32 25.05
N PHE A 310 0.12 -11.99 26.15
CA PHE A 310 0.82 -11.62 27.36
C PHE A 310 1.22 -12.78 28.27
N THR A 311 0.81 -13.99 27.92
CA THR A 311 1.09 -15.13 28.77
C THR A 311 1.85 -16.32 28.15
N TYR A 312 1.73 -16.50 26.84
CA TYR A 312 2.38 -17.63 26.17
C TYR A 312 3.76 -17.35 25.57
N GLY A 313 4.71 -18.24 25.88
CA GLY A 313 6.06 -18.14 25.38
C GLY A 313 6.62 -19.56 25.24
N THR A 314 7.72 -19.72 24.53
CA THR A 314 8.28 -21.06 24.35
C THR A 314 9.70 -21.23 24.89
N PRO A 315 10.01 -22.41 25.45
CA PRO A 315 9.08 -23.55 25.57
C PRO A 315 7.97 -23.30 26.59
N SER A 316 6.78 -23.83 26.30
CA SER A 316 5.64 -23.69 27.18
C SER A 316 5.33 -25.02 27.88
N PRO A 317 5.10 -24.99 29.20
CA PRO A 317 4.80 -26.22 29.94
C PRO A 317 3.51 -26.86 29.42
N LEU A 318 2.61 -26.03 28.91
CA LEU A 318 1.34 -26.49 28.38
C LEU A 318 1.32 -26.32 26.86
N SER A 319 0.52 -27.12 26.17
CA SER A 319 0.43 -26.99 24.72
C SER A 319 -0.25 -25.65 24.49
N LEU A 320 -0.09 -25.08 23.29
CA LEU A 320 -0.72 -23.80 23.01
C LEU A 320 -2.22 -23.87 23.29
N ASP A 321 -2.86 -24.95 22.85
CA ASP A 321 -4.29 -25.13 23.06
C ASP A 321 -4.65 -25.15 24.53
N GLN A 322 -3.94 -25.96 25.31
CA GLN A 322 -4.19 -26.08 26.74
C GLN A 322 -3.92 -24.75 27.44
N HIS A 323 -2.89 -24.04 26.99
CA HIS A 323 -2.54 -22.76 27.57
C HIS A 323 -3.65 -21.74 27.40
N ILE A 324 -4.15 -21.62 26.18
CA ILE A 324 -5.22 -20.67 25.89
C ILE A 324 -6.46 -21.01 26.69
N GLU A 325 -6.75 -22.30 26.80
CA GLU A 325 -7.90 -22.76 27.55
C GLU A 325 -7.74 -22.37 29.02
N LYS A 326 -6.56 -22.64 29.58
CA LYS A 326 -6.28 -22.34 30.97
C LYS A 326 -6.46 -20.86 31.31
N TYR A 327 -5.77 -19.99 30.57
CA TYR A 327 -5.88 -18.56 30.83
C TYR A 327 -7.15 -17.97 30.24
N ALA A 328 -8.06 -18.85 29.81
CA ALA A 328 -9.33 -18.46 29.23
C ALA A 328 -9.20 -17.34 28.21
N ASP B 4 -38.29 -7.51 -14.82
CA ASP B 4 -37.61 -6.21 -14.59
C ASP B 4 -37.34 -5.98 -13.10
N ALA B 5 -37.21 -4.71 -12.74
CA ALA B 5 -36.92 -4.32 -11.38
C ALA B 5 -35.45 -4.64 -11.14
N ARG B 6 -34.96 -5.64 -11.86
CA ARG B 6 -33.59 -6.13 -11.78
C ARG B 6 -32.52 -5.04 -11.96
N PHE B 7 -32.61 -4.31 -13.06
CA PHE B 7 -31.64 -3.26 -13.36
C PHE B 7 -32.21 -1.87 -13.12
N ASP B 8 -33.36 -1.79 -12.45
CA ASP B 8 -34.02 -0.50 -12.20
C ASP B 8 -33.33 0.44 -11.21
N ILE B 9 -32.53 -0.11 -10.30
CA ILE B 9 -31.82 0.73 -9.34
C ILE B 9 -30.36 0.87 -9.76
N ALA B 10 -29.88 2.12 -9.81
CA ALA B 10 -28.50 2.35 -10.21
C ALA B 10 -27.51 2.30 -9.05
N HIS B 11 -27.72 3.14 -8.04
CA HIS B 11 -26.80 3.17 -6.91
C HIS B 11 -27.33 3.96 -5.72
N LEU B 12 -26.60 3.90 -4.61
CA LEU B 12 -26.95 4.64 -3.41
C LEU B 12 -26.48 6.06 -3.66
N ALA B 13 -27.40 7.00 -3.68
CA ALA B 13 -27.05 8.39 -3.96
C ALA B 13 -26.69 9.22 -2.73
N ARG B 14 -27.42 9.04 -1.63
CA ARG B 14 -27.15 9.88 -0.46
C ARG B 14 -27.78 9.33 0.81
N ALA B 15 -27.41 9.95 1.92
CA ALA B 15 -27.97 9.57 3.21
C ALA B 15 -27.95 10.81 4.11
N GLU B 16 -28.87 10.85 5.07
CA GLU B 16 -28.96 11.96 6.00
C GLU B 16 -28.73 11.41 7.40
N LEU B 17 -27.80 12.01 8.13
CA LEU B 17 -27.50 11.58 9.48
C LEU B 17 -27.97 12.61 10.48
N PHE B 18 -28.59 12.14 11.56
CA PHE B 18 -29.05 13.03 12.62
C PHE B 18 -27.94 13.10 13.64
N SER B 19 -27.77 14.25 14.27
CA SER B 19 -26.72 14.40 15.25
C SER B 19 -27.05 15.43 16.31
N PRO B 20 -26.88 15.08 17.59
CA PRO B 20 -27.15 16.00 18.69
C PRO B 20 -25.98 16.96 18.90
N LYS B 21 -24.90 16.74 18.14
CA LYS B 21 -23.70 17.57 18.18
C LYS B 21 -23.33 17.87 16.73
N PRO B 22 -24.22 18.54 15.99
CA PRO B 22 -24.07 18.91 14.58
C PRO B 22 -22.76 19.56 14.14
N GLN B 23 -22.23 20.46 14.95
CA GLN B 23 -20.98 21.11 14.57
C GLN B 23 -19.81 20.13 14.68
N GLU B 24 -19.80 19.33 15.74
CA GLU B 24 -18.74 18.34 15.91
C GLU B 24 -18.81 17.29 14.81
N THR B 25 -20.02 16.92 14.41
CA THR B 25 -20.19 15.94 13.34
C THR B 25 -19.69 16.55 12.04
N LEU B 26 -20.03 17.81 11.82
CA LEU B 26 -19.59 18.51 10.61
C LEU B 26 -18.07 18.58 10.56
N ASP B 27 -17.45 18.89 11.70
CA ASP B 27 -15.98 18.99 11.76
C ASP B 27 -15.36 17.63 11.46
N PHE B 28 -16.01 16.57 11.93
CA PHE B 28 -15.53 15.21 11.69
C PHE B 28 -15.50 14.94 10.18
N PHE B 29 -16.59 15.27 9.50
CA PHE B 29 -16.65 15.01 8.08
C PHE B 29 -15.84 15.93 7.19
N THR B 30 -15.48 17.10 7.69
CA THR B 30 -14.69 18.04 6.90
C THR B 30 -13.21 18.03 7.26
N LYS B 31 -12.92 18.19 8.55
CA LYS B 31 -11.54 18.21 9.03
C LYS B 31 -10.83 16.86 8.90
N PHE B 32 -11.53 15.77 9.18
CA PHE B 32 -10.91 14.44 9.09
C PHE B 32 -11.16 13.71 7.78
N LEU B 33 -12.42 13.68 7.33
CA LEU B 33 -12.76 12.98 6.10
C LEU B 33 -12.73 13.85 4.83
N GLY B 34 -12.34 15.11 4.98
CA GLY B 34 -12.21 16.01 3.85
C GLY B 34 -13.33 16.16 2.83
N MSE B 35 -14.57 16.19 3.30
CA MSE B 35 -15.70 16.35 2.38
C MSE B 35 -15.95 17.82 2.11
O MSE B 35 -15.69 18.67 2.97
CB MSE B 35 -16.97 15.71 2.95
CG MSE B 35 -16.87 14.20 3.13
SE MSE B 35 -18.43 13.35 3.78
CE MSE B 35 -19.46 13.32 2.21
N TYR B 36 -16.45 18.12 0.92
CA TYR B 36 -16.78 19.47 0.51
C TYR B 36 -18.17 19.85 1.02
N VAL B 37 -18.32 21.07 1.55
CA VAL B 37 -19.64 21.50 1.99
C VAL B 37 -20.24 22.24 0.79
N THR B 38 -21.44 21.86 0.37
CA THR B 38 -22.04 22.52 -0.78
C THR B 38 -23.31 23.31 -0.50
N HIS B 39 -23.85 23.17 0.71
CA HIS B 39 -25.09 23.87 1.04
C HIS B 39 -25.37 23.86 2.53
N ARG B 40 -26.04 24.91 2.99
CA ARG B 40 -26.44 25.07 4.38
C ARG B 40 -27.84 25.67 4.37
N GLU B 41 -28.75 25.09 5.15
CA GLU B 41 -30.11 25.59 5.24
C GLU B 41 -30.78 25.03 6.49
N GLY B 42 -31.50 25.89 7.20
CA GLY B 42 -32.20 25.46 8.40
C GLY B 42 -31.33 24.70 9.39
N GLN B 43 -31.76 23.48 9.70
CA GLN B 43 -31.06 22.63 10.66
C GLN B 43 -30.04 21.70 10.00
N SER B 44 -29.75 21.91 8.72
CA SER B 44 -28.85 21.01 8.02
C SER B 44 -27.70 21.60 7.23
N VAL B 45 -26.72 20.73 6.96
CA VAL B 45 -25.55 21.09 6.16
C VAL B 45 -25.40 19.95 5.14
N TYR B 46 -25.04 20.29 3.92
CA TYR B 46 -24.93 19.29 2.86
C TYR B 46 -23.48 19.14 2.38
N LEU B 47 -23.04 17.89 2.25
CA LEU B 47 -21.67 17.62 1.83
C LEU B 47 -21.56 16.54 0.75
N ARG B 48 -20.40 16.51 0.09
CA ARG B 48 -20.11 15.51 -0.92
C ARG B 48 -18.63 15.20 -0.95
N GLY B 49 -18.29 13.96 -1.31
CA GLY B 49 -16.91 13.56 -1.42
C GLY B 49 -16.48 14.08 -2.77
N TYR B 50 -15.18 14.22 -3.01
CA TYR B 50 -14.76 14.79 -4.29
C TYR B 50 -15.19 14.03 -5.55
N GLU B 51 -15.58 12.76 -5.40
CA GLU B 51 -16.02 11.99 -6.56
C GLU B 51 -17.51 11.63 -6.54
N ASP B 52 -18.28 12.23 -5.62
CA ASP B 52 -19.72 11.99 -5.60
C ASP B 52 -20.21 12.79 -6.82
N PRO B 53 -21.13 12.20 -7.61
CA PRO B 53 -21.64 12.88 -8.80
C PRO B 53 -22.67 14.00 -8.65
N TYR B 54 -23.37 14.05 -7.52
CA TYR B 54 -24.39 15.07 -7.32
C TYR B 54 -23.94 16.10 -6.27
N PRO B 55 -24.71 17.18 -6.10
CA PRO B 55 -24.37 18.25 -5.14
C PRO B 55 -24.06 17.76 -3.73
N TRP B 56 -24.71 16.69 -3.30
CA TRP B 56 -24.44 16.14 -1.97
C TRP B 56 -24.74 14.65 -1.90
N SER B 57 -24.03 13.97 -1.01
CA SER B 57 -24.20 12.55 -0.77
C SER B 57 -24.47 12.37 0.72
N LEU B 58 -24.16 13.42 1.50
CA LEU B 58 -24.37 13.39 2.94
C LEU B 58 -25.05 14.67 3.42
N LYS B 59 -26.02 14.49 4.31
CA LYS B 59 -26.74 15.62 4.89
C LYS B 59 -26.70 15.44 6.40
N ILE B 60 -26.17 16.44 7.10
CA ILE B 60 -26.11 16.37 8.55
C ILE B 60 -27.22 17.25 9.10
N THR B 61 -28.08 16.68 9.91
CA THR B 61 -29.19 17.45 10.47
C THR B 61 -29.21 17.37 11.99
N GLU B 62 -29.26 18.52 12.64
CA GLU B 62 -29.31 18.54 14.10
C GLU B 62 -30.59 17.88 14.55
N ALA B 63 -30.50 17.08 15.60
CA ALA B 63 -31.65 16.37 16.15
C ALA B 63 -31.37 15.99 17.60
N PRO B 64 -32.41 15.61 18.36
CA PRO B 64 -32.27 15.23 19.76
C PRO B 64 -31.45 13.96 19.91
N GLU B 65 -31.54 13.08 18.92
CA GLU B 65 -30.80 11.82 18.96
C GLU B 65 -30.13 11.54 17.62
N ALA B 66 -29.25 10.54 17.62
CA ALA B 66 -28.53 10.17 16.41
C ALA B 66 -29.41 9.29 15.54
N GLY B 67 -28.85 8.82 14.43
CA GLY B 67 -29.62 7.96 13.55
C GLY B 67 -29.66 8.41 12.11
N MSE B 68 -30.43 7.68 11.31
CA MSE B 68 -30.56 7.97 9.89
C MSE B 68 -31.83 8.73 9.55
O MSE B 68 -32.93 8.24 9.81
CB MSE B 68 -30.52 6.67 9.08
CG MSE B 68 -30.79 6.86 7.58
SE MSE B 68 -30.39 5.34 6.49
CE MSE B 68 -28.89 6.11 5.56
N GLY B 69 -31.67 9.91 8.95
CA GLY B 69 -32.83 10.68 8.55
C GLY B 69 -33.47 9.98 7.37
N HIS B 70 -32.63 9.49 6.46
CA HIS B 70 -33.09 8.75 5.30
C HIS B 70 -31.90 8.33 4.45
N ALA B 71 -32.18 7.51 3.44
CA ALA B 71 -31.19 7.05 2.49
C ALA B 71 -31.95 7.13 1.18
N ALA B 72 -31.30 7.59 0.12
CA ALA B 72 -31.98 7.68 -1.17
C ALA B 72 -31.18 6.97 -2.24
N MSE B 73 -31.87 6.16 -3.02
CA MSE B 73 -31.24 5.42 -4.10
C MSE B 73 -31.67 6.05 -5.41
O MSE B 73 -32.82 6.48 -5.56
CB MSE B 73 -31.66 3.96 -4.05
CG MSE B 73 -31.20 3.23 -2.77
SE MSE B 73 -32.19 1.66 -2.45
CE MSE B 73 -33.64 2.50 -1.38
N ARG B 74 -30.74 6.13 -6.35
CA ARG B 74 -31.08 6.68 -7.65
C ARG B 74 -31.36 5.54 -8.61
N THR B 75 -32.42 5.68 -9.40
CA THR B 75 -32.80 4.67 -10.37
C THR B 75 -31.95 4.78 -11.63
N SER B 76 -32.11 3.81 -12.52
CA SER B 76 -31.36 3.78 -13.77
C SER B 76 -32.06 4.55 -14.90
N SER B 77 -33.23 5.11 -14.59
CA SER B 77 -33.98 5.90 -15.56
C SER B 77 -35.25 6.45 -14.92
N PRO B 78 -35.85 7.49 -15.51
CA PRO B 78 -37.08 8.01 -14.91
C PRO B 78 -38.20 6.98 -15.04
N GLU B 79 -38.10 6.13 -16.06
CA GLU B 79 -39.10 5.08 -16.29
C GLU B 79 -39.03 4.07 -15.14
N ALA B 80 -37.81 3.77 -14.71
CA ALA B 80 -37.59 2.82 -13.62
C ALA B 80 -38.13 3.37 -12.31
N LEU B 81 -38.04 4.69 -12.12
CA LEU B 81 -38.56 5.29 -10.90
C LEU B 81 -40.07 5.07 -10.82
N GLU B 82 -40.77 5.38 -11.91
CA GLU B 82 -42.23 5.19 -11.90
C GLU B 82 -42.55 3.73 -11.62
N ARG B 83 -41.77 2.83 -12.22
CA ARG B 83 -41.96 1.39 -12.06
C ARG B 83 -41.83 0.97 -10.58
N ARG B 84 -40.73 1.35 -9.94
CA ARG B 84 -40.50 0.99 -8.55
C ARG B 84 -41.53 1.58 -7.58
N ALA B 85 -41.88 2.84 -7.77
CA ALA B 85 -42.86 3.48 -6.91
C ALA B 85 -44.22 2.81 -7.08
N LYS B 86 -44.52 2.41 -8.31
CA LYS B 86 -45.79 1.77 -8.64
C LYS B 86 -45.83 0.40 -7.96
N SER B 87 -44.69 -0.28 -7.95
CA SER B 87 -44.60 -1.60 -7.33
C SER B 87 -44.87 -1.50 -5.82
N LEU B 88 -44.26 -0.51 -5.17
CA LEU B 88 -44.44 -0.33 -3.74
C LEU B 88 -45.89 0.03 -3.43
N THR B 89 -46.45 0.99 -4.17
CA THR B 89 -47.83 1.40 -3.94
C THR B 89 -48.79 0.23 -4.16
N ASP B 90 -48.62 -0.49 -5.27
CA ASP B 90 -49.48 -1.64 -5.55
C ASP B 90 -49.33 -2.67 -4.44
N GLY B 91 -48.18 -2.65 -3.78
CA GLY B 91 -47.91 -3.59 -2.70
C GLY B 91 -48.38 -3.08 -1.34
N ASN B 92 -49.23 -2.06 -1.37
CA ASN B 92 -49.77 -1.45 -0.16
C ASN B 92 -48.74 -0.78 0.74
N VAL B 93 -47.61 -0.39 0.17
CA VAL B 93 -46.59 0.30 0.94
C VAL B 93 -46.90 1.78 0.83
N ASP B 94 -47.14 2.44 1.95
CA ASP B 94 -47.47 3.87 1.93
C ASP B 94 -46.26 4.68 1.48
N GLY B 95 -46.48 5.55 0.51
CA GLY B 95 -45.39 6.37 0.00
C GLY B 95 -45.87 7.76 -0.32
N THR B 96 -44.96 8.73 -0.32
CA THR B 96 -45.32 10.10 -0.63
C THR B 96 -44.29 10.70 -1.57
N TRP B 97 -44.77 11.48 -2.54
CA TRP B 97 -43.90 12.14 -3.49
C TRP B 97 -43.56 13.53 -2.98
N SER B 98 -42.32 13.94 -3.20
CA SER B 98 -41.89 15.26 -2.77
C SER B 98 -40.79 15.75 -3.68
N GLU B 99 -40.44 17.02 -3.52
CA GLU B 99 -39.38 17.64 -4.29
C GLU B 99 -38.96 18.86 -3.47
N ASP B 100 -38.27 18.60 -2.36
CA ASP B 100 -37.85 19.69 -1.48
C ASP B 100 -36.37 19.69 -1.10
N GLN B 101 -35.56 18.89 -1.80
CA GLN B 101 -34.14 18.83 -1.48
C GLN B 101 -33.24 19.52 -2.51
N PHE B 102 -32.28 20.26 -1.99
CA PHE B 102 -31.30 20.97 -2.78
C PHE B 102 -30.58 19.98 -3.71
N GLY B 103 -30.36 20.40 -4.95
CA GLY B 103 -29.64 19.56 -5.90
C GLY B 103 -30.32 18.31 -6.46
N TYR B 104 -31.58 18.08 -6.09
CA TYR B 104 -32.32 16.91 -6.56
C TYR B 104 -33.75 17.27 -6.95
N GLY B 105 -34.42 16.36 -7.67
CA GLY B 105 -35.79 16.60 -8.10
C GLY B 105 -36.83 15.75 -7.39
N LYS B 106 -37.85 15.35 -8.15
CA LYS B 106 -38.96 14.54 -7.65
C LYS B 106 -38.46 13.26 -6.95
N THR B 107 -38.92 13.05 -5.73
CA THR B 107 -38.50 11.90 -4.93
C THR B 107 -39.68 11.17 -4.29
N PHE B 108 -39.61 9.85 -4.26
CA PHE B 108 -40.64 9.00 -3.66
C PHE B 108 -40.13 8.52 -2.31
N GLU B 109 -40.83 8.87 -1.24
CA GLU B 109 -40.43 8.48 0.11
C GLU B 109 -41.33 7.39 0.67
N TYR B 110 -40.72 6.40 1.33
CA TYR B 110 -41.47 5.30 1.94
C TYR B 110 -40.67 4.69 3.10
N GLN B 111 -41.28 3.75 3.80
CA GLN B 111 -40.65 3.09 4.95
C GLN B 111 -40.31 1.64 4.67
N SER B 112 -39.19 1.16 5.20
CA SER B 112 -38.84 -0.24 5.01
C SER B 112 -39.79 -0.98 5.95
N PRO B 113 -39.88 -2.32 5.85
CA PRO B 113 -40.77 -3.06 6.73
C PRO B 113 -40.49 -2.86 8.22
N ASP B 114 -39.27 -2.42 8.51
CA ASP B 114 -38.85 -2.20 9.90
C ASP B 114 -38.85 -0.74 10.31
N GLY B 115 -39.28 0.15 9.43
CA GLY B 115 -39.33 1.57 9.76
C GLY B 115 -38.18 2.46 9.30
N HIS B 116 -37.29 1.97 8.44
CA HIS B 116 -36.21 2.84 7.99
C HIS B 116 -36.74 3.76 6.91
N ASN B 117 -36.31 5.02 6.92
CA ASN B 117 -36.76 5.99 5.92
C ASN B 117 -35.97 5.80 4.63
N LEU B 118 -36.64 5.37 3.57
CA LEU B 118 -35.99 5.15 2.30
C LEU B 118 -36.59 6.06 1.24
N GLN B 119 -35.82 6.34 0.20
CA GLN B 119 -36.30 7.21 -0.86
C GLN B 119 -35.76 6.76 -2.20
N LEU B 120 -36.52 7.03 -3.25
CA LEU B 120 -36.14 6.69 -4.61
C LEU B 120 -36.24 7.96 -5.46
N LEU B 121 -35.27 8.17 -6.34
CA LEU B 121 -35.31 9.34 -7.20
C LEU B 121 -34.52 9.09 -8.47
N TRP B 122 -34.74 9.95 -9.45
CA TRP B 122 -34.03 9.88 -10.71
C TRP B 122 -33.36 11.23 -10.95
N GLU B 123 -34.14 12.29 -10.76
CA GLU B 123 -33.66 13.64 -10.99
C GLU B 123 -32.58 14.08 -10.00
N ALA B 124 -31.36 14.13 -10.49
CA ALA B 124 -30.21 14.52 -9.68
C ALA B 124 -29.30 15.44 -10.49
N GLU B 125 -28.99 16.61 -9.94
CA GLU B 125 -28.13 17.57 -10.62
C GLU B 125 -26.70 17.02 -10.67
N LYS B 126 -26.04 17.17 -11.82
CA LYS B 126 -24.66 16.71 -11.92
C LYS B 126 -23.80 17.84 -11.37
N TYR B 127 -23.12 17.58 -10.27
CA TYR B 127 -22.28 18.60 -9.64
C TYR B 127 -21.10 19.05 -10.47
N VAL B 128 -20.95 20.37 -10.56
CA VAL B 128 -19.85 20.99 -11.30
C VAL B 128 -19.17 21.92 -10.29
N ALA B 129 -17.91 21.64 -10.02
CA ALA B 129 -17.14 22.43 -9.07
C ALA B 129 -16.76 23.80 -9.60
N PRO B 130 -16.37 24.72 -8.72
CA PRO B 130 -15.97 26.05 -9.17
C PRO B 130 -14.76 25.79 -10.06
N PRO B 131 -14.49 26.65 -11.04
CA PRO B 131 -13.36 26.45 -11.95
C PRO B 131 -12.04 26.02 -11.29
N GLU B 132 -11.59 26.75 -10.28
CA GLU B 132 -10.33 26.46 -9.61
C GLU B 132 -10.28 25.13 -8.88
N LEU B 133 -11.43 24.49 -8.68
CA LEU B 133 -11.48 23.22 -7.98
C LEU B 133 -11.73 22.02 -8.88
N ARG B 134 -11.82 22.27 -10.18
CA ARG B 134 -12.04 21.18 -11.12
C ARG B 134 -10.75 20.37 -11.28
N SER B 135 -10.89 19.06 -11.40
CA SER B 135 -9.74 18.19 -11.55
C SER B 135 -9.29 18.01 -12.99
N LYS B 136 -8.02 17.73 -13.18
CA LYS B 136 -7.46 17.51 -14.51
C LYS B 136 -7.91 16.12 -14.93
N ILE B 137 -8.30 15.31 -13.96
CA ILE B 137 -8.81 13.96 -14.26
C ILE B 137 -10.29 14.22 -14.63
N LEU B 138 -10.63 13.99 -15.89
CA LEU B 138 -11.98 14.29 -16.37
C LEU B 138 -13.17 13.59 -15.73
N THR B 139 -12.97 12.39 -15.18
CA THR B 139 -14.08 11.70 -14.53
C THR B 139 -14.25 12.12 -13.07
N ARG B 140 -13.33 12.96 -12.59
CA ARG B 140 -13.34 13.46 -11.21
C ARG B 140 -13.81 14.91 -11.21
N PRO B 141 -15.01 15.16 -10.65
CA PRO B 141 -15.54 16.53 -10.61
C PRO B 141 -14.71 17.56 -9.85
N SER B 142 -14.25 17.19 -8.66
CA SER B 142 -13.46 18.10 -7.82
C SER B 142 -12.09 17.53 -7.49
N LYS B 143 -11.10 18.41 -7.32
CA LYS B 143 -9.77 17.97 -6.95
C LYS B 143 -9.86 17.34 -5.56
N LYS B 144 -8.99 16.37 -5.28
CA LYS B 144 -8.98 15.77 -3.95
C LYS B 144 -8.52 16.85 -2.97
N PRO B 145 -9.30 17.07 -1.89
CA PRO B 145 -8.92 18.10 -0.90
C PRO B 145 -7.57 17.85 -0.25
N LEU B 146 -6.99 18.92 0.30
CA LEU B 146 -5.70 18.81 0.97
C LEU B 146 -5.94 18.80 2.47
N GLN B 147 -7.11 18.34 2.89
CA GLN B 147 -7.48 18.29 4.29
C GLN B 147 -7.80 16.88 4.77
N GLY B 148 -7.16 16.47 5.86
CA GLY B 148 -7.37 15.14 6.42
C GLY B 148 -7.06 14.05 5.43
N ILE B 149 -7.81 12.94 5.52
CA ILE B 149 -7.66 11.81 4.60
C ILE B 149 -9.04 11.81 3.93
N PRO B 150 -9.17 12.54 2.80
CA PRO B 150 -10.39 12.70 2.01
C PRO B 150 -11.06 11.46 1.44
N VAL B 151 -12.34 11.28 1.74
CA VAL B 151 -13.07 10.15 1.19
C VAL B 151 -13.50 10.57 -0.21
N LYS B 152 -13.60 9.59 -1.10
CA LYS B 152 -13.98 9.88 -2.49
C LYS B 152 -15.49 10.03 -2.66
N ARG B 153 -16.23 9.12 -2.04
CA ARG B 153 -17.68 9.15 -2.20
C ARG B 153 -18.34 8.28 -1.15
N ILE B 154 -19.67 8.30 -1.14
CA ILE B 154 -20.41 7.45 -0.22
C ILE B 154 -20.24 6.05 -0.80
N ASP B 155 -20.28 5.01 0.03
CA ASP B 155 -20.13 3.65 -0.51
C ASP B 155 -21.35 2.77 -0.27
N HIS B 156 -21.72 2.58 0.99
CA HIS B 156 -22.89 1.75 1.27
C HIS B 156 -23.57 2.08 2.58
N LEU B 157 -24.68 1.38 2.82
CA LEU B 157 -25.48 1.58 4.01
C LEU B 157 -25.75 0.22 4.66
N ASN B 158 -25.66 0.16 6.00
CA ASN B 158 -25.94 -1.08 6.72
C ASN B 158 -27.04 -0.78 7.73
N LEU B 159 -28.21 -1.38 7.53
CA LEU B 159 -29.35 -1.15 8.40
C LEU B 159 -29.52 -2.25 9.45
N MSE B 160 -29.92 -1.83 10.64
CA MSE B 160 -30.15 -2.78 11.74
C MSE B 160 -31.65 -3.01 11.79
O MSE B 160 -32.44 -2.07 11.69
CB MSE B 160 -29.64 -2.19 13.05
CG MSE B 160 -29.36 -3.19 14.16
SE MSE B 160 -28.28 -2.34 15.49
CE MSE B 160 -27.02 -3.79 15.86
N SER B 161 -32.06 -4.27 11.92
CA SER B 161 -33.47 -4.61 11.91
C SER B 161 -33.90 -5.72 12.86
N SER B 162 -35.18 -5.70 13.24
CA SER B 162 -35.74 -6.71 14.12
C SER B 162 -36.09 -7.93 13.27
N ASP B 163 -36.08 -7.74 11.96
CA ASP B 163 -36.41 -8.81 11.01
C ASP B 163 -35.62 -8.60 9.71
N VAL B 164 -34.47 -9.25 9.58
CA VAL B 164 -33.65 -9.10 8.38
C VAL B 164 -34.36 -9.57 7.12
N THR B 165 -34.99 -10.73 7.19
CA THR B 165 -35.68 -11.27 6.02
C THR B 165 -36.76 -10.35 5.46
N ALA B 166 -37.54 -9.73 6.34
CA ALA B 166 -38.61 -8.83 5.90
C ALA B 166 -38.05 -7.67 5.10
N VAL B 167 -36.92 -7.13 5.56
CA VAL B 167 -36.29 -6.02 4.87
C VAL B 167 -35.69 -6.52 3.56
N LYS B 168 -35.02 -7.66 3.60
CA LYS B 168 -34.43 -8.23 2.40
C LYS B 168 -35.49 -8.46 1.32
N ASP B 169 -36.61 -9.06 1.73
CA ASP B 169 -37.70 -9.35 0.80
C ASP B 169 -38.19 -8.09 0.09
N SER B 170 -38.28 -6.99 0.83
CA SER B 170 -38.73 -5.73 0.26
C SER B 170 -37.80 -5.23 -0.83
N PHE B 171 -36.50 -5.24 -0.53
CA PHE B 171 -35.53 -4.78 -1.52
C PHE B 171 -35.52 -5.68 -2.75
N GLU B 172 -35.63 -6.99 -2.56
CA GLU B 172 -35.63 -7.92 -3.68
C GLU B 172 -36.89 -7.79 -4.53
N ARG B 173 -38.04 -7.85 -3.88
CA ARG B 173 -39.33 -7.78 -4.55
C ARG B 173 -39.68 -6.43 -5.18
N HIS B 174 -39.58 -5.36 -4.41
CA HIS B 174 -39.95 -4.04 -4.93
C HIS B 174 -38.86 -3.28 -5.66
N LEU B 175 -37.60 -3.48 -5.29
CA LEU B 175 -36.51 -2.76 -5.94
C LEU B 175 -35.66 -3.60 -6.90
N GLY B 176 -35.83 -4.91 -6.85
CA GLY B 176 -35.07 -5.77 -7.76
C GLY B 176 -33.65 -6.11 -7.33
N PHE B 177 -33.30 -5.82 -6.07
CA PHE B 177 -31.97 -6.14 -5.57
C PHE B 177 -31.79 -7.65 -5.48
N ARG B 178 -30.53 -8.10 -5.52
CA ARG B 178 -30.20 -9.52 -5.39
C ARG B 178 -29.37 -9.60 -4.12
N THR B 179 -29.45 -10.70 -3.40
CA THR B 179 -28.66 -10.84 -2.19
C THR B 179 -27.43 -11.64 -2.57
N THR B 180 -26.26 -11.02 -2.42
CA THR B 180 -25.01 -11.66 -2.80
C THR B 180 -24.45 -12.59 -1.73
N GLU B 181 -24.61 -12.20 -0.47
CA GLU B 181 -24.13 -12.99 0.64
C GLU B 181 -25.06 -12.78 1.82
N ARG B 182 -25.06 -13.72 2.75
CA ARG B 182 -25.88 -13.63 3.94
C ARG B 182 -25.31 -14.52 5.02
N VAL B 183 -25.74 -14.30 6.24
CA VAL B 183 -25.29 -15.09 7.38
C VAL B 183 -26.54 -15.64 8.06
N VAL B 184 -26.54 -16.94 8.37
CA VAL B 184 -27.69 -17.57 9.01
C VAL B 184 -27.36 -18.22 10.35
N ASP B 185 -28.38 -18.32 11.19
CA ASP B 185 -28.30 -18.96 12.51
C ASP B 185 -29.50 -19.92 12.43
N GLY B 186 -29.22 -21.22 12.33
CA GLY B 186 -30.32 -22.16 12.17
C GLY B 186 -30.86 -21.87 10.78
N ASN B 187 -32.13 -21.48 10.68
CA ASN B 187 -32.70 -21.13 9.39
C ASN B 187 -33.09 -19.66 9.41
N VAL B 188 -32.52 -18.92 10.36
CA VAL B 188 -32.82 -17.49 10.51
C VAL B 188 -31.72 -16.61 9.92
N GLU B 189 -32.10 -15.67 9.06
CA GLU B 189 -31.12 -14.76 8.49
C GLU B 189 -30.82 -13.64 9.48
N ILE B 190 -29.56 -13.49 9.87
CA ILE B 190 -29.19 -12.42 10.80
C ILE B 190 -28.38 -11.35 10.07
N GLY B 191 -28.14 -11.58 8.78
CA GLY B 191 -27.41 -10.62 7.98
C GLY B 191 -27.60 -10.86 6.50
N ALA B 192 -27.76 -9.79 5.73
CA ALA B 192 -27.94 -9.90 4.28
C ALA B 192 -27.30 -8.69 3.60
N TRP B 193 -26.55 -8.96 2.54
CA TRP B 193 -25.87 -7.92 1.76
C TRP B 193 -26.46 -7.96 0.38
N MSE B 194 -26.98 -6.82 -0.07
CA MSE B 194 -27.68 -6.73 -1.34
C MSE B 194 -27.16 -5.70 -2.31
O MSE B 194 -26.66 -4.65 -1.92
CB MSE B 194 -29.15 -6.46 -1.04
CG MSE B 194 -29.74 -7.37 0.05
SE MSE B 194 -31.34 -6.63 0.85
CE MSE B 194 -30.51 -5.52 2.12
N SER B 195 -27.33 -6.00 -3.60
CA SER B 195 -26.84 -5.10 -4.64
C SER B 195 -27.69 -5.15 -5.90
N SER B 196 -27.56 -4.11 -6.72
CA SER B 196 -28.29 -4.04 -7.98
C SER B 196 -27.27 -3.89 -9.09
N ASN B 197 -26.00 -3.96 -8.73
CA ASN B 197 -24.92 -3.81 -9.69
C ASN B 197 -23.74 -4.73 -9.36
N LEU B 198 -22.58 -4.49 -9.95
CA LEU B 198 -21.47 -5.39 -9.68
C LEU B 198 -20.82 -5.29 -8.30
N LEU B 199 -21.23 -4.31 -7.50
CA LEU B 199 -20.69 -4.19 -6.15
C LEU B 199 -21.30 -5.32 -5.34
N GLY B 200 -20.59 -5.79 -4.32
CA GLY B 200 -21.11 -6.87 -3.50
C GLY B 200 -22.39 -6.42 -2.82
N HIS B 201 -22.44 -5.13 -2.49
CA HIS B 201 -23.60 -4.56 -1.84
C HIS B 201 -23.47 -3.07 -1.71
N GLU B 202 -24.61 -2.40 -1.61
CA GLU B 202 -24.66 -0.97 -1.38
C GLU B 202 -25.62 -0.77 -0.22
N VAL B 203 -26.36 -1.83 0.09
CA VAL B 203 -27.30 -1.83 1.19
C VAL B 203 -27.24 -3.20 1.86
N ALA B 204 -27.11 -3.20 3.18
CA ALA B 204 -27.05 -4.43 3.94
C ALA B 204 -28.02 -4.32 5.09
N CYS B 205 -28.34 -5.44 5.72
CA CYS B 205 -29.26 -5.45 6.84
C CYS B 205 -28.80 -6.52 7.81
N MSE B 206 -28.69 -6.14 9.07
CA MSE B 206 -28.24 -7.06 10.10
C MSE B 206 -29.18 -7.06 11.31
O MSE B 206 -29.76 -6.02 11.64
CB MSE B 206 -26.81 -6.70 10.53
CG MSE B 206 -25.81 -6.66 9.37
SE MSE B 206 -24.03 -6.63 9.96
CE MSE B 206 -24.20 -5.14 11.15
N ARG B 207 -29.32 -8.21 11.96
CA ARG B 207 -30.21 -8.35 13.09
C ARG B 207 -29.82 -7.54 14.33
N ASP B 208 -30.76 -6.73 14.79
CA ASP B 208 -30.58 -5.89 15.97
C ASP B 208 -30.67 -6.80 17.18
N MSE B 209 -29.52 -7.11 17.76
CA MSE B 209 -29.47 -8.01 18.91
C MSE B 209 -30.04 -7.44 20.22
O MSE B 209 -30.01 -8.12 21.25
CB MSE B 209 -28.04 -8.53 19.11
CG MSE B 209 -27.46 -9.35 17.93
SE MSE B 209 -28.51 -10.94 17.40
CE MSE B 209 -27.12 -12.32 17.63
N THR B 210 -30.55 -6.21 20.20
CA THR B 210 -31.12 -5.61 21.40
C THR B 210 -32.64 -5.71 21.35
N GLY B 211 -33.15 -6.15 20.21
CA GLY B 211 -34.59 -6.27 20.05
C GLY B 211 -35.22 -5.01 19.48
N GLY B 212 -34.39 -4.01 19.17
CA GLY B 212 -34.91 -2.77 18.64
C GLY B 212 -35.21 -2.89 17.15
N HIS B 213 -35.64 -1.80 16.54
CA HIS B 213 -35.95 -1.83 15.12
C HIS B 213 -35.82 -0.47 14.44
N GLY B 214 -35.69 -0.51 13.12
CA GLY B 214 -35.56 0.71 12.33
C GLY B 214 -34.31 1.52 12.60
N LYS B 215 -33.27 0.91 13.16
CA LYS B 215 -32.03 1.64 13.46
C LYS B 215 -30.99 1.57 12.35
N LEU B 216 -29.99 2.44 12.46
CA LEU B 216 -28.89 2.51 11.52
C LEU B 216 -27.69 1.85 12.16
N HIS B 217 -27.05 0.91 11.47
CA HIS B 217 -25.86 0.30 12.04
C HIS B 217 -24.70 1.20 11.64
N HIS B 218 -24.54 1.45 10.35
CA HIS B 218 -23.48 2.35 9.89
C HIS B 218 -23.62 2.82 8.45
N LEU B 219 -22.94 3.94 8.16
CA LEU B 219 -22.91 4.53 6.84
C LEU B 219 -21.43 4.43 6.48
N ALA B 220 -21.13 3.98 5.26
CA ALA B 220 -19.74 3.82 4.85
C ALA B 220 -19.35 4.74 3.70
N PHE B 221 -18.10 5.18 3.75
CA PHE B 221 -17.53 6.04 2.72
C PHE B 221 -16.31 5.35 2.11
N PHE B 222 -16.12 5.57 0.81
CA PHE B 222 -15.09 4.92 0.02
C PHE B 222 -13.72 5.59 -0.17
N TYR B 223 -12.65 4.84 0.11
CA TYR B 223 -11.28 5.31 -0.10
C TYR B 223 -10.75 4.57 -1.33
N GLY B 224 -11.00 3.27 -1.36
CA GLY B 224 -10.54 2.43 -2.47
C GLY B 224 -9.09 2.03 -2.32
N THR B 225 -8.48 2.43 -1.21
CA THR B 225 -7.08 2.14 -0.94
C THR B 225 -6.92 1.69 0.52
N GLY B 226 -6.40 0.48 0.71
CA GLY B 226 -6.22 -0.03 2.06
C GLY B 226 -5.34 0.85 2.94
N GLN B 227 -4.30 1.41 2.34
CA GLN B 227 -3.39 2.27 3.10
C GLN B 227 -4.12 3.44 3.72
N HIS B 228 -5.20 3.89 3.08
CA HIS B 228 -5.93 5.02 3.63
C HIS B 228 -6.73 4.72 4.89
N ASN B 229 -7.03 3.45 5.13
CA ASN B 229 -7.72 3.10 6.36
C ASN B 229 -6.66 3.14 7.47
N ILE B 230 -5.44 2.77 7.09
CA ILE B 230 -4.34 2.80 8.03
C ILE B 230 -4.05 4.26 8.40
N ASP B 231 -4.01 5.13 7.39
CA ASP B 231 -3.77 6.56 7.67
C ASP B 231 -4.93 7.13 8.49
N ALA B 232 -6.15 6.78 8.11
CA ALA B 232 -7.33 7.28 8.81
C ALA B 232 -7.39 6.86 10.28
N VAL B 233 -7.07 5.60 10.57
CA VAL B 233 -7.15 5.17 11.96
C VAL B 233 -6.09 5.82 12.83
N GLU B 234 -4.92 6.09 12.26
CA GLU B 234 -3.85 6.73 13.02
C GLU B 234 -4.30 8.15 13.34
N MSE B 235 -5.00 8.76 12.38
CA MSE B 235 -5.52 10.10 12.56
C MSE B 235 -6.55 10.09 13.69
O MSE B 235 -6.46 10.86 14.64
CB MSE B 235 -6.15 10.60 11.25
CG MSE B 235 -6.92 11.93 11.33
SE MSE B 235 -7.58 12.57 9.63
CE MSE B 235 -8.76 11.16 9.22
N PHE B 236 -7.52 9.18 13.59
CA PHE B 236 -8.56 9.10 14.61
C PHE B 236 -7.98 8.85 16.00
N ARG B 237 -6.97 7.99 16.07
CA ARG B 237 -6.36 7.70 17.37
C ARG B 237 -5.74 8.95 17.98
N ASP B 238 -4.88 9.62 17.23
CA ASP B 238 -4.24 10.80 17.75
C ASP B 238 -5.15 12.01 17.92
N TYR B 239 -6.28 12.05 17.20
CA TYR B 239 -7.18 13.20 17.33
C TYR B 239 -8.45 12.90 18.13
N ASP B 240 -8.37 11.87 18.96
CA ASP B 240 -9.43 11.47 19.87
C ASP B 240 -10.79 11.07 19.35
N ILE B 241 -10.81 10.24 18.30
CA ILE B 241 -12.07 9.73 17.77
C ILE B 241 -12.10 8.27 18.20
N GLN B 242 -13.21 7.84 18.76
CA GLN B 242 -13.34 6.47 19.25
C GLN B 242 -13.31 5.44 18.11
N ILE B 243 -12.36 4.51 18.22
CA ILE B 243 -12.20 3.46 17.22
C ILE B 243 -12.85 2.18 17.73
N GLU B 244 -13.73 1.59 16.91
CA GLU B 244 -14.42 0.38 17.30
C GLU B 244 -13.67 -0.87 16.88
N ALA B 245 -13.31 -0.96 15.60
CA ALA B 245 -12.58 -2.11 15.10
C ALA B 245 -11.97 -1.83 13.74
N GLY B 246 -10.94 -2.61 13.41
CA GLY B 246 -10.27 -2.42 12.14
C GLY B 246 -9.04 -1.55 12.36
N PRO B 247 -8.25 -1.31 11.30
CA PRO B 247 -8.50 -1.83 9.95
C PRO B 247 -8.17 -3.31 9.76
N ASP B 248 -9.01 -3.98 8.98
CA ASP B 248 -8.83 -5.39 8.66
C ASP B 248 -9.77 -5.60 7.48
N LYS B 249 -10.04 -6.86 7.15
CA LYS B 249 -10.91 -7.16 6.03
C LYS B 249 -11.93 -8.22 6.41
N HIS B 250 -13.21 -7.97 6.10
CA HIS B 250 -14.26 -8.95 6.39
C HIS B 250 -14.23 -9.99 5.29
N GLY B 251 -14.31 -11.27 5.64
CA GLY B 251 -14.34 -12.31 4.60
C GLY B 251 -15.66 -12.08 3.87
N ILE B 252 -16.72 -11.83 4.66
CA ILE B 252 -18.03 -11.55 4.12
C ILE B 252 -17.93 -10.21 3.39
N THR B 253 -18.23 -10.23 2.09
CA THR B 253 -18.17 -9.07 1.20
C THR B 253 -16.74 -8.65 0.83
N GLN B 254 -15.74 -9.33 1.40
CA GLN B 254 -14.34 -9.02 1.13
C GLN B 254 -14.10 -7.51 1.18
N SER B 255 -14.54 -6.89 2.27
CA SER B 255 -14.40 -5.44 2.44
C SER B 255 -13.32 -5.05 3.45
N GLN B 256 -12.43 -4.14 3.07
CA GLN B 256 -11.40 -3.67 4.01
C GLN B 256 -12.13 -2.62 4.82
N PHE B 257 -12.29 -2.89 6.11
CA PHE B 257 -13.06 -2.00 6.99
C PHE B 257 -12.33 -1.29 8.10
N LEU B 258 -12.97 -0.22 8.58
CA LEU B 258 -12.49 0.57 9.71
C LEU B 258 -13.75 1.21 10.28
N TYR B 259 -14.11 0.84 11.51
CA TYR B 259 -15.30 1.41 12.14
C TYR B 259 -14.95 2.37 13.27
N VAL B 260 -15.50 3.58 13.20
CA VAL B 260 -15.26 4.58 14.24
C VAL B 260 -16.61 5.24 14.57
N PHE B 261 -16.64 5.96 15.69
CA PHE B 261 -17.87 6.64 16.08
C PHE B 261 -17.69 8.14 15.93
N GLU B 262 -18.49 8.76 15.09
CA GLU B 262 -18.38 10.20 14.93
C GLU B 262 -18.93 10.82 16.22
N PRO B 263 -18.58 12.09 16.50
CA PRO B 263 -19.04 12.79 17.71
C PRO B 263 -20.51 12.68 18.08
N GLY B 264 -21.39 12.67 17.07
CA GLY B 264 -22.82 12.57 17.32
C GLY B 264 -23.31 11.22 17.82
N GLY B 265 -22.48 10.19 17.69
CA GLY B 265 -22.89 8.86 18.16
C GLY B 265 -23.11 7.82 17.07
N ASN B 266 -23.13 8.26 15.82
CA ASN B 266 -23.33 7.35 14.68
C ASN B 266 -22.06 6.59 14.34
N ARG B 267 -22.22 5.35 13.89
CA ARG B 267 -21.06 4.56 13.50
C ARG B 267 -20.75 4.80 12.03
N ILE B 268 -19.52 5.18 11.75
CA ILE B 268 -19.10 5.45 10.38
C ILE B 268 -18.02 4.46 9.96
N GLU B 269 -18.14 3.93 8.75
CA GLU B 269 -17.14 2.99 8.25
C GLU B 269 -16.30 3.59 7.12
N LEU B 270 -14.98 3.41 7.19
CA LEU B 270 -14.11 3.87 6.12
C LEU B 270 -13.81 2.57 5.38
N PHE B 271 -14.06 2.59 4.09
CA PHE B 271 -13.92 1.44 3.22
C PHE B 271 -12.67 1.53 2.31
N GLY B 272 -11.87 0.46 2.30
CA GLY B 272 -10.67 0.43 1.49
C GLY B 272 -10.88 -0.02 0.05
N GLU B 273 -10.12 -1.02 -0.39
CA GLU B 273 -10.23 -1.55 -1.76
C GLU B 273 -11.62 -2.06 -2.11
N ALA B 274 -12.09 -1.75 -3.31
CA ALA B 274 -13.42 -2.20 -3.75
C ALA B 274 -13.59 -3.69 -3.46
N GLY B 275 -12.50 -4.44 -3.62
CA GLY B 275 -12.54 -5.87 -3.33
C GLY B 275 -12.98 -6.78 -4.46
N TYR B 276 -13.96 -7.64 -4.15
CA TYR B 276 -14.50 -8.61 -5.10
C TYR B 276 -15.71 -8.04 -5.83
N LEU B 277 -15.60 -7.90 -7.14
CA LEU B 277 -16.69 -7.38 -7.93
C LEU B 277 -17.47 -8.58 -8.50
N HIS B 278 -18.79 -8.50 -8.45
CA HIS B 278 -19.65 -9.57 -8.91
C HIS B 278 -19.90 -9.51 -10.41
N LEU B 279 -18.94 -10.00 -11.19
CA LEU B 279 -19.03 -9.99 -12.65
C LEU B 279 -19.93 -11.10 -13.17
N ASP B 280 -19.93 -12.25 -12.50
CA ASP B 280 -20.76 -13.38 -12.90
C ASP B 280 -22.20 -12.93 -12.66
N PRO B 281 -22.99 -12.84 -13.74
CA PRO B 281 -24.40 -12.42 -13.67
C PRO B 281 -25.39 -13.31 -12.93
N ASP B 282 -25.07 -14.59 -12.75
CA ASP B 282 -26.02 -15.45 -12.05
C ASP B 282 -25.37 -16.34 -11.01
N ALA B 283 -24.53 -15.72 -10.18
CA ALA B 283 -23.85 -16.43 -9.10
C ALA B 283 -24.86 -16.69 -7.99
N GLU B 284 -24.81 -17.87 -7.39
CA GLU B 284 -25.72 -18.20 -6.30
C GLU B 284 -25.34 -17.44 -5.04
N THR B 285 -26.34 -17.07 -4.25
CA THR B 285 -26.08 -16.36 -3.01
C THR B 285 -25.18 -17.23 -2.12
N LYS B 286 -24.16 -16.62 -1.54
CA LYS B 286 -23.26 -17.37 -0.66
C LYS B 286 -23.79 -17.24 0.77
N THR B 287 -23.99 -18.37 1.44
CA THR B 287 -24.50 -18.40 2.79
C THR B 287 -23.46 -18.77 3.83
N TRP B 288 -23.15 -17.84 4.73
CA TRP B 288 -22.18 -18.06 5.81
C TRP B 288 -22.90 -18.62 7.03
N GLN B 289 -22.24 -19.54 7.72
CA GLN B 289 -22.78 -20.19 8.91
C GLN B 289 -21.96 -19.81 10.15
N MSE B 290 -22.42 -20.24 11.31
CA MSE B 290 -21.71 -19.96 12.56
C MSE B 290 -20.42 -20.76 12.64
O MSE B 290 -19.40 -20.28 13.13
CB MSE B 290 -22.60 -20.30 13.76
CG MSE B 290 -23.91 -19.54 13.78
SE MSE B 290 -23.78 -17.59 13.88
CE MSE B 290 -23.65 -17.14 12.01
N SER B 291 -20.48 -21.98 12.12
CA SER B 291 -19.34 -22.89 12.13
C SER B 291 -18.11 -22.36 11.40
N ASP B 292 -18.33 -21.48 10.43
CA ASP B 292 -17.22 -20.94 9.68
C ASP B 292 -17.30 -19.43 9.57
N ILE B 293 -17.73 -18.78 10.64
CA ILE B 293 -17.89 -17.33 10.63
C ILE B 293 -16.60 -16.56 10.94
N ASP B 294 -15.59 -17.27 11.44
CA ASP B 294 -14.31 -16.64 11.78
C ASP B 294 -13.78 -15.79 10.64
N THR B 295 -13.53 -16.44 9.51
CA THR B 295 -13.01 -15.76 8.33
C THR B 295 -14.01 -14.70 7.85
N GLY B 296 -15.30 -14.99 7.99
CA GLY B 296 -16.31 -14.06 7.58
C GLY B 296 -16.22 -12.74 8.31
N LEU B 297 -16.01 -12.79 9.63
CA LEU B 297 -15.91 -11.57 10.42
C LEU B 297 -14.62 -10.80 10.15
N ALA B 298 -13.51 -11.52 10.06
CA ALA B 298 -12.22 -10.90 9.78
C ALA B 298 -11.16 -11.91 9.31
N VAL B 299 -10.52 -11.59 8.19
CA VAL B 299 -9.47 -12.44 7.65
C VAL B 299 -8.24 -12.37 8.56
N GLY B 300 -7.97 -11.17 9.05
CA GLY B 300 -6.83 -10.98 9.95
C GLY B 300 -7.21 -11.27 11.39
N GLY B 301 -6.46 -10.69 12.32
CA GLY B 301 -6.72 -10.93 13.73
C GLY B 301 -7.75 -10.04 14.41
N ALA B 302 -8.41 -9.18 13.64
CA ALA B 302 -9.40 -8.27 14.21
C ALA B 302 -10.55 -8.99 14.94
N LYS B 303 -10.99 -8.42 16.05
CA LYS B 303 -12.09 -8.99 16.82
C LYS B 303 -13.18 -7.94 16.98
N LEU B 304 -14.38 -8.25 16.51
CA LEU B 304 -15.51 -7.32 16.61
C LEU B 304 -16.14 -7.42 18.00
N PRO B 305 -16.16 -6.31 18.75
CA PRO B 305 -16.72 -6.22 20.11
C PRO B 305 -18.22 -6.51 20.19
N TRP B 306 -18.59 -7.48 21.01
CA TRP B 306 -20.00 -7.80 21.18
C TRP B 306 -20.76 -6.64 21.83
N GLU B 307 -20.10 -5.96 22.76
CA GLU B 307 -20.73 -4.85 23.47
C GLU B 307 -21.02 -3.62 22.62
N SER B 308 -20.60 -3.64 21.36
CA SER B 308 -20.90 -2.50 20.51
C SER B 308 -21.26 -2.88 19.08
N TYR B 309 -20.39 -3.60 18.40
CA TYR B 309 -20.65 -3.95 17.00
C TYR B 309 -21.95 -4.71 16.73
N PHE B 310 -22.18 -5.81 17.43
CA PHE B 310 -23.38 -6.59 17.21
C PHE B 310 -24.61 -6.09 17.94
N THR B 311 -24.45 -5.09 18.80
CA THR B 311 -25.57 -4.59 19.59
C THR B 311 -25.92 -3.10 19.49
N TYR B 312 -24.95 -2.25 19.19
CA TYR B 312 -25.20 -0.81 19.11
C TYR B 312 -25.58 -0.29 17.73
N GLY B 313 -26.67 0.48 17.70
CA GLY B 313 -27.17 1.09 16.48
C GLY B 313 -27.83 2.40 16.87
N THR B 314 -28.09 3.28 15.91
CA THR B 314 -28.70 4.56 16.23
C THR B 314 -30.04 4.76 15.52
N PRO B 315 -30.99 5.44 16.20
CA PRO B 315 -30.83 5.97 17.55
C PRO B 315 -30.79 4.88 18.63
N SER B 316 -30.09 5.17 19.71
CA SER B 316 -29.96 4.25 20.82
C SER B 316 -30.59 4.84 22.07
N PRO B 317 -31.39 4.05 22.81
CA PRO B 317 -32.02 4.59 24.02
C PRO B 317 -30.97 4.94 25.08
N LEU B 318 -29.79 4.33 24.95
CA LEU B 318 -28.70 4.55 25.88
C LEU B 318 -27.54 5.24 25.16
N SER B 319 -26.73 5.99 25.90
CA SER B 319 -25.59 6.66 25.29
C SER B 319 -24.59 5.56 24.93
N LEU B 320 -23.67 5.86 24.04
CA LEU B 320 -22.67 4.89 23.62
C LEU B 320 -21.95 4.29 24.83
N ASP B 321 -21.54 5.14 25.76
CA ASP B 321 -20.84 4.68 26.97
C ASP B 321 -21.73 3.78 27.82
N GLN B 322 -22.96 4.21 28.04
CA GLN B 322 -23.93 3.46 28.81
C GLN B 322 -24.15 2.09 28.17
N HIS B 323 -24.25 2.09 26.84
CA HIS B 323 -24.46 0.87 26.08
C HIS B 323 -23.33 -0.13 26.26
N ILE B 324 -22.10 0.30 26.00
CA ILE B 324 -20.94 -0.56 26.12
C ILE B 324 -20.81 -1.16 27.51
N GLU B 325 -21.14 -0.38 28.53
CA GLU B 325 -21.06 -0.83 29.91
C GLU B 325 -22.10 -1.91 30.18
N LYS B 326 -23.30 -1.72 29.65
CA LYS B 326 -24.39 -2.68 29.84
C LYS B 326 -24.15 -4.01 29.15
N TYR B 327 -23.77 -3.98 27.87
CA TYR B 327 -23.54 -5.21 27.13
C TYR B 327 -22.14 -5.78 27.25
N ALA B 328 -21.31 -5.14 28.07
CA ALA B 328 -19.95 -5.60 28.27
C ALA B 328 -19.95 -6.98 28.94
N HIS B 329 -20.93 -7.20 29.81
CA HIS B 329 -21.04 -8.47 30.50
C HIS B 329 -22.09 -9.39 29.92
N ASP C 4 35.62 4.47 16.57
CA ASP C 4 36.34 5.75 16.36
C ASP C 4 36.19 6.22 14.91
N ALA C 5 35.83 7.48 14.73
CA ALA C 5 35.66 8.08 13.42
C ALA C 5 34.39 7.60 12.72
N ARG C 6 34.29 6.28 12.50
CA ARG C 6 33.13 5.70 11.84
C ARG C 6 31.81 6.18 12.42
N PHE C 7 31.75 6.26 13.74
CA PHE C 7 30.53 6.64 14.44
C PHE C 7 30.45 8.08 14.95
N ASP C 8 31.33 8.94 14.45
CA ASP C 8 31.35 10.34 14.89
C ASP C 8 30.19 11.19 14.39
N ILE C 9 29.66 10.87 13.21
CA ILE C 9 28.53 11.62 12.67
C ILE C 9 27.25 10.81 12.88
N ALA C 10 26.24 11.41 13.51
CA ALA C 10 25.00 10.71 13.78
C ALA C 10 23.98 10.74 12.63
N HIS C 11 23.66 11.93 12.14
CA HIS C 11 22.69 12.04 11.06
C HIS C 11 22.62 13.45 10.47
N LEU C 12 21.82 13.59 9.41
CA LEU C 12 21.63 14.87 8.75
C LEU C 12 20.53 15.60 9.53
N ALA C 13 20.91 16.68 10.20
CA ALA C 13 19.97 17.41 11.02
C ALA C 13 19.06 18.39 10.27
N ARG C 14 19.65 19.17 9.38
CA ARG C 14 18.87 20.19 8.68
C ARG C 14 19.54 20.68 7.39
N ALA C 15 18.79 21.48 6.64
CA ALA C 15 19.27 22.06 5.40
C ALA C 15 18.55 23.38 5.20
N GLU C 16 19.18 24.28 4.46
CA GLU C 16 18.58 25.58 4.16
C GLU C 16 18.47 25.68 2.64
N LEU C 17 17.29 26.09 2.17
CA LEU C 17 17.04 26.26 0.74
C LEU C 17 16.88 27.73 0.40
N PHE C 18 17.56 28.19 -0.64
CA PHE C 18 17.44 29.57 -1.09
C PHE C 18 16.31 29.59 -2.11
N SER C 19 15.49 30.63 -2.11
CA SER C 19 14.40 30.70 -3.07
C SER C 19 14.02 32.12 -3.46
N PRO C 20 13.91 32.37 -4.77
CA PRO C 20 13.54 33.69 -5.28
C PRO C 20 12.02 33.89 -5.19
N LYS C 21 11.32 32.85 -4.73
CA LYS C 21 9.87 32.90 -4.55
C LYS C 21 9.60 32.27 -3.19
N PRO C 22 10.19 32.86 -2.13
CA PRO C 22 10.06 32.41 -0.74
C PRO C 22 8.66 32.09 -0.24
N GLN C 23 7.67 32.90 -0.63
CA GLN C 23 6.31 32.63 -0.16
C GLN C 23 5.74 31.38 -0.82
N GLU C 24 5.93 31.26 -2.12
CA GLU C 24 5.44 30.10 -2.84
C GLU C 24 6.15 28.83 -2.35
N THR C 25 7.44 28.95 -2.04
CA THR C 25 8.20 27.81 -1.55
C THR C 25 7.68 27.39 -0.18
N LEU C 26 7.39 28.38 0.66
CA LEU C 26 6.85 28.11 1.98
C LEU C 26 5.49 27.44 1.86
N ASP C 27 4.67 27.89 0.91
CA ASP C 27 3.35 27.32 0.72
C ASP C 27 3.47 25.85 0.26
N PHE C 28 4.49 25.59 -0.54
CA PHE C 28 4.73 24.24 -1.05
C PHE C 28 5.01 23.26 0.11
N PHE C 29 5.86 23.66 1.03
CA PHE C 29 6.21 22.80 2.15
C PHE C 29 5.17 22.68 3.25
N THR C 30 4.26 23.65 3.31
CA THR C 30 3.22 23.63 4.33
C THR C 30 1.89 23.11 3.81
N LYS C 31 1.42 23.68 2.71
CA LYS C 31 0.14 23.25 2.16
C LYS C 31 0.16 21.87 1.53
N PHE C 32 1.27 21.49 0.89
CA PHE C 32 1.36 20.18 0.26
C PHE C 32 2.12 19.16 1.11
N LEU C 33 3.28 19.56 1.65
CA LEU C 33 4.07 18.64 2.45
C LEU C 33 3.79 18.67 3.96
N GLY C 34 2.80 19.47 4.35
CA GLY C 34 2.38 19.55 5.74
C GLY C 34 3.42 19.74 6.83
N MSE C 35 4.44 20.56 6.57
CA MSE C 35 5.46 20.78 7.60
C MSE C 35 5.01 21.88 8.56
O MSE C 35 4.31 22.82 8.19
CB MSE C 35 6.81 21.13 6.95
CG MSE C 35 7.45 20.01 6.14
SE MSE C 35 9.12 20.52 5.38
CE MSE C 35 10.23 20.30 6.89
N TYR C 36 5.45 21.74 9.81
CA TYR C 36 5.15 22.71 10.86
C TYR C 36 6.10 23.90 10.78
N VAL C 37 5.55 25.11 10.94
CA VAL C 37 6.39 26.30 10.94
C VAL C 37 6.70 26.55 12.41
N THR C 38 7.97 26.57 12.77
CA THR C 38 8.36 26.76 14.17
C THR C 38 8.96 28.14 14.48
N HIS C 39 9.41 28.84 13.45
CA HIS C 39 10.02 30.14 13.67
C HIS C 39 10.01 30.98 12.40
N ARG C 40 9.86 32.29 12.57
CA ARG C 40 9.86 33.24 11.48
C ARG C 40 10.81 34.36 11.88
N GLU C 41 11.73 34.71 10.99
CA GLU C 41 12.69 35.74 11.30
C GLU C 41 13.25 36.41 10.07
N GLY C 42 12.92 37.70 9.92
CA GLY C 42 13.40 38.48 8.80
C GLY C 42 13.17 37.91 7.41
N GLN C 43 14.23 37.40 6.81
CA GLN C 43 14.18 36.85 5.45
C GLN C 43 14.05 35.34 5.41
N SER C 44 13.85 34.70 6.55
CA SER C 44 13.77 33.25 6.57
C SER C 44 12.66 32.68 7.44
N VAL C 45 12.26 31.46 7.12
CA VAL C 45 11.23 30.76 7.86
C VAL C 45 11.80 29.37 8.20
N TYR C 46 11.47 28.89 9.39
CA TYR C 46 12.00 27.60 9.86
C TYR C 46 10.88 26.56 9.99
N LEU C 47 11.13 25.35 9.47
CA LEU C 47 10.11 24.28 9.54
C LEU C 47 10.66 22.92 9.94
N ARG C 48 9.76 22.02 10.32
CA ARG C 48 10.12 20.66 10.71
C ARG C 48 8.98 19.68 10.43
N GLY C 49 9.35 18.45 10.10
CA GLY C 49 8.36 17.41 9.86
C GLY C 49 7.90 17.02 11.25
N TYR C 50 6.75 16.35 11.37
CA TYR C 50 6.26 16.01 12.69
C TYR C 50 7.13 15.02 13.47
N GLU C 51 8.09 14.38 12.79
CA GLU C 51 8.98 13.48 13.49
C GLU C 51 10.43 13.94 13.50
N ASP C 52 10.69 15.17 13.04
CA ASP C 52 12.06 15.71 13.10
C ASP C 52 12.27 16.00 14.60
N PRO C 53 13.44 15.63 15.15
CA PRO C 53 13.74 15.84 16.57
C PRO C 53 14.04 17.24 17.08
N TYR C 54 14.52 18.12 16.20
CA TYR C 54 14.88 19.48 16.61
C TYR C 54 13.87 20.52 16.14
N PRO C 55 13.99 21.78 16.61
CA PRO C 55 13.06 22.84 16.21
C PRO C 55 12.84 22.97 14.71
N TRP C 56 13.87 22.72 13.92
CA TRP C 56 13.72 22.78 12.47
C TRP C 56 14.68 21.85 11.73
N SER C 57 14.27 21.46 10.53
CA SER C 57 15.09 20.59 9.68
C SER C 57 15.19 21.28 8.32
N LEU C 58 14.36 22.29 8.11
CA LEU C 58 14.36 23.05 6.86
C LEU C 58 14.26 24.55 7.11
N LYS C 59 15.11 25.30 6.43
CA LYS C 59 15.12 26.75 6.53
C LYS C 59 14.94 27.28 5.11
N ILE C 60 13.90 28.10 4.91
CA ILE C 60 13.64 28.68 3.60
C ILE C 60 14.07 30.14 3.69
N THR C 61 15.01 30.52 2.84
CA THR C 61 15.52 31.89 2.85
C THR C 61 15.36 32.60 1.52
N GLU C 62 14.83 33.82 1.56
CA GLU C 62 14.66 34.60 0.35
C GLU C 62 16.03 34.92 -0.22
N ALA C 63 16.21 34.65 -1.50
CA ALA C 63 17.49 34.91 -2.17
C ALA C 63 17.27 35.23 -3.64
N PRO C 64 18.29 35.80 -4.30
CA PRO C 64 18.19 36.15 -5.72
C PRO C 64 18.09 34.91 -6.60
N GLU C 65 18.66 33.81 -6.13
CA GLU C 65 18.65 32.55 -6.88
C GLU C 65 18.35 31.35 -5.97
N ALA C 66 18.03 30.21 -6.57
CA ALA C 66 17.74 29.01 -5.80
C ALA C 66 19.05 28.35 -5.37
N GLY C 67 18.95 27.22 -4.68
CA GLY C 67 20.14 26.53 -4.24
C GLY C 67 20.13 26.19 -2.77
N MSE C 68 21.24 25.67 -2.29
CA MSE C 68 21.36 25.28 -0.89
C MSE C 68 22.19 26.29 -0.11
O MSE C 68 23.34 26.58 -0.47
CB MSE C 68 21.98 23.88 -0.78
CG MSE C 68 22.35 23.47 0.64
SE MSE C 68 22.95 21.64 0.82
CE MSE C 68 21.34 20.92 1.65
N GLY C 69 21.61 26.82 0.96
CA GLY C 69 22.33 27.76 1.81
C GLY C 69 23.35 26.98 2.61
N HIS C 70 22.93 25.81 3.09
CA HIS C 70 23.82 24.92 3.84
C HIS C 70 23.06 23.66 4.24
N ALA C 71 23.81 22.72 4.82
CA ALA C 71 23.29 21.46 5.32
C ALA C 71 24.12 21.19 6.57
N ALA C 72 23.46 20.83 7.66
CA ALA C 72 24.17 20.56 8.90
C ALA C 72 23.95 19.14 9.37
N MSE C 73 25.04 18.51 9.79
CA MSE C 73 24.99 17.15 10.29
C MSE C 73 25.28 17.22 11.78
O MSE C 73 26.11 18.01 12.23
CB MSE C 73 26.05 16.30 9.60
CG MSE C 73 25.84 16.12 8.11
SE MSE C 73 27.46 15.58 7.25
CE MSE C 73 28.12 17.32 6.82
N ARG C 74 24.56 16.41 12.54
CA ARG C 74 24.78 16.39 13.97
C ARG C 74 25.72 15.25 14.31
N THR C 75 26.63 15.47 15.25
CA THR C 75 27.60 14.46 15.64
C THR C 75 27.03 13.54 16.71
N SER C 76 27.75 12.47 17.04
CA SER C 76 27.26 11.51 18.04
C SER C 76 27.58 11.92 19.47
N SER C 77 28.37 12.97 19.62
CA SER C 77 28.75 13.46 20.94
C SER C 77 29.54 14.76 20.77
N PRO C 78 29.71 15.54 21.85
CA PRO C 78 30.47 16.79 21.74
C PRO C 78 31.94 16.53 21.41
N GLU C 79 32.46 15.40 21.90
CA GLU C 79 33.85 15.03 21.63
C GLU C 79 33.99 14.76 20.13
N ALA C 80 32.98 14.13 19.55
CA ALA C 80 32.99 13.80 18.14
C ALA C 80 33.08 15.06 17.29
N LEU C 81 32.39 16.11 17.72
CA LEU C 81 32.41 17.37 16.98
C LEU C 81 33.82 17.96 16.95
N GLU C 82 34.47 17.99 18.10
CA GLU C 82 35.82 18.53 18.13
C GLU C 82 36.74 17.69 17.25
N ARG C 83 36.59 16.37 17.32
CA ARG C 83 37.42 15.46 16.52
C ARG C 83 37.26 15.71 15.02
N ARG C 84 36.01 15.82 14.57
CA ARG C 84 35.75 16.05 13.16
C ARG C 84 36.27 17.41 12.70
N ALA C 85 35.96 18.46 13.45
CA ALA C 85 36.41 19.80 13.10
C ALA C 85 37.92 19.88 13.05
N LYS C 86 38.59 19.13 13.93
CA LYS C 86 40.04 19.11 13.97
C LYS C 86 40.59 18.39 12.75
N SER C 87 39.91 17.32 12.34
CA SER C 87 40.35 16.57 11.17
C SER C 87 40.31 17.49 9.94
N LEU C 88 39.21 18.23 9.80
CA LEU C 88 39.07 19.14 8.66
C LEU C 88 40.16 20.21 8.69
N THR C 89 40.40 20.76 9.88
CA THR C 89 41.43 21.79 10.06
C THR C 89 42.81 21.23 9.72
N ASP C 90 43.12 20.05 10.25
CA ASP C 90 44.41 19.43 9.98
C ASP C 90 44.54 19.15 8.49
N GLY C 91 43.40 18.99 7.82
CA GLY C 91 43.40 18.73 6.39
C GLY C 91 43.47 20.05 5.64
N ASN C 92 43.64 21.13 6.40
CA ASN C 92 43.74 22.47 5.84
C ASN C 92 42.46 23.00 5.22
N VAL C 93 41.32 22.61 5.78
CA VAL C 93 40.04 23.08 5.28
C VAL C 93 39.66 24.28 6.14
N ASP C 94 39.37 25.41 5.48
CA ASP C 94 39.01 26.61 6.21
C ASP C 94 37.63 26.44 6.85
N GLY C 95 37.53 26.73 8.14
CA GLY C 95 36.27 26.59 8.84
C GLY C 95 36.02 27.73 9.80
N THR C 96 34.77 27.95 10.15
CA THR C 96 34.39 29.01 11.07
C THR C 96 33.39 28.52 12.09
N TRP C 97 33.57 28.94 13.33
CA TRP C 97 32.65 28.56 14.41
C TRP C 97 31.60 29.64 14.60
N SER C 98 30.37 29.22 14.86
CA SER C 98 29.29 30.18 15.07
C SER C 98 28.22 29.61 15.98
N GLU C 99 27.27 30.47 16.34
CA GLU C 99 26.16 30.09 17.19
C GLU C 99 25.13 31.21 17.03
N ASP C 100 24.46 31.22 15.88
CA ASP C 100 23.48 32.25 15.60
C ASP C 100 22.20 31.71 15.00
N GLN C 101 21.96 30.42 15.15
CA GLN C 101 20.75 29.81 14.61
C GLN C 101 19.78 29.37 15.68
N PHE C 102 18.51 29.72 15.45
CA PHE C 102 17.42 29.35 16.36
C PHE C 102 17.37 27.84 16.57
N GLY C 103 17.19 27.43 17.83
CA GLY C 103 17.09 26.01 18.16
C GLY C 103 18.34 25.14 18.14
N TYR C 104 19.50 25.76 17.93
CA TYR C 104 20.76 25.02 17.87
C TYR C 104 21.87 25.80 18.58
N GLY C 105 23.02 25.15 18.76
CA GLY C 105 24.14 25.80 19.43
C GLY C 105 25.39 26.00 18.58
N LYS C 106 26.55 25.79 19.19
CA LYS C 106 27.83 25.97 18.50
C LYS C 106 27.91 25.14 17.23
N THR C 107 28.33 25.77 16.13
CA THR C 107 28.40 25.10 14.84
C THR C 107 29.69 25.39 14.07
N PHE C 108 30.25 24.36 13.46
CA PHE C 108 31.46 24.50 12.67
C PHE C 108 31.05 24.57 11.20
N GLU C 109 31.29 25.71 10.56
CA GLU C 109 30.95 25.91 9.16
C GLU C 109 32.15 25.80 8.23
N TYR C 110 32.00 25.03 7.15
CA TYR C 110 33.07 24.86 6.18
C TYR C 110 32.48 24.52 4.81
N GLN C 111 33.33 24.45 3.80
CA GLN C 111 32.85 24.14 2.47
C GLN C 111 33.47 22.88 1.91
N SER C 112 32.72 22.19 1.06
CA SER C 112 33.19 20.95 0.44
C SER C 112 34.25 21.34 -0.59
N PRO C 113 35.00 20.35 -1.08
CA PRO C 113 36.04 20.63 -2.07
C PRO C 113 35.43 21.29 -3.32
N ASP C 114 34.11 21.22 -3.45
CA ASP C 114 33.45 21.81 -4.61
C ASP C 114 32.66 23.07 -4.31
N GLY C 115 32.77 23.57 -3.08
CA GLY C 115 32.06 24.79 -2.73
C GLY C 115 30.73 24.65 -2.00
N HIS C 116 30.33 23.42 -1.67
CA HIS C 116 29.08 23.22 -0.95
C HIS C 116 29.21 23.69 0.48
N ASN C 117 28.21 24.42 0.98
CA ASN C 117 28.24 24.91 2.36
C ASN C 117 27.77 23.82 3.32
N LEU C 118 28.71 23.31 4.11
CA LEU C 118 28.42 22.25 5.07
C LEU C 118 28.65 22.72 6.50
N GLN C 119 28.04 22.02 7.46
CA GLN C 119 28.17 22.39 8.87
C GLN C 119 28.10 21.17 9.79
N LEU C 120 28.78 21.27 10.92
CA LEU C 120 28.79 20.20 11.92
C LEU C 120 28.39 20.84 13.25
N LEU C 121 27.59 20.13 14.03
CA LEU C 121 27.17 20.63 15.33
C LEU C 121 26.78 19.48 16.25
N TRP C 122 26.70 19.78 17.55
CA TRP C 122 26.29 18.80 18.53
C TRP C 122 25.10 19.36 19.33
N GLU C 123 25.20 20.64 19.68
CA GLU C 123 24.14 21.29 20.45
C GLU C 123 22.90 21.51 19.60
N ALA C 124 21.84 20.76 19.91
CA ALA C 124 20.57 20.86 19.21
C ALA C 124 19.43 20.68 20.20
N GLU C 125 18.54 21.66 20.24
CA GLU C 125 17.42 21.59 21.15
C GLU C 125 16.47 20.48 20.71
N LYS C 126 15.85 19.81 21.68
CA LYS C 126 14.90 18.76 21.36
C LYS C 126 13.52 19.42 21.34
N TYR C 127 12.92 19.47 20.16
CA TYR C 127 11.62 20.10 20.01
C TYR C 127 10.53 19.45 20.86
N VAL C 128 9.77 20.31 21.54
CA VAL C 128 8.66 19.86 22.36
C VAL C 128 7.46 20.65 21.86
N ALA C 129 6.46 19.93 21.37
CA ALA C 129 5.26 20.58 20.85
C ALA C 129 4.36 21.05 21.98
N PRO C 130 3.49 22.02 21.69
CA PRO C 130 2.59 22.46 22.76
C PRO C 130 1.77 21.23 23.13
N PRO C 131 1.29 21.15 24.38
CA PRO C 131 0.50 20.00 24.80
C PRO C 131 -0.60 19.53 23.85
N GLU C 132 -1.38 20.45 23.30
CA GLU C 132 -2.47 20.09 22.39
C GLU C 132 -2.01 19.39 21.11
N LEU C 133 -0.75 19.56 20.76
CA LEU C 133 -0.19 18.98 19.54
C LEU C 133 0.74 17.79 19.73
N ARG C 134 0.90 17.33 20.96
CA ARG C 134 1.77 16.17 21.19
C ARG C 134 1.04 14.91 20.78
N SER C 135 1.80 13.94 20.27
CA SER C 135 1.24 12.68 19.82
C SER C 135 1.13 11.68 20.96
N LYS C 136 0.14 10.79 20.86
CA LYS C 136 -0.05 9.74 21.86
C LYS C 136 1.03 8.70 21.64
N ILE C 137 1.71 8.79 20.52
CA ILE C 137 2.81 7.89 20.20
C ILE C 137 4.01 8.64 20.78
N LEU C 138 4.55 8.13 21.89
CA LEU C 138 5.63 8.78 22.59
C LEU C 138 6.91 9.13 21.83
N THR C 139 7.29 8.32 20.84
CA THR C 139 8.49 8.63 20.07
C THR C 139 8.23 9.71 19.01
N ARG C 140 6.97 10.11 18.86
CA ARG C 140 6.57 11.12 17.90
C ARG C 140 6.29 12.45 18.62
N PRO C 141 7.15 13.45 18.42
CA PRO C 141 6.99 14.76 19.07
C PRO C 141 5.68 15.48 18.77
N SER C 142 5.26 15.49 17.51
CA SER C 142 4.04 16.19 17.12
C SER C 142 3.06 15.29 16.39
N LYS C 143 1.78 15.60 16.47
CA LYS C 143 0.77 14.81 15.78
C LYS C 143 0.98 15.01 14.30
N LYS C 144 0.64 14.01 13.49
CA LYS C 144 0.77 14.15 12.05
C LYS C 144 -0.27 15.18 11.64
N PRO C 145 0.15 16.24 10.92
CA PRO C 145 -0.78 17.29 10.48
C PRO C 145 -1.94 16.79 9.62
N LEU C 146 -3.00 17.58 9.55
CA LEU C 146 -4.17 17.23 8.74
C LEU C 146 -4.15 18.04 7.45
N GLN C 147 -2.96 18.45 7.01
CA GLN C 147 -2.80 19.24 5.80
C GLN C 147 -1.91 18.53 4.78
N GLY C 148 -2.37 18.48 3.53
CA GLY C 148 -1.61 17.84 2.46
C GLY C 148 -1.24 16.41 2.80
N ILE C 149 -0.07 15.98 2.34
CA ILE C 149 0.47 14.64 2.61
C ILE C 149 1.75 14.94 3.38
N PRO C 150 1.64 15.06 4.72
CA PRO C 150 2.71 15.37 5.67
C PRO C 150 3.96 14.49 5.65
N VAL C 151 5.11 15.12 5.45
CA VAL C 151 6.37 14.36 5.49
C VAL C 151 6.73 14.19 6.96
N LYS C 152 7.41 13.11 7.28
CA LYS C 152 7.79 12.85 8.67
C LYS C 152 9.06 13.59 9.07
N ARG C 153 10.03 13.62 8.18
CA ARG C 153 11.30 14.25 8.50
C ARG C 153 12.16 14.42 7.26
N ILE C 154 13.30 15.10 7.43
CA ILE C 154 14.24 15.28 6.35
C ILE C 154 14.82 13.87 6.17
N ASP C 155 15.33 13.53 4.99
CA ASP C 155 15.90 12.21 4.79
C ASP C 155 17.36 12.25 4.36
N HIS C 156 17.62 12.83 3.19
CA HIS C 156 18.98 12.93 2.70
C HIS C 156 19.19 14.12 1.78
N LEU C 157 20.44 14.27 1.35
CA LEU C 157 20.85 15.36 0.48
C LEU C 157 21.65 14.79 -0.68
N ASN C 158 21.47 15.36 -1.87
CA ASN C 158 22.23 14.91 -3.03
C ASN C 158 22.90 16.13 -3.64
N LEU C 159 24.23 16.13 -3.58
CA LEU C 159 25.02 17.25 -4.09
C LEU C 159 25.58 16.99 -5.48
N MSE C 160 25.52 18.02 -6.33
CA MSE C 160 26.03 17.93 -7.69
C MSE C 160 27.44 18.52 -7.63
O MSE C 160 27.64 19.59 -7.08
CB MSE C 160 25.11 18.72 -8.62
CG MSE C 160 25.38 18.51 -10.11
SE MSE C 160 23.92 19.28 -11.14
CE MSE C 160 22.98 17.66 -11.67
N SER C 161 28.42 17.80 -8.17
CA SER C 161 29.80 18.27 -8.11
C SER C 161 30.61 18.12 -9.40
N SER C 162 31.64 18.94 -9.54
CA SER C 162 32.49 18.88 -10.72
C SER C 162 33.52 17.76 -10.51
N ASP C 163 33.59 17.26 -9.29
CA ASP C 163 34.53 16.19 -8.95
C ASP C 163 33.94 15.40 -7.79
N VAL C 164 33.28 14.30 -8.13
CA VAL C 164 32.64 13.45 -7.14
C VAL C 164 33.62 12.82 -6.15
N THR C 165 34.74 12.31 -6.66
CA THR C 165 35.72 11.67 -5.81
C THR C 165 36.28 12.62 -4.76
N ALA C 166 36.46 13.87 -5.14
CA ALA C 166 37.00 14.87 -4.22
C ALA C 166 36.07 15.04 -3.02
N VAL C 167 34.77 15.13 -3.30
CA VAL C 167 33.77 15.29 -2.25
C VAL C 167 33.69 14.01 -1.42
N LYS C 168 33.66 12.86 -2.10
CA LYS C 168 33.60 11.57 -1.42
C LYS C 168 34.75 11.44 -0.41
N ASP C 169 35.95 11.80 -0.84
CA ASP C 169 37.12 11.72 0.04
C ASP C 169 36.97 12.55 1.30
N SER C 170 36.36 13.72 1.16
CA SER C 170 36.15 14.59 2.31
C SER C 170 35.26 13.88 3.32
N PHE C 171 34.08 13.47 2.88
CA PHE C 171 33.16 12.78 3.78
C PHE C 171 33.75 11.50 4.36
N GLU C 172 34.45 10.72 3.56
CA GLU C 172 35.03 9.49 4.08
C GLU C 172 36.15 9.73 5.09
N ARG C 173 37.19 10.45 4.65
CA ARG C 173 38.36 10.69 5.50
C ARG C 173 38.20 11.65 6.68
N HIS C 174 37.47 12.75 6.48
CA HIS C 174 37.30 13.73 7.54
C HIS C 174 36.06 13.55 8.42
N LEU C 175 35.01 12.98 7.87
CA LEU C 175 33.80 12.79 8.64
C LEU C 175 33.58 11.33 9.03
N GLY C 176 34.35 10.44 8.43
CA GLY C 176 34.21 9.02 8.76
C GLY C 176 33.11 8.27 8.02
N PHE C 177 32.51 8.90 7.01
CA PHE C 177 31.45 8.24 6.26
C PHE C 177 32.00 7.06 5.46
N ARG C 178 31.10 6.15 5.07
CA ARG C 178 31.49 5.03 4.23
C ARG C 178 30.67 5.22 2.97
N THR C 179 31.15 4.72 1.85
CA THR C 179 30.41 4.81 0.59
C THR C 179 29.79 3.44 0.37
N THR C 180 28.47 3.38 0.46
CA THR C 180 27.75 2.11 0.30
C THR C 180 27.62 1.67 -1.15
N GLU C 181 27.42 2.64 -2.04
CA GLU C 181 27.27 2.35 -3.46
C GLU C 181 27.85 3.49 -4.28
N ARG C 182 28.28 3.17 -5.49
CA ARG C 182 28.83 4.16 -6.38
C ARG C 182 28.62 3.73 -7.83
N VAL C 183 28.66 4.70 -8.72
CA VAL C 183 28.52 4.44 -10.14
C VAL C 183 29.77 4.96 -10.83
N VAL C 184 30.38 4.13 -11.67
CA VAL C 184 31.56 4.54 -12.40
C VAL C 184 31.34 4.43 -13.90
N ASP C 185 32.06 5.25 -14.65
CA ASP C 185 32.00 5.27 -16.10
C ASP C 185 33.47 5.16 -16.46
N GLY C 186 33.93 3.93 -16.71
CA GLY C 186 35.34 3.75 -17.01
C GLY C 186 36.09 3.91 -15.69
N ASN C 187 37.00 4.87 -15.63
CA ASN C 187 37.78 5.11 -14.43
C ASN C 187 37.32 6.33 -13.64
N VAL C 188 36.13 6.82 -13.94
CA VAL C 188 35.61 8.01 -13.27
C VAL C 188 34.36 7.75 -12.43
N GLU C 189 34.39 8.21 -11.19
CA GLU C 189 33.23 8.02 -10.31
C GLU C 189 32.28 9.16 -10.64
N ILE C 190 31.06 8.82 -11.03
CA ILE C 190 30.10 9.85 -11.38
C ILE C 190 28.94 9.89 -10.39
N GLY C 191 29.00 9.03 -9.39
CA GLY C 191 27.96 8.98 -8.37
C GLY C 191 28.43 8.24 -7.13
N ALA C 192 28.19 8.80 -5.96
CA ALA C 192 28.58 8.16 -4.70
C ALA C 192 27.51 8.43 -3.65
N TRP C 193 27.13 7.37 -2.93
CA TRP C 193 26.12 7.44 -1.88
C TRP C 193 26.80 7.03 -0.57
N MSE C 194 26.85 7.99 0.36
CA MSE C 194 27.55 7.78 1.62
C MSE C 194 26.70 7.86 2.88
O MSE C 194 25.72 8.60 2.94
CB MSE C 194 28.69 8.79 1.67
CG MSE C 194 29.43 8.87 0.33
SE MSE C 194 30.36 10.50 0.05
CE MSE C 194 28.88 11.60 -0.53
N SER C 195 27.12 7.10 3.89
CA SER C 195 26.42 7.03 5.16
C SER C 195 27.35 6.80 6.35
N SER C 196 26.87 7.11 7.55
CA SER C 196 27.63 6.91 8.78
C SER C 196 26.78 6.07 9.73
N ASN C 197 25.67 5.53 9.22
CA ASN C 197 24.78 4.71 10.03
C ASN C 197 24.13 3.61 9.18
N LEU C 198 23.02 3.05 9.68
CA LEU C 198 22.32 1.97 8.98
C LEU C 198 21.72 2.35 7.62
N LEU C 199 21.43 3.63 7.42
CA LEU C 199 20.85 4.07 6.15
C LEU C 199 21.83 3.89 5.01
N GLY C 200 21.31 3.66 3.81
CA GLY C 200 22.17 3.49 2.66
C GLY C 200 22.94 4.78 2.41
N HIS C 201 22.28 5.90 2.69
CA HIS C 201 22.92 7.18 2.51
C HIS C 201 22.10 8.32 3.07
N GLU C 202 22.79 9.39 3.45
CA GLU C 202 22.16 10.59 3.95
C GLU C 202 22.70 11.73 3.10
N VAL C 203 23.84 11.47 2.46
CA VAL C 203 24.48 12.43 1.57
C VAL C 203 25.00 11.68 0.35
N ALA C 204 24.63 12.16 -0.83
CA ALA C 204 25.05 11.57 -2.09
C ALA C 204 25.72 12.68 -2.91
N CYS C 205 26.55 12.28 -3.86
CA CYS C 205 27.23 13.27 -4.71
C CYS C 205 27.28 12.71 -6.13
N MSE C 206 26.79 13.51 -7.07
CA MSE C 206 26.74 13.11 -8.46
C MSE C 206 27.44 14.13 -9.35
O MSE C 206 27.40 15.32 -9.08
CB MSE C 206 25.28 12.96 -8.91
CG MSE C 206 24.43 12.08 -7.95
SE MSE C 206 22.81 11.44 -8.71
CE MSE C 206 21.98 13.19 -8.94
N ARG C 207 28.04 13.65 -10.43
CA ARG C 207 28.77 14.51 -11.33
C ARG C 207 27.92 15.52 -12.09
N ASP C 208 28.44 16.75 -12.15
CA ASP C 208 27.79 17.84 -12.86
C ASP C 208 28.22 17.71 -14.32
N MSE C 209 27.28 17.38 -15.18
CA MSE C 209 27.56 17.16 -16.60
C MSE C 209 27.58 18.44 -17.44
O MSE C 209 27.76 18.37 -18.67
CB MSE C 209 26.54 16.19 -17.19
CG MSE C 209 26.42 14.86 -16.46
SE MSE C 209 27.99 13.74 -16.64
CE MSE C 209 27.51 12.78 -18.25
N THR C 210 27.41 19.58 -16.81
CA THR C 210 27.37 20.86 -17.53
C THR C 210 28.59 21.75 -17.31
N GLY C 211 29.58 21.25 -16.58
CA GLY C 211 30.76 22.04 -16.31
C GLY C 211 30.57 23.00 -15.15
N GLY C 212 29.51 22.78 -14.38
CA GLY C 212 29.24 23.62 -13.24
C GLY C 212 29.82 22.99 -11.98
N HIS C 213 29.69 23.65 -10.84
CA HIS C 213 30.22 23.10 -9.60
C HIS C 213 29.48 23.65 -8.38
N GLY C 214 29.60 22.93 -7.26
CA GLY C 214 28.99 23.35 -6.02
C GLY C 214 27.48 23.50 -5.98
N LYS C 215 26.76 22.78 -6.84
CA LYS C 215 25.31 22.90 -6.86
C LYS C 215 24.57 21.83 -6.07
N LEU C 216 23.29 22.07 -5.85
CA LEU C 216 22.41 21.15 -5.13
C LEU C 216 21.58 20.38 -6.14
N HIS C 217 21.59 19.06 -6.08
CA HIS C 217 20.77 18.32 -7.02
C HIS C 217 19.36 18.25 -6.42
N HIS C 218 19.28 17.78 -5.18
CA HIS C 218 18.00 17.73 -4.51
C HIS C 218 18.08 17.46 -3.01
N LEU C 219 17.00 17.83 -2.34
CA LEU C 219 16.83 17.63 -0.90
C LEU C 219 15.66 16.65 -0.83
N ALA C 220 15.80 15.62 0.01
CA ALA C 220 14.77 14.61 0.14
C ALA C 220 14.10 14.57 1.52
N PHE C 221 12.80 14.31 1.52
CA PHE C 221 12.02 14.21 2.74
C PHE C 221 11.39 12.82 2.77
N PHE C 222 11.31 12.26 3.98
CA PHE C 222 10.84 10.91 4.23
C PHE C 222 9.35 10.68 4.55
N TYR C 223 8.75 9.73 3.84
CA TYR C 223 7.36 9.33 4.07
C TYR C 223 7.42 7.95 4.75
N GLY C 224 8.24 7.07 4.17
CA GLY C 224 8.38 5.72 4.71
C GLY C 224 7.32 4.77 4.21
N THR C 225 6.43 5.29 3.38
CA THR C 225 5.33 4.50 2.82
C THR C 225 5.22 4.79 1.33
N GLY C 226 5.32 3.74 0.51
CA GLY C 226 5.22 3.90 -0.92
C GLY C 226 3.94 4.57 -1.42
N GLN C 227 2.81 4.25 -0.80
CA GLN C 227 1.54 4.83 -1.21
C GLN C 227 1.54 6.34 -1.06
N HIS C 228 2.35 6.85 -0.14
CA HIS C 228 2.37 8.28 0.05
C HIS C 228 3.02 9.04 -1.09
N ASN C 229 3.86 8.36 -1.85
CA ASN C 229 4.47 8.98 -3.01
C ASN C 229 3.40 8.99 -4.11
N ILE C 230 2.54 7.98 -4.09
CA ILE C 230 1.46 7.89 -5.06
C ILE C 230 0.46 9.01 -4.74
N ASP C 231 0.14 9.20 -3.46
CA ASP C 231 -0.80 10.26 -3.07
C ASP C 231 -0.17 11.62 -3.36
N ALA C 232 1.11 11.76 -3.07
CA ALA C 232 1.80 13.02 -3.29
C ALA C 232 1.83 13.43 -4.76
N VAL C 233 2.15 12.50 -5.65
CA VAL C 233 2.22 12.86 -7.06
C VAL C 233 0.84 13.23 -7.61
N GLU C 234 -0.21 12.59 -7.11
CA GLU C 234 -1.56 12.90 -7.58
C GLU C 234 -1.93 14.31 -7.16
N MSE C 235 -1.44 14.70 -5.99
CA MSE C 235 -1.68 16.05 -5.46
C MSE C 235 -0.90 17.04 -6.31
O MSE C 235 -1.45 18.06 -6.77
CB MSE C 235 -1.23 16.09 -3.99
CG MSE C 235 -1.14 17.50 -3.35
SE MSE C 235 -0.60 17.47 -1.52
CE MSE C 235 1.03 16.49 -1.71
N PHE C 236 0.37 16.76 -6.54
CA PHE C 236 1.19 17.66 -7.35
C PHE C 236 0.65 17.82 -8.76
N ARG C 237 0.17 16.72 -9.34
CA ARG C 237 -0.37 16.78 -10.68
C ARG C 237 -1.59 17.71 -10.75
N ASP C 238 -2.55 17.49 -9.86
CA ASP C 238 -3.77 18.29 -9.87
C ASP C 238 -3.61 19.70 -9.32
N TYR C 239 -2.54 19.96 -8.58
CA TYR C 239 -2.33 21.29 -8.04
C TYR C 239 -1.18 22.02 -8.72
N ASP C 240 -0.89 21.59 -9.95
CA ASP C 240 0.10 22.20 -10.81
C ASP C 240 1.56 22.37 -10.36
N ILE C 241 2.12 21.33 -9.77
CA ILE C 241 3.52 21.35 -9.37
C ILE C 241 4.19 20.48 -10.43
N GLN C 242 5.31 20.95 -10.96
CA GLN C 242 6.02 20.21 -12.00
C GLN C 242 6.62 18.91 -11.49
N ILE C 243 6.28 17.82 -12.16
CA ILE C 243 6.76 16.50 -11.80
C ILE C 243 7.89 16.09 -12.75
N GLU C 244 9.01 15.63 -12.20
CA GLU C 244 10.12 15.23 -13.05
C GLU C 244 10.14 13.73 -13.31
N ALA C 245 10.06 12.93 -12.26
CA ALA C 245 10.07 11.48 -12.42
C ALA C 245 9.53 10.75 -11.20
N GLY C 246 9.08 9.52 -11.41
CA GLY C 246 8.55 8.73 -10.32
C GLY C 246 7.03 8.87 -10.27
N PRO C 247 6.37 8.18 -9.34
CA PRO C 247 6.97 7.27 -8.34
C PRO C 247 7.49 5.96 -8.93
N ASP C 248 8.66 5.54 -8.48
CA ASP C 248 9.26 4.28 -8.90
C ASP C 248 10.35 3.99 -7.86
N LYS C 249 11.20 3.00 -8.14
CA LYS C 249 12.26 2.65 -7.20
C LYS C 249 13.62 2.54 -7.89
N HIS C 250 14.62 3.24 -7.34
CA HIS C 250 15.97 3.16 -7.89
C HIS C 250 16.63 1.88 -7.38
N GLY C 251 17.25 1.12 -8.28
CA GLY C 251 17.94 -0.08 -7.84
C GLY C 251 19.09 0.37 -6.95
N ILE C 252 19.72 1.48 -7.33
CA ILE C 252 20.80 2.05 -6.55
C ILE C 252 20.17 2.71 -5.33
N THR C 253 20.56 2.22 -4.16
CA THR C 253 20.09 2.65 -2.84
C THR C 253 18.71 2.10 -2.51
N GLN C 254 18.13 1.33 -3.44
CA GLN C 254 16.81 0.74 -3.26
C GLN C 254 15.85 1.76 -2.64
N SER C 255 15.72 2.92 -3.27
CA SER C 255 14.83 3.94 -2.73
C SER C 255 13.62 4.22 -3.62
N GLN C 256 12.46 4.34 -2.99
CA GLN C 256 11.22 4.64 -3.71
C GLN C 256 11.25 6.16 -3.84
N PHE C 257 11.38 6.63 -5.07
CA PHE C 257 11.51 8.06 -5.35
C PHE C 257 10.37 8.74 -6.08
N LEU C 258 10.32 10.06 -5.92
CA LEU C 258 9.37 10.95 -6.59
C LEU C 258 10.06 12.31 -6.60
N TYR C 259 10.40 12.80 -7.79
CA TYR C 259 11.08 14.09 -7.90
C TYR C 259 10.16 15.17 -8.48
N VAL C 260 10.08 16.29 -7.77
CA VAL C 260 9.26 17.40 -8.25
C VAL C 260 10.05 18.68 -8.03
N PHE C 261 9.64 19.75 -8.70
CA PHE C 261 10.31 21.02 -8.55
C PHE C 261 9.42 21.95 -7.73
N GLU C 262 9.96 22.52 -6.65
CA GLU C 262 9.17 23.42 -5.83
C GLU C 262 9.18 24.77 -6.57
N PRO C 263 8.23 25.67 -6.25
CA PRO C 263 8.13 26.98 -6.91
C PRO C 263 9.42 27.77 -7.13
N GLY C 264 10.33 27.72 -6.17
CA GLY C 264 11.59 28.44 -6.28
C GLY C 264 12.61 27.87 -7.26
N GLY C 265 12.36 26.66 -7.76
CA GLY C 265 13.27 26.06 -8.72
C GLY C 265 14.10 24.89 -8.22
N ASN C 266 14.09 24.64 -6.91
CA ASN C 266 14.86 23.54 -6.35
C ASN C 266 14.16 22.21 -6.56
N ARG C 267 14.95 21.15 -6.71
CA ARG C 267 14.39 19.80 -6.89
C ARG C 267 14.20 19.20 -5.50
N ILE C 268 13.01 18.67 -5.26
CA ILE C 268 12.69 18.05 -3.98
C ILE C 268 12.28 16.61 -4.23
N GLU C 269 12.82 15.70 -3.44
CA GLU C 269 12.46 14.30 -3.58
C GLU C 269 11.59 13.88 -2.42
N LEU C 270 10.56 13.09 -2.72
CA LEU C 270 9.67 12.55 -1.69
C LEU C 270 10.11 11.09 -1.68
N PHE C 271 10.48 10.61 -0.50
CA PHE C 271 11.03 9.28 -0.28
C PHE C 271 10.05 8.32 0.39
N GLY C 272 9.88 7.13 -0.21
CA GLY C 272 8.96 6.14 0.33
C GLY C 272 9.57 5.24 1.39
N GLU C 273 9.41 3.93 1.23
CA GLU C 273 9.94 2.95 2.19
C GLU C 273 11.44 3.14 2.47
N ALA C 274 11.84 2.95 3.72
CA ALA C 274 13.24 3.08 4.11
C ALA C 274 14.09 2.22 3.16
N GLY C 275 13.56 1.06 2.80
CA GLY C 275 14.25 0.17 1.88
C GLY C 275 15.22 -0.81 2.52
N TYR C 276 16.42 -0.85 1.95
CA TYR C 276 17.48 -1.74 2.43
C TYR C 276 18.35 -1.06 3.48
N LEU C 277 18.37 -1.62 4.68
CA LEU C 277 19.19 -1.08 5.75
C LEU C 277 20.51 -1.85 5.75
N HIS C 278 21.62 -1.14 5.92
CA HIS C 278 22.94 -1.74 5.92
C HIS C 278 23.33 -2.25 7.30
N LEU C 279 22.81 -3.43 7.65
CA LEU C 279 23.08 -4.04 8.93
C LEU C 279 24.49 -4.61 9.00
N ASP C 280 24.92 -5.25 7.91
CA ASP C 280 26.27 -5.82 7.82
C ASP C 280 27.23 -4.66 8.05
N PRO C 281 28.08 -4.73 9.11
CA PRO C 281 29.05 -3.69 9.45
C PRO C 281 30.26 -3.49 8.54
N ASP C 282 30.56 -4.46 7.67
CA ASP C 282 31.69 -4.30 6.78
C ASP C 282 31.43 -4.82 5.37
N ALA C 283 30.33 -4.36 4.80
CA ALA C 283 29.98 -4.76 3.45
C ALA C 283 30.81 -3.92 2.51
N GLU C 284 31.32 -4.56 1.46
CA GLU C 284 32.12 -3.87 0.46
C GLU C 284 31.21 -2.93 -0.32
N THR C 285 31.78 -1.83 -0.80
CA THR C 285 31.03 -0.87 -1.60
C THR C 285 30.57 -1.58 -2.86
N LYS C 286 29.30 -1.40 -3.22
CA LYS C 286 28.78 -2.01 -4.42
C LYS C 286 29.00 -1.00 -5.53
N THR C 287 29.71 -1.42 -6.57
CA THR C 287 30.00 -0.55 -7.70
C THR C 287 29.18 -0.88 -8.94
N TRP C 288 28.41 0.09 -9.42
CA TRP C 288 27.59 -0.08 -10.61
C TRP C 288 28.31 0.51 -11.82
N GLN C 289 28.11 -0.09 -12.98
CA GLN C 289 28.74 0.36 -14.23
C GLN C 289 27.74 1.14 -15.07
N MSE C 290 28.19 2.24 -15.64
CA MSE C 290 27.30 3.06 -16.47
C MSE C 290 26.81 2.28 -17.69
O MSE C 290 25.76 2.59 -18.25
CB MSE C 290 28.03 4.32 -16.93
CG MSE C 290 27.79 5.52 -16.05
SE MSE C 290 25.91 6.00 -16.03
CE MSE C 290 25.85 7.18 -17.56
N SER C 291 27.58 1.26 -18.07
CA SER C 291 27.25 0.44 -19.23
C SER C 291 26.15 -0.59 -18.96
N ASP C 292 25.81 -0.80 -17.69
CA ASP C 292 24.77 -1.75 -17.30
C ASP C 292 24.10 -1.15 -16.07
N ILE C 293 23.37 -0.06 -16.30
CA ILE C 293 22.74 0.70 -15.23
C ILE C 293 21.19 0.72 -15.22
N ASP C 294 20.55 0.05 -16.18
CA ASP C 294 19.09 0.05 -16.26
C ASP C 294 18.38 -0.18 -14.91
N THR C 295 18.69 -1.28 -14.24
CA THR C 295 18.06 -1.58 -12.94
C THR C 295 18.45 -0.54 -11.89
N GLY C 296 19.69 -0.07 -11.96
CA GLY C 296 20.18 0.93 -11.02
C GLY C 296 19.37 2.21 -11.07
N LEU C 297 18.98 2.63 -12.27
CA LEU C 297 18.19 3.85 -12.44
C LEU C 297 16.75 3.64 -11.99
N ALA C 298 16.15 2.53 -12.40
CA ALA C 298 14.76 2.28 -12.01
C ALA C 298 14.40 0.80 -12.18
N VAL C 299 13.83 0.23 -11.13
CA VAL C 299 13.41 -1.16 -11.18
C VAL C 299 12.20 -1.24 -12.11
N GLY C 300 11.31 -0.25 -11.99
CA GLY C 300 10.13 -0.21 -12.83
C GLY C 300 10.38 0.40 -14.19
N GLY C 301 9.33 0.86 -14.85
CA GLY C 301 9.48 1.44 -16.17
C GLY C 301 9.81 2.92 -16.23
N ALA C 302 10.03 3.54 -15.08
CA ALA C 302 10.36 4.97 -15.04
C ALA C 302 11.58 5.29 -15.90
N LYS C 303 11.51 6.43 -16.59
CA LYS C 303 12.61 6.89 -17.43
C LYS C 303 13.08 8.22 -16.85
N LEU C 304 14.37 8.31 -16.53
CA LEU C 304 14.94 9.54 -15.97
C LEU C 304 15.36 10.45 -17.12
N PRO C 305 14.69 11.61 -17.25
CA PRO C 305 14.97 12.58 -18.31
C PRO C 305 16.35 13.23 -18.27
N TRP C 306 17.10 13.06 -19.35
CA TRP C 306 18.44 13.64 -19.42
C TRP C 306 18.33 15.16 -19.44
N GLU C 307 17.25 15.66 -20.03
CA GLU C 307 16.99 17.09 -20.16
C GLU C 307 16.92 17.81 -18.82
N SER C 308 16.82 17.06 -17.72
CA SER C 308 16.75 17.71 -16.42
C SER C 308 17.39 16.93 -15.27
N TYR C 309 17.02 15.66 -15.12
CA TYR C 309 17.56 14.88 -14.02
C TYR C 309 19.08 14.80 -13.94
N PHE C 310 19.74 14.50 -15.05
CA PHE C 310 21.19 14.38 -15.04
C PHE C 310 21.94 15.67 -15.30
N THR C 311 21.21 16.74 -15.58
CA THR C 311 21.85 18.00 -15.92
C THR C 311 21.49 19.24 -15.11
N TYR C 312 20.26 19.28 -14.59
CA TYR C 312 19.79 20.44 -13.83
C TYR C 312 20.04 20.38 -12.33
N GLY C 313 20.59 21.47 -11.80
CA GLY C 313 20.88 21.59 -10.39
C GLY C 313 20.83 23.06 -10.04
N THR C 314 20.74 23.40 -8.77
CA THR C 314 20.66 24.81 -8.36
C THR C 314 21.83 25.26 -7.49
N PRO C 315 22.24 26.54 -7.63
CA PRO C 315 21.68 27.53 -8.55
C PRO C 315 22.03 27.19 -10.00
N SER C 316 21.15 27.54 -10.92
CA SER C 316 21.38 27.29 -12.33
C SER C 316 21.45 28.59 -13.10
N PRO C 317 22.38 28.71 -14.06
CA PRO C 317 22.51 29.93 -14.85
C PRO C 317 21.29 30.11 -15.75
N LEU C 318 20.63 29.00 -16.07
CA LEU C 318 19.44 29.01 -16.91
C LEU C 318 18.22 28.68 -16.07
N SER C 319 17.08 29.27 -16.41
CA SER C 319 15.86 28.96 -15.68
C SER C 319 15.52 27.52 -16.04
N LEU C 320 14.74 26.85 -15.19
CA LEU C 320 14.37 25.47 -15.44
C LEU C 320 13.79 25.27 -16.85
N ASP C 321 12.94 26.21 -17.26
CA ASP C 321 12.32 26.16 -18.59
C ASP C 321 13.39 26.22 -19.69
N GLN C 322 14.28 27.20 -19.57
CA GLN C 322 15.36 27.40 -20.54
C GLN C 322 16.28 26.18 -20.55
N HIS C 323 16.56 25.65 -19.37
CA HIS C 323 17.42 24.49 -19.26
C HIS C 323 16.85 23.29 -19.99
N ILE C 324 15.61 22.92 -19.68
CA ILE C 324 14.99 21.78 -20.33
C ILE C 324 14.97 21.98 -21.85
N GLU C 325 14.62 23.19 -22.28
CA GLU C 325 14.57 23.51 -23.70
C GLU C 325 15.94 23.26 -24.35
N LYS C 326 16.99 23.74 -23.69
CA LYS C 326 18.35 23.59 -24.20
C LYS C 326 18.82 22.15 -24.29
N TYR C 327 18.74 21.42 -23.20
CA TYR C 327 19.19 20.03 -23.18
C TYR C 327 18.25 19.02 -23.80
N ALA C 328 17.07 19.46 -24.24
CA ALA C 328 16.12 18.54 -24.83
C ALA C 328 16.66 18.00 -26.16
N SER D 2 -36.23 -4.82 -22.33
CA SER D 2 -35.92 -5.94 -23.27
C SER D 2 -35.36 -5.40 -24.58
N LEU D 3 -35.90 -4.28 -25.06
CA LEU D 3 -35.36 -3.65 -26.25
C LEU D 3 -34.26 -2.75 -25.72
N ASP D 4 -34.28 -2.56 -24.40
CA ASP D 4 -33.30 -1.77 -23.67
C ASP D 4 -32.10 -2.73 -23.60
N ALA D 5 -31.02 -2.43 -24.31
CA ALA D 5 -29.87 -3.32 -24.34
C ALA D 5 -28.69 -2.96 -23.44
N ARG D 6 -28.86 -1.94 -22.61
CA ARG D 6 -27.77 -1.51 -21.73
C ARG D 6 -27.22 -2.62 -20.84
N PHE D 7 -28.08 -3.55 -20.43
CA PHE D 7 -27.68 -4.60 -19.51
C PHE D 7 -27.51 -6.00 -20.10
N ASP D 8 -27.55 -6.10 -21.43
CA ASP D 8 -27.42 -7.39 -22.09
C ASP D 8 -26.07 -8.08 -21.96
N ILE D 9 -24.99 -7.31 -21.86
CA ILE D 9 -23.67 -7.91 -21.70
C ILE D 9 -23.25 -7.78 -20.25
N ALA D 10 -22.91 -8.91 -19.64
CA ALA D 10 -22.51 -8.92 -18.23
C ALA D 10 -21.04 -8.57 -18.03
N HIS D 11 -20.15 -9.31 -18.70
CA HIS D 11 -18.72 -9.04 -18.55
C HIS D 11 -17.86 -9.83 -19.52
N LEU D 12 -16.57 -9.51 -19.51
CA LEU D 12 -15.59 -10.17 -20.36
C LEU D 12 -15.24 -11.49 -19.67
N ALA D 13 -15.60 -12.60 -20.31
CA ALA D 13 -15.36 -13.91 -19.73
C ALA D 13 -13.98 -14.51 -19.94
N ARG D 14 -13.45 -14.40 -21.15
CA ARG D 14 -12.16 -15.01 -21.45
C ARG D 14 -11.52 -14.43 -22.69
N ALA D 15 -10.27 -14.80 -22.93
CA ALA D 15 -9.54 -14.36 -24.10
C ALA D 15 -8.55 -15.47 -24.46
N GLU D 16 -8.22 -15.57 -25.73
CA GLU D 16 -7.26 -16.57 -26.19
C GLU D 16 -6.07 -15.84 -26.80
N LEU D 17 -4.87 -16.24 -26.40
CA LEU D 17 -3.65 -15.63 -26.92
C LEU D 17 -2.86 -16.64 -27.76
N PHE D 18 -2.34 -16.17 -28.88
CA PHE D 18 -1.51 -17.00 -29.75
C PHE D 18 -0.07 -16.73 -29.34
N SER D 19 0.76 -17.76 -29.35
CA SER D 19 2.15 -17.59 -28.99
C SER D 19 3.07 -18.55 -29.71
N PRO D 20 4.17 -18.04 -30.27
CA PRO D 20 5.16 -18.84 -30.99
C PRO D 20 6.08 -19.54 -29.99
N LYS D 21 5.90 -19.21 -28.72
CA LYS D 21 6.68 -19.80 -27.63
C LYS D 21 5.68 -20.15 -26.52
N PRO D 22 4.77 -21.08 -26.83
CA PRO D 22 3.72 -21.52 -25.89
C PRO D 22 4.14 -21.91 -24.48
N GLN D 23 5.24 -22.65 -24.35
CA GLN D 23 5.70 -23.06 -23.04
C GLN D 23 6.21 -21.89 -22.20
N GLU D 24 6.95 -20.98 -22.83
CA GLU D 24 7.47 -19.82 -22.11
C GLU D 24 6.30 -18.93 -21.70
N THR D 25 5.30 -18.84 -22.58
CA THR D 25 4.10 -18.05 -22.30
C THR D 25 3.36 -18.70 -21.14
N LEU D 26 3.26 -20.04 -21.17
CA LEU D 26 2.59 -20.75 -20.09
C LEU D 26 3.30 -20.49 -18.76
N ASP D 27 4.62 -20.59 -18.76
CA ASP D 27 5.40 -20.36 -17.55
C ASP D 27 5.18 -18.94 -17.02
N PHE D 28 5.08 -17.98 -17.92
CA PHE D 28 4.86 -16.59 -17.54
C PHE D 28 3.57 -16.47 -16.73
N PHE D 29 2.49 -17.05 -17.22
CA PHE D 29 1.21 -16.96 -16.53
C PHE D 29 1.05 -17.82 -15.29
N THR D 30 1.87 -18.85 -15.15
CA THR D 30 1.80 -19.72 -13.99
C THR D 30 2.87 -19.39 -12.95
N LYS D 31 4.13 -19.37 -13.39
CA LYS D 31 5.25 -19.06 -12.50
C LYS D 31 5.23 -17.63 -11.95
N PHE D 32 4.88 -16.66 -12.80
CA PHE D 32 4.86 -15.26 -12.37
C PHE D 32 3.48 -14.75 -11.95
N LEU D 33 2.47 -15.01 -12.78
CA LEU D 33 1.12 -14.53 -12.48
C LEU D 33 0.23 -15.50 -11.71
N GLY D 34 0.82 -16.61 -11.28
CA GLY D 34 0.12 -17.63 -10.51
C GLY D 34 -1.28 -18.07 -10.92
N MSE D 35 -1.50 -18.30 -12.21
CA MSE D 35 -2.81 -18.75 -12.65
C MSE D 35 -2.88 -20.27 -12.59
O MSE D 35 -1.87 -20.95 -12.74
CB MSE D 35 -3.11 -18.30 -14.08
CG MSE D 35 -3.21 -16.78 -14.25
SE MSE D 35 -3.57 -16.24 -16.04
CE MSE D 35 -5.36 -16.82 -16.21
N TYR D 36 -4.08 -20.78 -12.35
CA TYR D 36 -4.34 -22.22 -12.27
C TYR D 36 -4.53 -22.76 -13.68
N VAL D 37 -3.98 -23.94 -13.95
CA VAL D 37 -4.16 -24.60 -15.25
C VAL D 37 -5.30 -25.59 -15.04
N THR D 38 -6.37 -25.46 -15.80
CA THR D 38 -7.53 -26.33 -15.65
C THR D 38 -7.77 -27.32 -16.78
N HIS D 39 -7.03 -27.19 -17.87
CA HIS D 39 -7.23 -28.09 -19.00
C HIS D 39 -6.11 -27.97 -20.02
N ARG D 40 -5.87 -29.07 -20.73
CA ARG D 40 -4.86 -29.14 -21.77
C ARG D 40 -5.50 -29.93 -22.90
N GLU D 41 -5.34 -29.43 -24.13
CA GLU D 41 -5.92 -30.08 -25.29
C GLU D 41 -5.19 -29.63 -26.55
N GLY D 42 -4.77 -30.60 -27.36
CA GLY D 42 -4.06 -30.28 -28.58
C GLY D 42 -2.89 -29.35 -28.35
N GLN D 43 -2.93 -28.18 -28.98
CA GLN D 43 -1.86 -27.21 -28.82
C GLN D 43 -2.28 -26.04 -27.93
N SER D 44 -3.24 -26.28 -27.05
CA SER D 44 -3.72 -25.22 -26.16
C SER D 44 -3.74 -25.62 -24.69
N VAL D 45 -3.58 -24.62 -23.82
CA VAL D 45 -3.62 -24.83 -22.39
C VAL D 45 -4.62 -23.81 -21.86
N TYR D 46 -5.45 -24.21 -20.92
CA TYR D 46 -6.47 -23.34 -20.37
C TYR D 46 -6.18 -23.01 -18.92
N LEU D 47 -6.28 -21.73 -18.60
CA LEU D 47 -5.99 -21.26 -17.25
C LEU D 47 -7.04 -20.31 -16.70
N ARG D 48 -7.05 -20.13 -15.38
CA ARG D 48 -7.98 -19.21 -14.72
C ARG D 48 -7.35 -18.59 -13.48
N GLY D 49 -7.69 -17.34 -13.20
CA GLY D 49 -7.20 -16.68 -12.01
C GLY D 49 -8.00 -17.27 -10.88
N TYR D 50 -7.53 -17.18 -9.63
CA TYR D 50 -8.25 -17.80 -8.53
C TYR D 50 -9.66 -17.26 -8.26
N GLU D 51 -9.99 -16.10 -8.81
CA GLU D 51 -11.33 -15.55 -8.64
C GLU D 51 -12.12 -15.45 -9.95
N ASP D 52 -11.63 -16.10 -11.01
CA ASP D 52 -12.38 -16.11 -12.27
C ASP D 52 -13.49 -17.14 -11.97
N PRO D 53 -14.73 -16.85 -12.38
CA PRO D 53 -15.85 -17.75 -12.13
C PRO D 53 -16.02 -19.02 -12.97
N TYR D 54 -15.46 -19.05 -14.17
CA TYR D 54 -15.61 -20.21 -15.03
C TYR D 54 -14.32 -21.05 -15.08
N PRO D 55 -14.35 -22.22 -15.75
CA PRO D 55 -13.15 -23.07 -15.83
C PRO D 55 -11.88 -22.40 -16.33
N TRP D 56 -12.03 -21.43 -17.22
CA TRP D 56 -10.88 -20.68 -17.74
C TRP D 56 -11.26 -19.29 -18.18
N SER D 57 -10.27 -18.39 -18.15
CA SER D 57 -10.47 -17.02 -18.60
C SER D 57 -9.35 -16.73 -19.60
N LEU D 58 -8.37 -17.64 -19.64
CA LEU D 58 -7.25 -17.49 -20.56
C LEU D 58 -6.92 -18.82 -21.25
N LYS D 59 -6.74 -18.76 -22.56
CA LYS D 59 -6.38 -19.93 -23.35
C LYS D 59 -5.11 -19.55 -24.09
N ILE D 60 -4.08 -20.38 -23.98
CA ILE D 60 -2.82 -20.13 -24.66
C ILE D 60 -2.69 -21.17 -25.76
N THR D 61 -2.52 -20.71 -26.99
CA THR D 61 -2.42 -21.62 -28.13
C THR D 61 -1.16 -21.42 -28.96
N GLU D 62 -0.49 -22.53 -29.25
CA GLU D 62 0.74 -22.47 -30.05
C GLU D 62 0.41 -22.00 -31.46
N ALA D 63 1.19 -21.04 -31.96
CA ALA D 63 0.96 -20.51 -33.29
C ALA D 63 2.24 -19.88 -33.82
N PRO D 64 2.33 -19.65 -35.15
CA PRO D 64 3.51 -19.05 -35.76
C PRO D 64 3.71 -17.58 -35.39
N GLU D 65 2.64 -16.95 -34.94
CA GLU D 65 2.70 -15.54 -34.55
C GLU D 65 1.88 -15.28 -33.30
N ALA D 66 2.12 -14.16 -32.66
CA ALA D 66 1.39 -13.78 -31.47
C ALA D 66 0.10 -13.10 -31.91
N GLY D 67 -0.72 -12.70 -30.94
CA GLY D 67 -1.97 -12.03 -31.26
C GLY D 67 -3.12 -12.59 -30.45
N MSE D 68 -4.34 -12.14 -30.74
CA MSE D 68 -5.50 -12.62 -30.02
C MSE D 68 -6.33 -13.61 -30.82
O MSE D 68 -6.80 -13.29 -31.92
CB MSE D 68 -6.40 -11.45 -29.61
CG MSE D 68 -7.66 -11.87 -28.82
SE MSE D 68 -8.80 -10.39 -28.32
CE MSE D 68 -8.24 -10.22 -26.47
N GLY D 69 -6.47 -14.83 -30.29
CA GLY D 69 -7.25 -15.85 -30.95
C GLY D 69 -8.70 -15.42 -30.93
N HIS D 70 -9.16 -14.97 -29.78
CA HIS D 70 -10.51 -14.49 -29.61
C HIS D 70 -10.71 -13.91 -28.21
N ALA D 71 -11.87 -13.31 -28.01
CA ALA D 71 -12.27 -12.76 -26.72
C ALA D 71 -13.76 -13.08 -26.67
N ALA D 72 -14.23 -13.53 -25.52
CA ALA D 72 -15.65 -13.86 -25.38
C ALA D 72 -16.28 -13.12 -24.21
N MSE D 73 -17.45 -12.53 -24.46
CA MSE D 73 -18.18 -11.81 -23.43
C MSE D 73 -19.39 -12.64 -23.03
O MSE D 73 -20.01 -13.28 -23.88
CB MSE D 73 -18.62 -10.45 -23.96
CG MSE D 73 -17.47 -9.54 -24.37
SE MSE D 73 -17.97 -8.09 -25.54
CE MSE D 73 -17.57 -8.94 -27.29
N ARG D 74 -19.73 -12.63 -21.75
CA ARG D 74 -20.89 -13.37 -21.30
C ARG D 74 -22.07 -12.42 -21.12
N THR D 75 -23.24 -12.83 -21.60
CA THR D 75 -24.44 -12.02 -21.49
C THR D 75 -25.07 -12.13 -20.12
N SER D 76 -26.12 -11.34 -19.88
CA SER D 76 -26.78 -11.35 -18.58
C SER D 76 -27.93 -12.35 -18.51
N SER D 77 -28.19 -13.02 -19.62
CA SER D 77 -29.25 -14.03 -19.68
C SER D 77 -29.23 -14.71 -21.05
N PRO D 78 -29.89 -15.87 -21.18
CA PRO D 78 -29.94 -16.59 -22.45
C PRO D 78 -30.62 -15.76 -23.52
N GLU D 79 -31.64 -15.00 -23.10
CA GLU D 79 -32.38 -14.14 -24.01
C GLU D 79 -31.47 -13.04 -24.56
N ALA D 80 -30.64 -12.46 -23.70
CA ALA D 80 -29.75 -11.41 -24.14
C ALA D 80 -28.81 -11.91 -25.25
N LEU D 81 -28.41 -13.18 -25.15
CA LEU D 81 -27.52 -13.73 -26.17
C LEU D 81 -28.21 -13.76 -27.53
N GLU D 82 -29.45 -14.22 -27.55
CA GLU D 82 -30.21 -14.29 -28.79
C GLU D 82 -30.44 -12.89 -29.35
N ARG D 83 -30.78 -11.95 -28.48
CA ARG D 83 -31.01 -10.57 -28.92
C ARG D 83 -29.75 -9.95 -29.54
N ARG D 84 -28.62 -10.08 -28.86
CA ARG D 84 -27.37 -9.51 -29.36
C ARG D 84 -26.92 -10.18 -30.66
N ALA D 85 -27.05 -11.50 -30.71
CA ALA D 85 -26.66 -12.24 -31.90
C ALA D 85 -27.54 -11.82 -33.08
N LYS D 86 -28.82 -11.59 -32.80
CA LYS D 86 -29.77 -11.19 -33.85
C LYS D 86 -29.48 -9.78 -34.33
N SER D 87 -29.11 -8.89 -33.40
CA SER D 87 -28.81 -7.52 -33.75
C SER D 87 -27.64 -7.51 -34.73
N LEU D 88 -26.63 -8.31 -34.43
CA LEU D 88 -25.45 -8.41 -35.27
C LEU D 88 -25.81 -8.99 -36.64
N THR D 89 -26.65 -10.02 -36.63
CA THR D 89 -27.08 -10.66 -37.87
C THR D 89 -27.88 -9.69 -38.75
N ASP D 90 -28.85 -9.00 -38.15
CA ASP D 90 -29.66 -8.05 -38.89
C ASP D 90 -28.80 -6.90 -39.40
N GLY D 91 -27.64 -6.72 -38.78
CA GLY D 91 -26.75 -5.66 -39.18
C GLY D 91 -25.76 -6.12 -40.25
N ASN D 92 -26.04 -7.28 -40.82
CA ASN D 92 -25.21 -7.88 -41.86
C ASN D 92 -23.83 -8.33 -41.39
N VAL D 93 -23.69 -8.54 -40.09
CA VAL D 93 -22.42 -9.02 -39.56
C VAL D 93 -22.44 -10.53 -39.70
N ASP D 94 -21.42 -11.09 -40.34
CA ASP D 94 -21.34 -12.53 -40.52
C ASP D 94 -21.15 -13.17 -39.14
N GLY D 95 -21.93 -14.19 -38.83
CA GLY D 95 -21.79 -14.84 -37.54
C GLY D 95 -21.89 -16.35 -37.64
N THR D 96 -21.30 -17.05 -36.69
CA THR D 96 -21.34 -18.51 -36.70
C THR D 96 -21.51 -19.06 -35.28
N TRP D 97 -22.43 -20.00 -35.12
CA TRP D 97 -22.67 -20.60 -33.82
C TRP D 97 -21.83 -21.86 -33.63
N SER D 98 -21.36 -22.07 -32.40
CA SER D 98 -20.54 -23.23 -32.09
C SER D 98 -20.65 -23.62 -30.63
N GLU D 99 -20.08 -24.76 -30.30
CA GLU D 99 -20.04 -25.27 -28.93
C GLU D 99 -18.80 -26.15 -28.97
N ASP D 100 -17.66 -25.47 -29.09
CA ASP D 100 -16.33 -26.03 -29.23
C ASP D 100 -15.45 -26.06 -27.99
N GLN D 101 -15.72 -25.17 -27.05
CA GLN D 101 -14.87 -25.04 -25.87
C GLN D 101 -15.20 -25.72 -24.55
N PHE D 102 -14.15 -26.25 -23.93
CA PHE D 102 -14.22 -26.90 -22.64
C PHE D 102 -14.72 -25.89 -21.62
N GLY D 103 -15.64 -26.30 -20.76
CA GLY D 103 -16.17 -25.42 -19.72
C GLY D 103 -17.23 -24.41 -20.12
N TYR D 104 -17.58 -24.37 -21.40
CA TYR D 104 -18.58 -23.42 -21.90
C TYR D 104 -19.54 -24.09 -22.87
N GLY D 105 -20.62 -23.39 -23.18
CA GLY D 105 -21.62 -23.93 -24.09
C GLY D 105 -21.77 -23.20 -25.42
N LYS D 106 -23.02 -23.02 -25.83
CA LYS D 106 -23.38 -22.36 -27.09
C LYS D 106 -22.76 -20.98 -27.23
N THR D 107 -21.98 -20.78 -28.29
CA THR D 107 -21.31 -19.50 -28.50
C THR D 107 -21.49 -18.92 -29.91
N PHE D 108 -21.66 -17.60 -29.99
CA PHE D 108 -21.82 -16.91 -31.27
C PHE D 108 -20.50 -16.24 -31.63
N GLU D 109 -19.89 -16.65 -32.74
CA GLU D 109 -18.62 -16.07 -33.16
C GLU D 109 -18.78 -15.05 -34.30
N TYR D 110 -18.08 -13.92 -34.18
CA TYR D 110 -18.15 -12.90 -35.21
C TYR D 110 -16.90 -12.02 -35.16
N GLN D 111 -16.74 -11.15 -36.15
CA GLN D 111 -15.58 -10.27 -36.18
C GLN D 111 -15.95 -8.81 -36.12
N SER D 112 -15.09 -8.02 -35.49
CA SER D 112 -15.30 -6.59 -35.37
C SER D 112 -15.10 -6.02 -36.77
N PRO D 113 -15.46 -4.75 -36.97
CA PRO D 113 -15.29 -4.13 -38.29
C PRO D 113 -13.83 -4.15 -38.75
N ASP D 114 -12.91 -4.28 -37.81
CA ASP D 114 -11.49 -4.27 -38.13
C ASP D 114 -10.88 -5.67 -38.20
N GLY D 115 -11.70 -6.69 -37.96
CA GLY D 115 -11.21 -8.05 -38.04
C GLY D 115 -10.85 -8.74 -36.73
N HIS D 116 -11.23 -8.16 -35.60
CA HIS D 116 -10.92 -8.79 -34.32
C HIS D 116 -11.92 -9.92 -34.09
N ASN D 117 -11.44 -11.08 -33.64
CA ASN D 117 -12.31 -12.21 -33.38
C ASN D 117 -13.01 -12.08 -32.04
N LEU D 118 -14.32 -11.84 -32.09
CA LEU D 118 -15.12 -11.67 -30.88
C LEU D 118 -16.16 -12.77 -30.76
N GLN D 119 -16.59 -13.03 -29.53
CA GLN D 119 -17.58 -14.06 -29.28
C GLN D 119 -18.53 -13.69 -28.15
N LEU D 120 -19.76 -14.20 -28.24
CA LEU D 120 -20.78 -13.95 -27.22
C LEU D 120 -21.31 -15.30 -26.73
N LEU D 121 -21.56 -15.42 -25.44
CA LEU D 121 -22.08 -16.66 -24.90
C LEU D 121 -22.81 -16.49 -23.58
N TRP D 122 -23.63 -17.48 -23.22
CA TRP D 122 -24.34 -17.45 -21.96
C TRP D 122 -24.02 -18.66 -21.10
N GLU D 123 -23.99 -19.84 -21.73
CA GLU D 123 -23.70 -21.08 -21.01
C GLU D 123 -22.26 -21.16 -20.55
N ALA D 124 -22.07 -21.10 -19.24
CA ALA D 124 -20.73 -21.17 -18.67
C ALA D 124 -20.76 -21.99 -17.39
N GLU D 125 -19.88 -22.96 -17.31
CA GLU D 125 -19.79 -23.82 -16.15
C GLU D 125 -19.21 -22.98 -15.01
N LYS D 126 -19.74 -23.14 -13.80
CA LYS D 126 -19.20 -22.38 -12.68
C LYS D 126 -18.10 -23.26 -12.10
N TYR D 127 -16.90 -22.71 -12.01
CA TYR D 127 -15.78 -23.47 -11.50
C TYR D 127 -15.83 -23.73 -10.00
N VAL D 128 -15.67 -25.00 -9.63
CA VAL D 128 -15.67 -25.40 -8.24
C VAL D 128 -14.37 -26.13 -7.98
N ALA D 129 -13.57 -25.59 -7.08
CA ALA D 129 -12.29 -26.17 -6.74
C ALA D 129 -12.43 -27.44 -5.92
N PRO D 130 -11.46 -28.36 -6.02
CA PRO D 130 -11.58 -29.58 -5.23
C PRO D 130 -11.57 -29.12 -3.77
N PRO D 131 -12.15 -29.90 -2.87
CA PRO D 131 -12.21 -29.55 -1.45
C PRO D 131 -10.95 -28.90 -0.88
N GLU D 132 -9.80 -29.50 -1.16
CA GLU D 132 -8.51 -29.00 -0.68
C GLU D 132 -8.11 -27.60 -1.15
N LEU D 133 -8.64 -27.17 -2.30
CA LEU D 133 -8.30 -25.85 -2.84
C LEU D 133 -9.37 -24.78 -2.65
N ARG D 134 -10.46 -25.11 -1.98
CA ARG D 134 -11.52 -24.12 -1.76
C ARG D 134 -11.08 -23.10 -0.72
N SER D 135 -11.51 -21.85 -0.90
CA SER D 135 -11.15 -20.79 0.03
C SER D 135 -12.18 -20.67 1.14
N LYS D 136 -11.73 -20.23 2.31
CA LYS D 136 -12.64 -20.02 3.44
C LYS D 136 -13.47 -18.77 3.14
N ILE D 137 -13.03 -17.98 2.17
CA ILE D 137 -13.77 -16.77 1.75
C ILE D 137 -14.74 -17.32 0.70
N LEU D 138 -16.02 -17.39 1.06
CA LEU D 138 -17.03 -17.99 0.20
C LEU D 138 -17.23 -17.48 -1.23
N THR D 139 -16.92 -16.21 -1.49
CA THR D 139 -17.07 -15.67 -2.84
C THR D 139 -15.84 -15.96 -3.68
N ARG D 140 -14.84 -16.57 -3.05
CA ARG D 140 -13.59 -16.92 -3.72
C ARG D 140 -13.56 -18.41 -3.97
N PRO D 141 -13.65 -18.83 -5.25
CA PRO D 141 -13.64 -20.27 -5.57
C PRO D 141 -12.40 -21.05 -5.16
N SER D 142 -11.22 -20.46 -5.40
CA SER D 142 -9.96 -21.13 -5.07
C SER D 142 -9.05 -20.29 -4.19
N LYS D 143 -8.24 -20.95 -3.37
CA LYS D 143 -7.32 -20.22 -2.52
C LYS D 143 -6.32 -19.49 -3.43
N LYS D 144 -5.83 -18.36 -2.96
CA LYS D 144 -4.83 -17.60 -3.72
C LYS D 144 -3.57 -18.47 -3.72
N PRO D 145 -3.01 -18.76 -4.91
CA PRO D 145 -1.80 -19.58 -5.01
C PRO D 145 -0.63 -18.97 -4.25
N LEU D 146 0.38 -19.80 -3.99
CA LEU D 146 1.58 -19.38 -3.28
C LEU D 146 2.72 -19.23 -4.28
N GLN D 147 2.36 -19.04 -5.55
CA GLN D 147 3.35 -18.91 -6.62
C GLN D 147 3.30 -17.52 -7.25
N GLY D 148 4.46 -16.87 -7.33
CA GLY D 148 4.56 -15.55 -7.92
C GLY D 148 3.69 -14.50 -7.26
N ILE D 149 3.14 -13.61 -8.07
CA ILE D 149 2.23 -12.57 -7.61
C ILE D 149 0.97 -12.89 -8.43
N PRO D 150 0.13 -13.78 -7.89
CA PRO D 150 -1.13 -14.25 -8.51
C PRO D 150 -2.17 -13.18 -8.80
N VAL D 151 -2.63 -13.18 -10.04
CA VAL D 151 -3.68 -12.24 -10.46
C VAL D 151 -5.01 -12.85 -10.04
N LYS D 152 -6.01 -12.02 -9.77
CA LYS D 152 -7.32 -12.53 -9.35
C LYS D 152 -8.21 -12.99 -10.49
N ARG D 153 -8.17 -12.25 -11.59
CA ARG D 153 -9.02 -12.58 -12.72
C ARG D 153 -8.60 -11.78 -13.93
N ILE D 154 -9.28 -12.02 -15.04
CA ILE D 154 -9.04 -11.27 -16.27
C ILE D 154 -9.71 -9.92 -15.97
N ASP D 155 -9.28 -8.84 -16.60
CA ASP D 155 -9.91 -7.53 -16.34
C ASP D 155 -10.52 -6.88 -17.58
N HIS D 156 -9.69 -6.64 -18.59
CA HIS D 156 -10.18 -6.02 -19.82
C HIS D 156 -9.25 -6.30 -20.97
N LEU D 157 -9.62 -5.79 -22.14
CA LEU D 157 -8.80 -5.95 -23.32
C LEU D 157 -8.80 -4.68 -24.14
N ASN D 158 -7.68 -4.41 -24.79
CA ASN D 158 -7.53 -3.22 -25.61
C ASN D 158 -7.20 -3.67 -27.02
N LEU D 159 -8.08 -3.33 -27.96
CA LEU D 159 -7.92 -3.70 -29.36
C LEU D 159 -7.35 -2.55 -30.15
N MSE D 160 -6.40 -2.85 -31.03
CA MSE D 160 -5.79 -1.83 -31.88
C MSE D 160 -6.57 -1.89 -33.16
O MSE D 160 -6.90 -2.97 -33.64
CB MSE D 160 -4.31 -2.15 -32.11
CG MSE D 160 -3.46 -1.00 -32.62
SE MSE D 160 -1.61 -1.50 -32.34
CE MSE D 160 -0.99 -0.01 -31.25
N SER D 161 -6.91 -0.73 -33.70
CA SER D 161 -7.72 -0.69 -34.92
C SER D 161 -7.38 0.42 -35.91
N SER D 162 -7.68 0.17 -37.17
CA SER D 162 -7.45 1.15 -38.23
C SER D 162 -8.57 2.18 -38.19
N ASP D 163 -9.66 1.83 -37.52
CA ASP D 163 -10.81 2.73 -37.41
C ASP D 163 -11.48 2.54 -36.04
N VAL D 164 -11.12 3.37 -35.08
CA VAL D 164 -11.68 3.27 -33.75
C VAL D 164 -13.18 3.51 -33.74
N THR D 165 -13.61 4.55 -34.45
CA THR D 165 -15.02 4.88 -34.50
C THR D 165 -15.90 3.73 -34.97
N ALA D 166 -15.43 2.98 -35.97
CA ALA D 166 -16.21 1.84 -36.47
C ALA D 166 -16.35 0.75 -35.42
N VAL D 167 -15.27 0.49 -34.67
CA VAL D 167 -15.30 -0.53 -33.63
C VAL D 167 -16.22 -0.09 -32.49
N LYS D 168 -16.10 1.17 -32.09
CA LYS D 168 -16.93 1.73 -31.02
C LYS D 168 -18.41 1.64 -31.39
N ASP D 169 -18.73 2.07 -32.61
CA ASP D 169 -20.12 2.03 -33.07
C ASP D 169 -20.72 0.63 -32.99
N SER D 170 -19.92 -0.38 -33.32
CA SER D 170 -20.40 -1.76 -33.26
C SER D 170 -20.75 -2.15 -31.83
N PHE D 171 -19.84 -1.89 -30.89
CA PHE D 171 -20.10 -2.22 -29.50
C PHE D 171 -21.31 -1.45 -28.95
N GLU D 172 -21.43 -0.19 -29.32
CA GLU D 172 -22.54 0.62 -28.86
C GLU D 172 -23.91 0.18 -29.39
N ARG D 173 -24.05 0.14 -30.71
CA ARG D 173 -25.34 -0.22 -31.31
C ARG D 173 -25.69 -1.71 -31.31
N HIS D 174 -24.70 -2.58 -31.39
CA HIS D 174 -24.98 -4.01 -31.42
C HIS D 174 -24.88 -4.72 -30.08
N LEU D 175 -23.97 -4.27 -29.20
CA LEU D 175 -23.84 -4.91 -27.90
C LEU D 175 -24.43 -4.10 -26.75
N GLY D 176 -24.80 -2.86 -27.02
CA GLY D 176 -25.39 -2.02 -25.99
C GLY D 176 -24.39 -1.31 -25.08
N PHE D 177 -23.11 -1.40 -25.40
CA PHE D 177 -22.09 -0.74 -24.60
C PHE D 177 -22.24 0.78 -24.63
N ARG D 178 -21.66 1.43 -23.63
CA ARG D 178 -21.66 2.89 -23.58
C ARG D 178 -20.17 3.22 -23.58
N THR D 179 -19.81 4.41 -24.07
CA THR D 179 -18.41 4.81 -24.09
C THR D 179 -18.23 5.80 -22.93
N THR D 180 -17.40 5.44 -21.97
CA THR D 180 -17.19 6.29 -20.81
C THR D 180 -16.22 7.43 -21.08
N GLU D 181 -15.15 7.13 -21.82
CA GLU D 181 -14.17 8.15 -22.14
C GLU D 181 -13.61 7.89 -23.53
N ARG D 182 -13.15 8.95 -24.17
CA ARG D 182 -12.55 8.81 -25.49
C ARG D 182 -11.50 9.88 -25.67
N VAL D 183 -10.65 9.68 -26.66
CA VAL D 183 -9.60 10.63 -26.98
C VAL D 183 -9.73 10.97 -28.45
N VAL D 184 -9.67 12.26 -28.75
CA VAL D 184 -9.76 12.70 -30.13
C VAL D 184 -8.54 13.54 -30.47
N ASP D 185 -8.17 13.52 -31.74
CA ASP D 185 -7.06 14.31 -32.24
C ASP D 185 -7.71 15.11 -33.35
N GLY D 186 -8.13 16.32 -33.03
CA GLY D 186 -8.81 17.15 -34.01
C GLY D 186 -10.26 16.70 -34.01
N ASN D 187 -10.68 16.05 -35.08
CA ASN D 187 -12.06 15.57 -35.18
C ASN D 187 -12.05 14.06 -35.41
N VAL D 188 -10.94 13.42 -35.03
CA VAL D 188 -10.79 11.98 -35.19
C VAL D 188 -10.63 11.27 -33.85
N GLU D 189 -11.39 10.21 -33.65
CA GLU D 189 -11.29 9.44 -32.42
C GLU D 189 -10.10 8.49 -32.53
N ILE D 190 -9.16 8.60 -31.61
CA ILE D 190 -8.01 7.72 -31.65
C ILE D 190 -8.02 6.73 -30.49
N GLY D 191 -9.03 6.86 -29.63
CA GLY D 191 -9.15 5.97 -28.49
C GLY D 191 -10.54 6.00 -27.89
N ALA D 192 -11.06 4.83 -27.51
CA ALA D 192 -12.37 4.73 -26.90
C ALA D 192 -12.38 3.64 -25.84
N TRP D 193 -12.99 3.93 -24.69
CA TRP D 193 -13.08 2.98 -23.59
C TRP D 193 -14.56 2.73 -23.34
N MSE D 194 -14.96 1.47 -23.46
CA MSE D 194 -16.37 1.12 -23.34
C MSE D 194 -16.73 0.12 -22.27
O MSE D 194 -15.92 -0.73 -21.88
CB MSE D 194 -16.83 0.63 -24.71
CG MSE D 194 -16.31 1.52 -25.84
SE MSE D 194 -16.28 0.69 -27.59
CE MSE D 194 -14.65 -0.38 -27.41
N SER D 195 -17.98 0.19 -21.81
CA SER D 195 -18.44 -0.67 -20.74
C SER D 195 -19.95 -0.89 -20.77
N SER D 196 -20.38 -1.97 -20.13
CA SER D 196 -21.81 -2.31 -20.02
C SER D 196 -22.18 -2.41 -18.54
N ASN D 197 -21.23 -2.11 -17.66
CA ASN D 197 -21.48 -2.17 -16.21
C ASN D 197 -20.77 -1.02 -15.51
N LEU D 198 -20.66 -1.06 -14.19
CA LEU D 198 -20.03 0.08 -13.54
C LEU D 198 -18.52 0.21 -13.74
N LEU D 199 -17.90 -0.74 -14.41
CA LEU D 199 -16.46 -0.62 -14.66
C LEU D 199 -16.28 0.50 -15.69
N GLY D 200 -15.12 1.17 -15.65
CA GLY D 200 -14.87 2.23 -16.61
C GLY D 200 -14.83 1.64 -18.00
N HIS D 201 -14.34 0.40 -18.09
CA HIS D 201 -14.27 -0.31 -19.36
C HIS D 201 -13.78 -1.75 -19.20
N GLU D 202 -14.22 -2.60 -20.13
CA GLU D 202 -13.77 -3.98 -20.17
C GLU D 202 -13.23 -4.18 -21.58
N VAL D 203 -13.59 -3.25 -22.46
CA VAL D 203 -13.12 -3.29 -23.84
C VAL D 203 -12.76 -1.88 -24.29
N ALA D 204 -11.53 -1.73 -24.79
CA ALA D 204 -11.06 -0.45 -25.27
C ALA D 204 -10.56 -0.63 -26.70
N CYS D 205 -10.48 0.46 -27.43
CA CYS D 205 -10.02 0.43 -28.80
C CYS D 205 -9.16 1.65 -29.09
N MSE D 206 -7.95 1.43 -29.58
CA MSE D 206 -7.06 2.54 -29.89
C MSE D 206 -6.55 2.45 -31.32
O MSE D 206 -6.34 1.35 -31.85
CB MSE D 206 -5.89 2.57 -28.91
CG MSE D 206 -6.31 2.46 -27.45
SE MSE D 206 -4.89 2.84 -26.25
CE MSE D 206 -3.66 1.47 -26.89
N ARG D 207 -6.34 3.59 -31.94
CA ARG D 207 -5.89 3.64 -33.32
C ARG D 207 -4.50 3.05 -33.54
N ASP D 208 -4.37 2.24 -34.58
CA ASP D 208 -3.10 1.62 -34.94
C ASP D 208 -2.34 2.71 -35.72
N MSE D 209 -1.23 3.19 -35.16
CA MSE D 209 -0.46 4.24 -35.81
C MSE D 209 0.52 3.76 -36.87
O MSE D 209 1.30 4.55 -37.42
CB MSE D 209 0.29 5.06 -34.76
CG MSE D 209 -0.64 5.60 -33.70
SE MSE D 209 -1.87 7.04 -34.20
CE MSE D 209 -2.77 6.29 -35.72
N THR D 210 0.48 2.47 -37.19
CA THR D 210 1.36 1.90 -38.19
C THR D 210 0.59 1.61 -39.48
N GLY D 211 -0.72 1.76 -39.43
CA GLY D 211 -1.54 1.50 -40.60
C GLY D 211 -2.15 0.11 -40.62
N GLY D 212 -1.73 -0.74 -39.69
CA GLY D 212 -2.26 -2.10 -39.65
C GLY D 212 -3.69 -2.11 -39.13
N HIS D 213 -4.23 -3.29 -38.88
CA HIS D 213 -5.59 -3.41 -38.36
C HIS D 213 -5.83 -4.78 -37.73
N GLY D 214 -6.92 -4.89 -36.97
CA GLY D 214 -7.28 -6.15 -36.34
C GLY D 214 -6.27 -6.70 -35.34
N LYS D 215 -5.42 -5.83 -34.80
CA LYS D 215 -4.40 -6.26 -33.84
C LYS D 215 -4.84 -6.15 -32.38
N LEU D 216 -4.10 -6.84 -31.52
CA LEU D 216 -4.32 -6.83 -30.08
C LEU D 216 -3.32 -5.87 -29.45
N HIS D 217 -3.79 -4.86 -28.73
CA HIS D 217 -2.85 -3.98 -28.06
C HIS D 217 -2.41 -4.68 -26.77
N HIS D 218 -3.37 -5.09 -25.94
CA HIS D 218 -3.05 -5.81 -24.71
C HIS D 218 -4.24 -6.45 -23.99
N LEU D 219 -3.92 -7.47 -23.19
CA LEU D 219 -4.91 -8.17 -22.39
C LEU D 219 -4.50 -7.80 -20.96
N ALA D 220 -5.46 -7.44 -20.12
CA ALA D 220 -5.17 -7.03 -18.76
C ALA D 220 -5.74 -7.96 -17.70
N PHE D 221 -4.98 -8.16 -16.63
CA PHE D 221 -5.39 -9.01 -15.51
C PHE D 221 -5.43 -8.17 -14.23
N PHE D 222 -6.39 -8.49 -13.38
CA PHE D 222 -6.67 -7.76 -12.14
C PHE D 222 -5.98 -8.18 -10.85
N TYR D 223 -5.45 -7.19 -10.14
CA TYR D 223 -4.81 -7.38 -8.84
C TYR D 223 -5.70 -6.69 -7.80
N GLY D 224 -6.12 -5.46 -8.11
CA GLY D 224 -6.96 -4.68 -7.21
C GLY D 224 -6.19 -3.96 -6.14
N THR D 225 -4.87 -4.14 -6.15
CA THR D 225 -4.01 -3.52 -5.16
C THR D 225 -2.79 -2.91 -5.85
N GLY D 226 -2.57 -1.62 -5.64
CA GLY D 226 -1.45 -0.95 -6.27
C GLY D 226 -0.10 -1.57 -5.94
N GLN D 227 0.05 -2.04 -4.71
CA GLN D 227 1.31 -2.64 -4.28
C GLN D 227 1.68 -3.86 -5.11
N HIS D 228 0.68 -4.57 -5.63
CA HIS D 228 0.99 -5.76 -6.39
C HIS D 228 1.59 -5.45 -7.77
N ASN D 229 1.37 -4.22 -8.25
CA ASN D 229 1.98 -3.82 -9.52
C ASN D 229 3.45 -3.52 -9.20
N ILE D 230 3.71 -3.01 -8.00
CA ILE D 230 5.08 -2.72 -7.59
C ILE D 230 5.83 -4.04 -7.39
N ASP D 231 5.17 -5.00 -6.74
CA ASP D 231 5.79 -6.31 -6.50
C ASP D 231 5.99 -7.02 -7.83
N ALA D 232 5.00 -6.91 -8.71
CA ALA D 232 5.08 -7.55 -10.01
C ALA D 232 6.23 -7.01 -10.85
N VAL D 233 6.34 -5.69 -10.94
CA VAL D 233 7.42 -5.14 -11.76
C VAL D 233 8.80 -5.51 -11.24
N GLU D 234 8.97 -5.56 -9.91
CA GLU D 234 10.26 -5.94 -9.34
C GLU D 234 10.58 -7.38 -9.74
N MSE D 235 9.55 -8.22 -9.75
CA MSE D 235 9.70 -9.62 -10.13
C MSE D 235 10.11 -9.71 -11.61
O MSE D 235 11.07 -10.40 -11.96
CB MSE D 235 8.38 -10.36 -9.84
CG MSE D 235 8.30 -11.77 -10.42
SE MSE D 235 6.66 -12.68 -10.11
CE MSE D 235 5.47 -11.47 -10.92
N PHE D 236 9.39 -9.01 -12.48
CA PHE D 236 9.70 -9.03 -13.91
C PHE D 236 11.11 -8.52 -14.20
N ARG D 237 11.51 -7.46 -13.52
CA ARG D 237 12.84 -6.90 -13.72
C ARG D 237 13.94 -7.91 -13.37
N ASP D 238 13.84 -8.52 -12.18
CA ASP D 238 14.86 -9.46 -11.77
C ASP D 238 14.80 -10.81 -12.46
N TYR D 239 13.65 -11.12 -13.06
CA TYR D 239 13.52 -12.40 -13.75
C TYR D 239 13.51 -12.29 -15.27
N ASP D 240 14.04 -11.16 -15.75
CA ASP D 240 14.18 -10.90 -17.17
C ASP D 240 12.96 -10.81 -18.08
N ILE D 241 11.93 -10.10 -17.62
CA ILE D 241 10.74 -9.88 -18.43
C ILE D 241 10.81 -8.42 -18.83
N GLN D 242 10.65 -8.15 -20.12
CA GLN D 242 10.73 -6.78 -20.64
C GLN D 242 9.59 -5.89 -20.13
N ILE D 243 9.96 -4.76 -19.55
CA ILE D 243 9.00 -3.81 -19.01
C ILE D 243 8.83 -2.62 -19.94
N GLU D 244 7.59 -2.30 -20.30
CA GLU D 244 7.33 -1.18 -21.20
C GLU D 244 7.12 0.12 -20.44
N ALA D 245 6.19 0.11 -19.49
CA ALA D 245 5.89 1.31 -18.71
C ALA D 245 5.12 0.96 -17.45
N GLY D 246 5.19 1.86 -16.46
CA GLY D 246 4.50 1.62 -15.21
C GLY D 246 5.47 1.08 -14.16
N PRO D 247 5.03 0.92 -12.90
CA PRO D 247 3.69 1.20 -12.38
C PRO D 247 3.39 2.69 -12.26
N ASP D 248 2.18 3.07 -12.65
CA ASP D 248 1.71 4.45 -12.55
C ASP D 248 0.21 4.36 -12.74
N LYS D 249 -0.42 5.51 -12.97
CA LYS D 249 -1.87 5.55 -13.15
C LYS D 249 -2.28 6.46 -14.31
N HIS D 250 -3.13 5.94 -15.19
CA HIS D 250 -3.65 6.71 -16.33
C HIS D 250 -4.77 7.62 -15.83
N GLY D 251 -4.75 8.90 -16.19
CA GLY D 251 -5.83 9.77 -15.78
C GLY D 251 -7.08 9.26 -16.49
N ILE D 252 -6.89 8.87 -17.75
CA ILE D 252 -7.96 8.30 -18.55
C ILE D 252 -8.28 6.93 -17.96
N THR D 253 -9.51 6.76 -17.51
CA THR D 253 -10.03 5.54 -16.88
C THR D 253 -9.48 5.32 -15.47
N GLN D 254 -8.70 6.27 -14.98
CA GLN D 254 -8.09 6.17 -13.64
C GLN D 254 -7.65 4.74 -13.34
N SER D 255 -6.77 4.21 -14.19
CA SER D 255 -6.29 2.84 -14.01
C SER D 255 -4.83 2.76 -13.58
N GLN D 256 -4.55 2.00 -12.53
CA GLN D 256 -3.16 1.80 -12.10
C GLN D 256 -2.64 0.73 -13.05
N PHE D 257 -1.66 1.09 -13.86
CA PHE D 257 -1.15 0.19 -14.87
C PHE D 257 0.30 -0.26 -14.76
N LEU D 258 0.59 -1.37 -15.42
CA LEU D 258 1.92 -1.95 -15.53
C LEU D 258 1.89 -2.77 -16.83
N TYR D 259 2.65 -2.33 -17.83
CA TYR D 259 2.70 -3.04 -19.10
C TYR D 259 4.02 -3.78 -19.26
N VAL D 260 3.93 -5.04 -19.64
CA VAL D 260 5.11 -5.87 -19.87
C VAL D 260 4.84 -6.75 -21.08
N PHE D 261 5.88 -7.37 -21.61
CA PHE D 261 5.74 -8.22 -22.78
C PHE D 261 6.03 -9.67 -22.41
N GLU D 262 5.04 -10.54 -22.56
CA GLU D 262 5.27 -11.93 -22.22
C GLU D 262 6.17 -12.49 -23.34
N PRO D 263 6.87 -13.61 -23.06
CA PRO D 263 7.78 -14.27 -24.00
C PRO D 263 7.32 -14.40 -25.45
N GLY D 264 6.03 -14.63 -25.65
CA GLY D 264 5.51 -14.79 -26.99
C GLY D 264 5.44 -13.48 -27.78
N GLY D 265 5.52 -12.36 -27.07
CA GLY D 265 5.48 -11.07 -27.75
C GLY D 265 4.23 -10.25 -27.51
N ASN D 266 3.23 -10.81 -26.82
CA ASN D 266 2.01 -10.08 -26.54
C ASN D 266 2.21 -9.14 -25.35
N ARG D 267 1.55 -7.99 -25.40
CA ARG D 267 1.63 -7.03 -24.31
C ARG D 267 0.56 -7.39 -23.29
N ILE D 268 0.97 -7.51 -22.03
CA ILE D 268 0.06 -7.85 -20.95
C ILE D 268 0.08 -6.73 -19.91
N GLU D 269 -1.08 -6.38 -19.39
CA GLU D 269 -1.18 -5.33 -18.39
C GLU D 269 -1.60 -5.90 -17.05
N LEU D 270 -0.93 -5.43 -15.99
CA LEU D 270 -1.27 -5.83 -14.64
C LEU D 270 -2.00 -4.60 -14.13
N PHE D 271 -3.22 -4.81 -13.64
CA PHE D 271 -4.12 -3.76 -13.20
C PHE D 271 -4.23 -3.66 -11.67
N GLY D 272 -4.02 -2.47 -11.14
CA GLY D 272 -4.09 -2.28 -9.69
C GLY D 272 -5.51 -2.03 -9.18
N GLU D 273 -5.68 -0.96 -8.41
CA GLU D 273 -6.98 -0.62 -7.84
C GLU D 273 -8.05 -0.46 -8.91
N ALA D 274 -9.25 -0.94 -8.61
CA ALA D 274 -10.38 -0.85 -9.54
C ALA D 274 -10.48 0.59 -10.02
N GLY D 275 -10.22 1.53 -9.11
CA GLY D 275 -10.26 2.94 -9.45
C GLY D 275 -11.61 3.62 -9.30
N TYR D 276 -12.03 4.28 -10.38
CA TYR D 276 -13.29 5.01 -10.41
C TYR D 276 -14.42 4.14 -10.98
N LEU D 277 -15.42 3.88 -10.15
CA LEU D 277 -16.57 3.08 -10.58
C LEU D 277 -17.63 4.04 -11.07
N HIS D 278 -18.25 3.70 -12.20
CA HIS D 278 -19.28 4.57 -12.77
C HIS D 278 -20.67 4.33 -12.18
N LEU D 279 -20.88 4.87 -10.99
CA LEU D 279 -22.15 4.74 -10.29
C LEU D 279 -23.26 5.53 -10.96
N ASP D 280 -22.94 6.75 -11.39
CA ASP D 280 -23.89 7.61 -12.09
C ASP D 280 -24.27 6.91 -13.39
N PRO D 281 -25.54 6.50 -13.51
CA PRO D 281 -26.02 5.79 -14.71
C PRO D 281 -26.24 6.68 -15.92
N ASP D 282 -26.12 7.99 -15.72
CA ASP D 282 -26.43 8.97 -16.76
C ASP D 282 -25.30 9.96 -17.07
N ALA D 283 -24.05 9.53 -16.84
CA ALA D 283 -22.90 10.41 -17.07
C ALA D 283 -22.53 10.56 -18.55
N GLU D 284 -22.22 11.79 -18.96
CA GLU D 284 -21.83 12.04 -20.34
C GLU D 284 -20.42 11.52 -20.59
N THR D 285 -20.16 11.06 -21.80
CA THR D 285 -18.83 10.56 -22.17
C THR D 285 -17.83 11.68 -21.95
N LYS D 286 -16.69 11.37 -21.35
CA LYS D 286 -15.67 12.39 -21.11
C LYS D 286 -14.69 12.32 -22.28
N THR D 287 -14.51 13.45 -22.96
CA THR D 287 -13.62 13.50 -24.11
C THR D 287 -12.32 14.24 -23.81
N TRP D 288 -11.20 13.55 -24.08
CA TRP D 288 -9.87 14.08 -23.88
C TRP D 288 -9.28 14.53 -25.21
N GLN D 289 -8.53 15.62 -25.17
CA GLN D 289 -7.89 16.17 -26.36
C GLN D 289 -6.45 15.67 -26.42
N MSE D 290 -6.06 15.16 -27.58
CA MSE D 290 -4.70 14.63 -27.75
C MSE D 290 -3.67 15.72 -27.51
O MSE D 290 -2.52 15.43 -27.20
CB MSE D 290 -4.52 14.03 -29.14
CG MSE D 290 -3.20 13.23 -29.33
SE MSE D 290 -3.04 11.76 -28.03
CE MSE D 290 -1.11 11.49 -28.06
N SER D 291 -4.09 16.97 -27.65
CA SER D 291 -3.23 18.12 -27.48
C SER D 291 -3.08 18.58 -26.03
N ASP D 292 -3.87 18.00 -25.12
CA ASP D 292 -3.85 18.34 -23.69
C ASP D 292 -4.07 17.02 -22.96
N ILE D 293 -3.16 16.08 -23.19
CA ILE D 293 -3.26 14.71 -22.68
C ILE D 293 -2.32 14.26 -21.54
N ASP D 294 -1.41 15.14 -21.10
CA ASP D 294 -0.47 14.75 -20.06
C ASP D 294 -1.08 13.95 -18.90
N THR D 295 -2.06 14.53 -18.22
CA THR D 295 -2.70 13.85 -17.09
C THR D 295 -3.37 12.55 -17.54
N GLY D 296 -3.97 12.59 -18.73
CA GLY D 296 -4.63 11.41 -19.26
C GLY D 296 -3.73 10.21 -19.43
N LEU D 297 -2.51 10.44 -19.90
CA LEU D 297 -1.54 9.37 -20.12
C LEU D 297 -0.98 8.83 -18.80
N ALA D 298 -0.65 9.73 -17.88
CA ALA D 298 -0.11 9.33 -16.60
C ALA D 298 -0.16 10.44 -15.58
N VAL D 299 -0.66 10.11 -14.39
CA VAL D 299 -0.74 11.09 -13.30
C VAL D 299 0.66 11.35 -12.80
N GLY D 300 1.44 10.27 -12.69
CA GLY D 300 2.81 10.36 -12.23
C GLY D 300 3.76 10.75 -13.34
N GLY D 301 5.04 10.47 -13.17
CA GLY D 301 6.02 10.83 -14.17
C GLY D 301 6.26 9.84 -15.29
N ALA D 302 5.46 8.77 -15.33
CA ALA D 302 5.60 7.73 -16.34
C ALA D 302 5.55 8.28 -17.77
N LYS D 303 6.34 7.69 -18.65
CA LYS D 303 6.37 8.10 -20.05
C LYS D 303 6.07 6.88 -20.92
N LEU D 304 5.09 7.01 -21.80
CA LEU D 304 4.71 5.91 -22.69
C LEU D 304 5.49 6.06 -23.99
N PRO D 305 6.40 5.10 -24.26
CA PRO D 305 7.23 5.14 -25.47
C PRO D 305 6.44 5.06 -26.77
N TRP D 306 6.64 6.04 -27.65
CA TRP D 306 5.97 6.05 -28.94
C TRP D 306 6.45 4.85 -29.76
N GLU D 307 7.70 4.47 -29.53
CA GLU D 307 8.34 3.36 -30.24
C GLU D 307 7.68 2.01 -29.97
N SER D 308 6.82 1.95 -28.95
CA SER D 308 6.16 0.68 -28.66
C SER D 308 4.72 0.83 -28.21
N TYR D 309 4.48 1.65 -27.20
CA TYR D 309 3.11 1.80 -26.71
C TYR D 309 2.11 2.25 -27.75
N PHE D 310 2.45 3.25 -28.54
CA PHE D 310 1.52 3.75 -29.55
C PHE D 310 1.65 3.09 -30.93
N THR D 311 2.63 2.20 -31.08
CA THR D 311 2.86 1.57 -32.38
C THR D 311 2.89 0.05 -32.42
N TYR D 312 3.22 -0.59 -31.31
CA TYR D 312 3.31 -2.05 -31.30
C TYR D 312 2.04 -2.75 -30.85
N GLY D 313 1.64 -3.76 -31.63
CA GLY D 313 0.46 -4.56 -31.35
C GLY D 313 0.71 -5.92 -31.97
N THR D 314 -0.09 -6.92 -31.61
CA THR D 314 0.10 -8.26 -32.13
C THR D 314 -1.10 -8.80 -32.92
N PRO D 315 -0.85 -9.52 -34.02
CA PRO D 315 0.50 -9.82 -34.52
C PRO D 315 1.20 -8.60 -35.11
N SER D 316 2.51 -8.57 -35.01
CA SER D 316 3.32 -7.46 -35.51
C SER D 316 4.17 -7.88 -36.71
N PRO D 317 4.21 -7.04 -37.75
CA PRO D 317 5.00 -7.34 -38.94
C PRO D 317 6.47 -7.60 -38.55
N LEU D 318 6.97 -6.81 -37.61
CA LEU D 318 8.34 -6.93 -37.13
C LEU D 318 8.33 -7.43 -35.70
N SER D 319 9.38 -8.15 -35.32
CA SER D 319 9.47 -8.65 -33.96
C SER D 319 9.67 -7.44 -33.06
N LEU D 320 9.29 -7.56 -31.80
CA LEU D 320 9.40 -6.46 -30.85
C LEU D 320 10.71 -5.66 -30.91
N ASP D 321 11.86 -6.34 -30.86
CA ASP D 321 13.13 -5.64 -30.88
C ASP D 321 13.30 -4.78 -32.13
N GLN D 322 13.03 -5.39 -33.28
CA GLN D 322 13.16 -4.70 -34.56
C GLN D 322 12.13 -3.58 -34.71
N HIS D 323 10.97 -3.78 -34.11
CA HIS D 323 9.92 -2.77 -34.18
C HIS D 323 10.33 -1.52 -33.43
N ILE D 324 10.84 -1.71 -32.21
CA ILE D 324 11.27 -0.58 -31.39
C ILE D 324 12.40 0.20 -32.07
N GLU D 325 13.35 -0.51 -32.67
CA GLU D 325 14.47 0.14 -33.34
C GLU D 325 13.97 0.97 -34.52
N LYS D 326 13.02 0.41 -35.27
CA LYS D 326 12.47 1.08 -36.43
C LYS D 326 11.70 2.35 -36.09
N TYR D 327 10.82 2.29 -35.09
CA TYR D 327 10.02 3.45 -34.74
C TYR D 327 10.66 4.40 -33.73
N ALA D 328 11.84 4.07 -33.25
CA ALA D 328 12.52 4.94 -32.30
C ALA D 328 13.01 6.20 -33.01
N HIS D 329 13.58 6.02 -34.19
CA HIS D 329 14.07 7.14 -34.99
C HIS D 329 13.16 7.40 -36.17
FE FE E . 8.12 -7.62 18.04
O1 PEO F . 9.79 -6.94 19.73
O2 PEO F . 8.67 -6.27 20.38
CB3 HPX G . 3.91 -9.17 28.59
CB4 HPX G . 3.85 -8.91 30.01
CB5 HPX G . 3.64 -7.57 30.46
CB6 HPX G . 3.48 -6.47 29.49
CB1 HPX G . 3.54 -6.73 28.06
CB2 HPX G . 3.75 -8.10 27.63
CA6 HPX G . 3.36 -5.51 27.03
OA4 HPX G . 3.18 -4.37 27.48
CA5 HPX G . 3.41 -5.76 25.64
CA4 HPX G . 3.96 -4.80 24.70
CA3 HPX G . 3.92 -5.19 23.35
CA2 HPX G . 4.42 -4.38 22.30
OA3 HPX G . 3.77 -3.35 21.90
CA1 HPX G . 5.70 -4.71 21.65
OA2 HPX G . 6.09 -3.96 20.72
OA1 HPX G . 6.35 -5.73 22.05
FE FE H . -20.12 -2.03 5.97
O1 PEO I . -20.97 -4.19 5.00
O2 PEO I . -22.19 -3.57 5.52
CB3 HPX J . -25.23 -8.33 13.82
CB4 HPX J . -26.13 -9.37 14.23
CB5 HPX J . -25.91 -10.71 13.76
CB6 HPX J . -24.77 -11.02 12.87
CB1 HPX J . -23.86 -9.97 12.47
CB2 HPX J . -24.10 -8.63 12.95
CA6 HPX J . -22.64 -10.34 11.50
OA4 HPX J . -22.50 -11.52 11.14
CA5 HPX J . -21.72 -9.33 11.09
CA4 HPX J . -21.25 -9.23 9.73
CA3 HPX J . -20.34 -8.19 9.42
CA2 HPX J . -19.80 -7.97 8.13
OA3 HPX J . -18.84 -8.68 7.69
CA1 HPX J . -20.36 -6.91 7.28
OA2 HPX J . -19.84 -6.75 6.14
OA1 HPX J . -21.32 -6.18 7.70
FE FE K . 17.81 10.91 -3.51
O1 PEO L . 20.39 9.84 -3.99
O2 PEO L . 20.12 10.96 -3.12
CB3 HPX M . 24.22 12.71 -12.69
CB4 HPX M . 25.36 12.56 -13.55
CB5 HPX M . 25.78 11.24 -13.94
CB6 HPX M . 25.05 10.05 -13.46
CB1 HPX M . 23.89 10.20 -12.59
CB2 HPX M . 23.49 11.54 -12.22
CA6 HPX M . 23.11 8.89 -12.10
OA4 HPX M . 23.52 7.79 -12.48
CA5 HPX M . 21.96 9.01 -11.26
CA4 HPX M . 21.78 8.15 -10.11
CA3 HPX M . 20.61 8.35 -9.35
CA2 HPX M . 20.17 7.45 -8.33
OA3 HPX M . 19.77 6.28 -8.64
CA1 HPX M . 20.17 7.89 -6.94
OA2 HPX M . 19.77 7.07 -6.07
OA1 HPX M . 20.57 9.06 -6.64
FE FE N . -5.58 -1.25 -20.34
O1 PEO O . -6.84 -0.32 -22.29
O2 PEO O . -7.49 0.35 -21.17
CB3 HPX P . -2.62 4.50 -29.71
CB4 HPX P . -2.93 5.35 -30.82
CB5 HPX P . -3.50 6.64 -30.58
CB6 HPX P . -3.75 7.09 -29.20
CB1 HPX P . -3.44 6.24 -28.07
CB2 HPX P . -2.87 4.95 -28.34
CA6 HPX P . -3.72 6.77 -26.59
OA4 HPX P . -4.21 7.91 -26.44
CA5 HPX P . -3.41 5.95 -25.47
CA4 HPX P . -4.23 5.93 -24.28
CA3 HPX P . -3.82 5.08 -23.24
CA2 HPX P . -4.53 4.95 -22.01
OA3 HPX P . -4.41 5.84 -21.11
CA1 HPX P . -5.40 3.80 -21.78
OA2 HPX P . -6.00 3.74 -20.67
OA1 HPX P . -5.52 2.89 -22.68
#